data_3II9
#
_entry.id   3II9
#
_cell.length_a   80.966
_cell.length_b   141.268
_cell.length_c   84.012
_cell.angle_alpha   90.00
_cell.angle_beta   112.26
_cell.angle_gamma   90.00
#
_symmetry.space_group_name_H-M   'P 1 21 1'
#
loop_
_entity.id
_entity.type
_entity.pdbx_description
1 polymer 'Glutaryl-CoA dehydrogenase'
2 non-polymer DI(HYDROXYETHYL)ETHER
3 non-polymer 'MAGNESIUM ION'
4 non-polymer 'TRIETHYLENE GLYCOL'
5 non-polymer 'TETRAETHYLENE GLYCOL'
6 non-polymer GLYCEROL
7 water water
#
_entity_poly.entity_id   1
_entity_poly.type   'polypeptide(L)'
_entity_poly.pdbx_seq_one_letter_code
;SMAAATFHWDDPLLLDQQLADDERMVRDAAHAYAQGKLAPRVTEAFRHETTDAAIFREMGEIGLLGPTIPEQYGGPGLDY
VSYGLIAREVERVDSGYRSMMSVQSSLVMVPIFEFGSDAQKEKYLPKLATGEWIGCFGLTEPNHGSDPGSMVTRARKVPG
GYSLSGSKMWITNSPIADVFVVWAKLDEDGRDEIRGFILEKGCKGLSAPAIHGKVGLRASITGEIVLDEAFVPEENILPH
VKGLRGPFTCLNSARYGIAWGALGAAESCWHIARQYVLDRKQFGRPLAANQLIQKKLADMQTEITLGLQGVLRLGRMKDE
GTAAVEITSIMKRNSCGKALDIARLARDMLGGNGISDEFGVARHLVNLEVVNTYEGTHDIHALILGRAQTGIQAFF
;
_entity_poly.pdbx_strand_id   A,B,C,D
#
loop_
_chem_comp.id
_chem_comp.type
_chem_comp.name
_chem_comp.formula
GOL non-polymer GLYCEROL 'C3 H8 O3'
MG non-polymer 'MAGNESIUM ION' 'Mg 2'
PEG non-polymer DI(HYDROXYETHYL)ETHER 'C4 H10 O3'
PG4 non-polymer 'TETRAETHYLENE GLYCOL' 'C8 H18 O5'
PGE non-polymer 'TRIETHYLENE GLYCOL' 'C6 H14 O4'
#
# COMPACT_ATOMS: atom_id res chain seq x y z
N ALA A 4 9.04 -14.97 33.85
CA ALA A 4 10.53 -14.90 33.64
C ALA A 4 10.96 -14.92 32.17
N ALA A 5 10.01 -14.88 31.24
CA ALA A 5 10.36 -15.00 29.81
C ALA A 5 11.01 -13.72 29.25
N THR A 6 12.15 -13.89 28.59
CA THR A 6 12.83 -12.80 27.91
C THR A 6 12.35 -12.70 26.47
N PHE A 7 12.22 -11.47 25.98
CA PHE A 7 11.87 -11.22 24.57
C PHE A 7 13.14 -11.27 23.73
N HIS A 8 13.09 -12.01 22.62
CA HIS A 8 14.16 -12.04 21.63
C HIS A 8 13.73 -11.25 20.42
N TRP A 9 14.15 -9.99 20.32
CA TRP A 9 13.65 -9.13 19.23
C TRP A 9 13.98 -9.73 17.84
N ASP A 10 15.10 -10.44 17.75
CA ASP A 10 15.53 -11.00 16.47
C ASP A 10 14.91 -12.36 16.15
N ASP A 11 14.13 -12.91 17.08
CA ASP A 11 13.51 -14.24 16.92
C ASP A 11 12.33 -14.31 17.90
N PRO A 12 11.33 -13.44 17.71
CA PRO A 12 10.26 -13.33 18.71
C PRO A 12 9.54 -14.64 19.05
N LEU A 13 9.33 -15.52 18.07
CA LEU A 13 8.63 -16.77 18.32
C LEU A 13 9.59 -17.95 18.60
N LEU A 14 10.87 -17.63 18.79
CA LEU A 14 11.86 -18.62 19.21
C LEU A 14 11.85 -19.82 18.26
N LEU A 15 12.02 -19.52 16.96
CA LEU A 15 12.17 -20.54 15.93
C LEU A 15 13.20 -21.58 16.37
N ASP A 16 14.27 -21.09 16.97
CA ASP A 16 15.33 -21.90 17.52
C ASP A 16 14.80 -23.07 18.39
N GLN A 17 13.77 -22.80 19.20
CA GLN A 17 13.19 -23.83 20.08
C GLN A 17 12.18 -24.74 19.37
N GLN A 18 11.84 -24.41 18.14
CA GLN A 18 10.94 -25.22 17.33
C GLN A 18 11.69 -26.20 16.44
N LEU A 19 13.03 -26.17 16.51
CA LEU A 19 13.86 -27.07 15.73
C LEU A 19 14.36 -28.23 16.56
N ALA A 20 14.55 -29.37 15.90
CA ALA A 20 15.24 -30.50 16.51
C ALA A 20 16.75 -30.22 16.65
N ASP A 21 17.42 -30.98 17.50
CA ASP A 21 18.86 -30.77 17.76
C ASP A 21 19.70 -30.87 16.49
N ASP A 22 19.43 -31.88 15.68
CA ASP A 22 20.15 -32.06 14.41
C ASP A 22 19.90 -30.91 13.43
N GLU A 23 18.66 -30.39 13.41
CA GLU A 23 18.32 -29.26 12.54
C GLU A 23 19.07 -28.01 12.98
N ARG A 24 19.19 -27.80 14.28
CA ARG A 24 19.98 -26.67 14.77
C ARG A 24 21.46 -26.80 14.41
N MET A 25 21.99 -28.03 14.43
CA MET A 25 23.37 -28.27 14.03
C MET A 25 23.59 -27.96 12.55
N VAL A 26 22.64 -28.36 11.70
CA VAL A 26 22.70 -28.05 10.27
C VAL A 26 22.66 -26.55 10.07
N ARG A 27 21.73 -25.89 10.72
CA ARG A 27 21.65 -24.43 10.62
C ARG A 27 22.98 -23.78 11.04
N ASP A 28 23.52 -24.21 12.16
CA ASP A 28 24.79 -23.64 12.67
C ASP A 28 25.97 -23.87 11.73
N ALA A 29 26.04 -25.07 11.15
CA ALA A 29 27.07 -25.40 10.16
C ALA A 29 26.97 -24.53 8.92
N ALA A 30 25.74 -24.32 8.41
CA ALA A 30 25.48 -23.44 7.26
C ALA A 30 25.83 -22.00 7.56
N HIS A 31 25.46 -21.55 8.75
CA HIS A 31 25.77 -20.19 9.18
C HIS A 31 27.29 -19.96 9.30
N ALA A 32 27.99 -20.91 9.91
CA ALA A 32 29.44 -20.81 10.05
C ALA A 32 30.13 -20.76 8.68
N TYR A 33 29.65 -21.57 7.74
CA TYR A 33 30.21 -21.56 6.39
C TYR A 33 29.90 -20.24 5.67
N ALA A 34 28.63 -19.83 5.69
CA ALA A 34 28.23 -18.64 4.94
C ALA A 34 28.93 -17.40 5.49
N GLN A 35 28.96 -17.26 6.80
CA GLN A 35 29.59 -16.09 7.41
C GLN A 35 31.11 -16.12 7.29
N GLY A 36 31.70 -17.31 7.35
CA GLY A 36 33.16 -17.45 7.29
C GLY A 36 33.75 -17.36 5.90
N LYS A 37 33.04 -17.93 4.92
CA LYS A 37 33.59 -18.12 3.57
C LYS A 37 32.86 -17.35 2.46
N LEU A 38 31.59 -17.00 2.66
CA LEU A 38 30.85 -16.29 1.61
C LEU A 38 30.82 -14.79 1.89
N ALA A 39 30.58 -14.42 3.13
CA ALA A 39 30.55 -13.00 3.50
C ALA A 39 31.80 -12.22 3.08
N PRO A 40 33.01 -12.81 3.24
CA PRO A 40 34.21 -12.09 2.81
C PRO A 40 34.37 -11.93 1.30
N ARG A 41 33.65 -12.76 0.51
CA ARG A 41 33.73 -12.69 -0.93
C ARG A 41 32.72 -11.75 -1.56
N VAL A 42 31.57 -11.56 -0.90
CA VAL A 42 30.36 -11.15 -1.61
C VAL A 42 30.45 -9.75 -2.22
N THR A 43 31.07 -8.81 -1.51
CA THR A 43 31.07 -7.43 -1.98
C THR A 43 31.79 -7.29 -3.32
N GLU A 44 32.96 -7.89 -3.40
CA GLU A 44 33.78 -7.89 -4.62
C GLU A 44 33.16 -8.74 -5.71
N ALA A 45 32.61 -9.89 -5.33
CA ALA A 45 31.98 -10.80 -6.26
C ALA A 45 30.80 -10.13 -6.97
N PHE A 46 30.00 -9.39 -6.19
CA PHE A 46 28.85 -8.68 -6.76
C PHE A 46 29.30 -7.47 -7.59
N ARG A 47 30.24 -6.71 -7.07
CA ARG A 47 30.72 -5.55 -7.79
C ARG A 47 31.29 -5.90 -9.17
N HIS A 48 32.10 -6.96 -9.22
CA HIS A 48 32.82 -7.30 -10.45
C HIS A 48 32.14 -8.41 -11.25
N GLU A 49 31.04 -8.93 -10.74
CA GLU A 49 30.26 -9.99 -11.40
C GLU A 49 31.17 -11.19 -11.62
N THR A 50 31.71 -11.68 -10.52
CA THR A 50 32.57 -12.85 -10.53
C THR A 50 32.04 -13.92 -9.57
N THR A 51 32.27 -15.19 -9.93
CA THR A 51 31.86 -16.33 -9.11
C THR A 51 33.07 -17.24 -8.96
N ASP A 52 33.43 -17.56 -7.73
CA ASP A 52 34.47 -18.53 -7.47
C ASP A 52 33.85 -19.93 -7.46
N ALA A 53 34.19 -20.74 -8.46
CA ALA A 53 33.64 -22.10 -8.56
C ALA A 53 34.10 -23.03 -7.43
N ALA A 54 35.14 -22.64 -6.70
CA ALA A 54 35.58 -23.36 -5.50
C ALA A 54 34.46 -23.51 -4.46
N ILE A 55 33.52 -22.56 -4.48
CA ILE A 55 32.38 -22.59 -3.54
C ILE A 55 31.60 -23.89 -3.57
N PHE A 56 31.46 -24.49 -4.76
CA PHE A 56 30.71 -25.76 -4.87
C PHE A 56 31.40 -26.86 -4.09
N ARG A 57 32.72 -26.92 -4.19
CA ARG A 57 33.48 -27.92 -3.48
C ARG A 57 33.44 -27.72 -1.96
N GLU A 58 33.52 -26.46 -1.54
CA GLU A 58 33.42 -26.10 -0.13
C GLU A 58 32.06 -26.51 0.45
N MET A 59 30.98 -26.20 -0.27
CA MET A 59 29.64 -26.54 0.20
C MET A 59 29.42 -28.05 0.21
N GLY A 60 29.94 -28.74 -0.81
CA GLY A 60 29.75 -30.17 -0.91
C GLY A 60 30.44 -30.94 0.19
N GLU A 61 31.64 -30.51 0.58
CA GLU A 61 32.40 -31.24 1.58
C GLU A 61 31.86 -31.10 2.99
N ILE A 62 31.14 -30.03 3.28
CA ILE A 62 30.43 -29.92 4.56
C ILE A 62 28.98 -30.42 4.47
N GLY A 63 28.56 -30.86 3.29
CA GLY A 63 27.29 -31.54 3.10
C GLY A 63 26.08 -30.65 2.88
N LEU A 64 26.26 -29.53 2.18
CA LEU A 64 25.15 -28.59 1.96
C LEU A 64 24.49 -28.75 0.60
N LEU A 65 25.02 -29.60 -0.27
CA LEU A 65 24.48 -29.80 -1.61
C LEU A 65 23.57 -31.03 -1.66
N GLY A 66 22.37 -30.83 -2.20
CA GLY A 66 21.35 -31.85 -2.24
C GLY A 66 20.95 -32.36 -0.86
N PRO A 67 20.49 -31.44 0.01
CA PRO A 67 20.17 -31.83 1.39
C PRO A 67 19.26 -33.05 1.54
N THR A 68 18.24 -33.14 0.69
CA THR A 68 17.26 -34.22 0.77
C THR A 68 17.72 -35.53 0.12
N ILE A 69 18.87 -35.50 -0.56
CA ILE A 69 19.35 -36.70 -1.26
C ILE A 69 19.89 -37.71 -0.24
N PRO A 70 19.46 -38.99 -0.36
CA PRO A 70 19.90 -40.01 0.59
C PRO A 70 21.41 -40.27 0.61
N GLU A 71 21.86 -40.83 1.72
CA GLU A 71 23.28 -41.08 1.97
C GLU A 71 23.84 -42.13 1.00
N GLN A 72 22.98 -43.01 0.53
CA GLN A 72 23.29 -44.01 -0.51
C GLN A 72 23.93 -43.39 -1.76
N TYR A 73 23.55 -42.17 -2.08
CA TYR A 73 24.02 -41.50 -3.30
C TYR A 73 24.96 -40.34 -3.03
N GLY A 74 25.53 -40.30 -1.83
CA GLY A 74 26.48 -39.24 -1.45
C GLY A 74 25.85 -37.99 -0.84
N GLY A 75 24.51 -37.93 -0.80
CA GLY A 75 23.82 -36.81 -0.15
C GLY A 75 23.88 -36.90 1.37
N PRO A 76 23.56 -35.80 2.07
CA PRO A 76 23.57 -35.82 3.53
C PRO A 76 22.35 -36.46 4.19
N GLY A 77 21.32 -36.81 3.42
CA GLY A 77 20.17 -37.56 3.97
C GLY A 77 19.34 -36.76 4.95
N LEU A 78 19.23 -35.46 4.72
CA LEU A 78 18.46 -34.58 5.59
C LEU A 78 17.03 -34.44 5.06
N ASP A 79 16.28 -33.51 5.62
CA ASP A 79 14.86 -33.38 5.29
C ASP A 79 14.58 -31.95 4.81
N TYR A 80 13.32 -31.64 4.51
CA TYR A 80 12.98 -30.34 3.94
C TYR A 80 13.21 -29.18 4.89
N VAL A 81 12.95 -29.35 6.18
CA VAL A 81 13.25 -28.26 7.12
C VAL A 81 14.74 -27.89 7.08
N SER A 82 15.61 -28.89 7.03
CA SER A 82 17.07 -28.64 6.94
C SER A 82 17.46 -27.93 5.67
N TYR A 83 16.90 -28.34 4.54
CA TYR A 83 17.13 -27.66 3.25
C TYR A 83 16.77 -26.20 3.38
N GLY A 84 15.62 -25.94 3.99
CA GLY A 84 15.17 -24.58 4.17
C GLY A 84 16.13 -23.76 5.00
N LEU A 85 16.56 -24.34 6.13
CA LEU A 85 17.47 -23.66 7.02
C LEU A 85 18.79 -23.31 6.33
N ILE A 86 19.30 -24.22 5.53
CA ILE A 86 20.53 -23.97 4.77
C ILE A 86 20.35 -22.79 3.78
N ALA A 87 19.29 -22.86 3.00
CA ALA A 87 18.98 -21.79 2.04
C ALA A 87 18.93 -20.42 2.71
N ARG A 88 18.30 -20.36 3.88
CA ARG A 88 18.16 -19.11 4.61
C ARG A 88 19.51 -18.58 5.06
N GLU A 89 20.39 -19.47 5.52
CA GLU A 89 21.73 -19.03 5.94
C GLU A 89 22.63 -18.55 4.78
N VAL A 90 22.49 -19.17 3.62
CA VAL A 90 23.25 -18.77 2.46
C VAL A 90 22.73 -17.44 1.90
N GLU A 91 21.41 -17.32 1.79
CA GLU A 91 20.83 -16.12 1.19
C GLU A 91 20.96 -14.91 2.11
N ARG A 92 21.09 -15.16 3.41
CA ARG A 92 21.40 -14.09 4.38
C ARG A 92 22.65 -13.32 3.93
N VAL A 93 23.60 -14.03 3.31
CA VAL A 93 24.77 -13.42 2.71
C VAL A 93 24.43 -12.90 1.32
N ASP A 94 23.94 -13.76 0.41
CA ASP A 94 23.55 -13.30 -0.94
C ASP A 94 22.67 -14.29 -1.70
N SER A 95 21.64 -13.79 -2.40
CA SER A 95 20.76 -14.61 -3.21
C SER A 95 21.46 -15.31 -4.38
N GLY A 96 22.52 -14.70 -4.89
CA GLY A 96 23.33 -15.30 -5.94
C GLY A 96 23.91 -16.62 -5.49
N TYR A 97 24.45 -16.66 -4.28
CA TYR A 97 24.97 -17.91 -3.72
C TYR A 97 23.87 -18.92 -3.46
N ARG A 98 22.72 -18.46 -2.95
CA ARG A 98 21.62 -19.40 -2.75
C ARG A 98 21.18 -19.97 -4.11
N SER A 99 21.15 -19.12 -5.14
CA SER A 99 20.73 -19.58 -6.47
C SER A 99 21.61 -20.71 -7.02
N MET A 100 22.93 -20.59 -6.84
CA MET A 100 23.87 -21.65 -7.22
C MET A 100 23.53 -22.98 -6.55
N MET A 101 23.24 -22.91 -5.25
CA MET A 101 22.86 -24.09 -4.48
C MET A 101 21.49 -24.64 -4.86
N SER A 102 20.51 -23.77 -5.06
CA SER A 102 19.16 -24.17 -5.53
C SER A 102 19.23 -24.98 -6.80
N VAL A 103 20.03 -24.50 -7.73
CA VAL A 103 20.22 -25.18 -9.00
C VAL A 103 20.80 -26.57 -8.76
N GLN A 104 21.91 -26.62 -8.04
CA GLN A 104 22.58 -27.88 -7.80
C GLN A 104 21.66 -28.89 -7.14
N SER A 105 20.95 -28.44 -6.12
CA SER A 105 20.10 -29.32 -5.30
C SER A 105 18.76 -29.67 -5.96
N SER A 106 17.95 -28.65 -6.22
CA SER A 106 16.56 -28.88 -6.66
C SER A 106 16.42 -29.06 -8.16
N LEU A 107 17.28 -28.41 -8.94
CA LEU A 107 17.12 -28.46 -10.39
C LEU A 107 17.99 -29.50 -11.08
N VAL A 108 18.94 -30.09 -10.37
CA VAL A 108 19.82 -31.07 -11.00
C VAL A 108 19.78 -32.40 -10.26
N MET A 109 20.10 -32.39 -8.96
CA MET A 109 20.09 -33.63 -8.19
C MET A 109 18.68 -34.22 -8.06
N VAL A 110 17.68 -33.38 -7.79
CA VAL A 110 16.30 -33.85 -7.64
C VAL A 110 15.74 -34.56 -8.88
N PRO A 111 15.86 -33.97 -10.09
CA PRO A 111 15.37 -34.71 -11.26
C PRO A 111 16.12 -36.05 -11.53
N ILE A 112 17.42 -36.07 -11.30
CA ILE A 112 18.19 -37.29 -11.53
C ILE A 112 17.74 -38.34 -10.51
N PHE A 113 17.51 -37.91 -9.27
CA PHE A 113 17.06 -38.81 -8.23
C PHE A 113 15.63 -39.33 -8.44
N GLU A 114 14.71 -38.44 -8.82
CA GLU A 114 13.30 -38.80 -8.98
C GLU A 114 13.02 -39.58 -10.28
N PHE A 115 13.71 -39.21 -11.37
CA PHE A 115 13.35 -39.67 -12.71
C PHE A 115 14.43 -40.46 -13.43
N GLY A 116 15.60 -40.58 -12.84
CA GLY A 116 16.76 -41.18 -13.49
C GLY A 116 16.77 -42.69 -13.37
N SER A 117 17.62 -43.34 -14.16
CA SER A 117 17.89 -44.76 -14.03
C SER A 117 18.81 -44.96 -12.83
N ASP A 118 18.94 -46.19 -12.37
CA ASP A 118 19.88 -46.47 -11.27
C ASP A 118 21.31 -46.13 -11.70
N ALA A 119 21.66 -46.41 -12.95
CA ALA A 119 22.99 -46.06 -13.49
C ALA A 119 23.31 -44.57 -13.40
N GLN A 120 22.35 -43.73 -13.82
CA GLN A 120 22.49 -42.27 -13.77
C GLN A 120 22.61 -41.75 -12.34
N LYS A 121 21.79 -42.29 -11.45
CA LYS A 121 21.85 -41.88 -10.04
C LYS A 121 23.20 -42.20 -9.44
N GLU A 122 23.71 -43.40 -9.77
CA GLU A 122 25.01 -43.84 -9.27
C GLU A 122 26.17 -43.04 -9.86
N LYS A 123 26.04 -42.62 -11.11
CA LYS A 123 27.11 -41.88 -11.79
C LYS A 123 27.15 -40.42 -11.35
N TYR A 124 26.01 -39.75 -11.42
CA TYR A 124 25.98 -38.29 -11.26
C TYR A 124 25.84 -37.78 -9.82
N LEU A 125 24.99 -38.42 -9.03
CA LEU A 125 24.64 -37.86 -7.73
C LEU A 125 25.81 -37.74 -6.73
N PRO A 126 26.67 -38.77 -6.63
CA PRO A 126 27.80 -38.63 -5.69
C PRO A 126 28.76 -37.49 -6.03
N LYS A 127 28.90 -37.20 -7.33
CA LYS A 127 29.81 -36.14 -7.81
C LYS A 127 29.17 -34.77 -7.64
N LEU A 128 27.85 -34.70 -7.86
CA LEU A 128 27.13 -33.45 -7.65
C LEU A 128 27.10 -33.12 -6.16
N ALA A 129 26.95 -34.15 -5.31
CA ALA A 129 26.87 -33.97 -3.87
C ALA A 129 28.15 -33.38 -3.26
N THR A 130 29.30 -33.71 -3.82
CA THR A 130 30.58 -33.18 -3.33
C THR A 130 30.96 -31.84 -3.96
N GLY A 131 30.25 -31.46 -5.01
CA GLY A 131 30.59 -30.29 -5.80
C GLY A 131 31.68 -30.53 -6.83
N GLU A 132 32.18 -31.77 -6.91
CA GLU A 132 33.16 -32.17 -7.93
C GLU A 132 32.63 -31.88 -9.32
N TRP A 133 31.33 -32.15 -9.53
CA TRP A 133 30.65 -31.76 -10.74
C TRP A 133 29.63 -30.70 -10.39
N ILE A 134 29.57 -29.69 -11.23
CA ILE A 134 28.64 -28.58 -11.09
C ILE A 134 27.54 -28.80 -12.11
N GLY A 135 26.30 -28.64 -11.67
CA GLY A 135 25.14 -28.84 -12.57
C GLY A 135 24.43 -27.57 -13.01
N CYS A 136 23.69 -27.67 -14.11
CA CYS A 136 22.72 -26.64 -14.49
C CYS A 136 21.48 -27.25 -15.14
N PHE A 137 20.44 -26.42 -15.31
CA PHE A 137 19.10 -26.86 -15.66
C PHE A 137 18.62 -25.98 -16.81
N GLY A 138 18.36 -26.59 -17.95
CA GLY A 138 17.98 -25.84 -19.16
C GLY A 138 16.53 -26.07 -19.53
N LEU A 139 15.68 -25.12 -19.20
CA LEU A 139 14.27 -25.20 -19.52
C LEU A 139 13.84 -24.02 -20.38
N THR A 140 14.13 -22.83 -19.87
CA THR A 140 13.65 -21.58 -20.47
C THR A 140 14.35 -21.26 -21.78
N GLU A 141 13.58 -20.80 -22.75
CA GLU A 141 14.12 -20.49 -24.08
C GLU A 141 14.05 -18.98 -24.34
N PRO A 142 14.90 -18.48 -25.25
CA PRO A 142 14.85 -17.03 -25.50
C PRO A 142 13.48 -16.53 -26.02
N ASN A 143 12.66 -17.46 -26.53
CA ASN A 143 11.27 -17.19 -26.93
C ASN A 143 11.16 -16.18 -28.07
N SER A 150 5.12 -23.07 -27.47
CA SER A 150 5.75 -23.93 -26.48
C SER A 150 7.22 -24.15 -26.80
N MET A 151 7.82 -25.19 -26.21
CA MET A 151 9.26 -25.47 -26.35
C MET A 151 9.69 -25.77 -27.79
N VAL A 152 10.85 -25.22 -28.18
CA VAL A 152 11.39 -25.38 -29.53
C VAL A 152 12.63 -26.30 -29.58
N THR A 153 13.37 -26.39 -28.47
CA THR A 153 14.53 -27.28 -28.39
C THR A 153 14.04 -28.71 -28.59
N ARG A 154 14.71 -29.43 -29.48
CA ARG A 154 14.20 -30.70 -29.93
C ARG A 154 15.28 -31.76 -30.03
N ALA A 155 14.93 -32.96 -29.56
CA ALA A 155 15.76 -34.15 -29.69
C ALA A 155 15.28 -35.00 -30.86
N ARG A 156 16.22 -35.46 -31.70
CA ARG A 156 15.91 -36.34 -32.80
C ARG A 156 16.59 -37.68 -32.54
N LYS A 157 15.85 -38.78 -32.71
CA LYS A 157 16.42 -40.12 -32.56
C LYS A 157 17.49 -40.35 -33.61
N VAL A 158 18.65 -40.82 -33.19
CA VAL A 158 19.71 -41.24 -34.10
C VAL A 158 20.28 -42.55 -33.59
N PRO A 159 21.07 -43.26 -34.42
CA PRO A 159 21.68 -44.48 -33.89
C PRO A 159 22.53 -44.19 -32.66
N GLY A 160 22.25 -44.92 -31.58
CA GLY A 160 23.02 -44.77 -30.34
C GLY A 160 22.44 -43.80 -29.34
N GLY A 161 21.54 -42.92 -29.77
CA GLY A 161 20.93 -41.96 -28.86
C GLY A 161 20.08 -40.90 -29.53
N TYR A 162 20.41 -39.65 -29.24
CA TYR A 162 19.58 -38.51 -29.63
C TYR A 162 20.48 -37.38 -30.07
N SER A 163 20.00 -36.59 -31.01
CA SER A 163 20.68 -35.38 -31.47
C SER A 163 19.82 -34.18 -31.09
N LEU A 164 20.36 -33.30 -30.26
CA LEU A 164 19.59 -32.16 -29.73
C LEU A 164 20.02 -30.85 -30.41
N SER A 165 19.04 -30.06 -30.80
CA SER A 165 19.29 -28.71 -31.31
C SER A 165 18.31 -27.72 -30.70
N GLY A 166 18.83 -26.55 -30.35
CA GLY A 166 18.04 -25.49 -29.75
C GLY A 166 18.87 -24.61 -28.85
N SER A 167 18.20 -23.82 -28.03
CA SER A 167 18.90 -22.86 -27.19
C SER A 167 18.12 -22.63 -25.92
N LYS A 168 18.83 -22.55 -24.80
CA LYS A 168 18.23 -22.18 -23.51
C LYS A 168 18.93 -20.92 -23.01
N MET A 169 18.18 -20.05 -22.34
CA MET A 169 18.67 -18.73 -21.96
C MET A 169 18.53 -18.50 -20.46
N TRP A 170 19.44 -17.71 -19.88
CA TRP A 170 19.44 -17.35 -18.45
C TRP A 170 19.59 -18.57 -17.56
N ILE A 171 20.63 -19.34 -17.83
CA ILE A 171 20.86 -20.62 -17.17
C ILE A 171 21.97 -20.45 -16.13
N THR A 172 21.56 -20.43 -14.87
CA THR A 172 22.50 -20.31 -13.77
C THR A 172 23.48 -21.50 -13.76
N ASN A 173 24.77 -21.19 -13.60
CA ASN A 173 25.89 -22.14 -13.58
C ASN A 173 26.39 -22.63 -14.95
N SER A 174 25.66 -22.35 -16.05
CA SER A 174 25.98 -23.06 -17.31
C SER A 174 27.44 -22.88 -17.76
N PRO A 175 28.02 -21.67 -17.66
CA PRO A 175 29.40 -21.55 -18.15
C PRO A 175 30.48 -22.30 -17.35
N ILE A 176 30.13 -22.79 -16.17
CA ILE A 176 31.07 -23.53 -15.31
C ILE A 176 30.59 -24.98 -15.05
N ALA A 177 29.50 -25.37 -15.68
CA ALA A 177 28.86 -26.66 -15.40
C ALA A 177 29.58 -27.86 -16.06
N ASP A 178 29.50 -28.98 -15.37
CA ASP A 178 29.91 -30.29 -15.88
C ASP A 178 28.72 -31.13 -16.37
N VAL A 179 27.58 -30.96 -15.71
CA VAL A 179 26.37 -31.75 -15.97
C VAL A 179 25.25 -30.79 -16.37
N PHE A 180 24.60 -31.06 -17.49
CA PHE A 180 23.53 -30.21 -17.99
C PHE A 180 22.26 -31.04 -18.07
N VAL A 181 21.22 -30.66 -17.33
CA VAL A 181 19.90 -31.31 -17.44
C VAL A 181 19.02 -30.44 -18.35
N VAL A 182 18.76 -30.94 -19.55
CA VAL A 182 18.09 -30.17 -20.59
C VAL A 182 16.77 -30.83 -20.92
N TRP A 183 15.73 -30.01 -20.99
CA TRP A 183 14.39 -30.45 -21.34
C TRP A 183 14.14 -30.13 -22.81
N ALA A 184 13.80 -31.15 -23.59
CA ALA A 184 13.62 -30.99 -25.03
C ALA A 184 12.42 -31.82 -25.48
N LYS A 185 11.80 -31.43 -26.59
CA LYS A 185 10.72 -32.23 -27.19
C LYS A 185 11.32 -33.40 -27.97
N LEU A 186 10.72 -34.57 -27.81
CA LEU A 186 11.12 -35.75 -28.53
C LEU A 186 9.88 -36.34 -29.19
N ASP A 187 9.89 -36.41 -30.53
CA ASP A 187 8.86 -37.09 -31.30
C ASP A 187 9.28 -38.55 -31.42
N GLU A 188 8.55 -39.43 -30.76
CA GLU A 188 8.91 -40.85 -30.65
C GLU A 188 7.64 -41.67 -30.57
N ASP A 189 7.60 -42.75 -31.35
CA ASP A 189 6.47 -43.66 -31.33
C ASP A 189 5.13 -42.93 -31.35
N GLY A 190 5.04 -41.91 -32.20
CA GLY A 190 3.77 -41.26 -32.50
C GLY A 190 3.33 -40.14 -31.59
N ARG A 191 4.11 -39.84 -30.54
CA ARG A 191 3.77 -38.76 -29.62
C ARG A 191 4.97 -37.83 -29.45
N ASP A 192 4.69 -36.54 -29.37
CA ASP A 192 5.73 -35.51 -29.20
C ASP A 192 5.66 -35.01 -27.76
N GLU A 193 6.67 -35.33 -26.97
CA GLU A 193 6.63 -35.17 -25.53
C GLU A 193 7.88 -34.47 -25.04
N ILE A 194 7.74 -33.71 -23.94
CA ILE A 194 8.90 -33.15 -23.25
C ILE A 194 9.63 -34.28 -22.52
N ARG A 195 10.93 -34.39 -22.76
CA ARG A 195 11.77 -35.37 -22.08
C ARG A 195 12.98 -34.65 -21.49
N GLY A 196 13.60 -35.25 -20.48
CA GLY A 196 14.83 -34.73 -19.88
C GLY A 196 16.07 -35.49 -20.33
N PHE A 197 17.14 -34.76 -20.60
CA PHE A 197 18.40 -35.32 -21.10
C PHE A 197 19.55 -34.81 -20.26
N ILE A 198 20.48 -35.70 -19.93
CA ILE A 198 21.70 -35.32 -19.23
C ILE A 198 22.82 -35.20 -20.24
N LEU A 199 23.42 -34.01 -20.34
CA LEU A 199 24.58 -33.79 -21.21
C LEU A 199 25.80 -33.47 -20.35
N GLU A 200 26.99 -33.74 -20.90
CA GLU A 200 28.28 -33.57 -20.22
C GLU A 200 29.29 -32.81 -21.11
N LYS A 201 30.49 -32.58 -20.58
CA LYS A 201 31.52 -31.73 -21.23
C LYS A 201 32.16 -32.18 -22.52
N GLY A 202 32.24 -33.48 -22.78
CA GLY A 202 32.79 -33.97 -24.04
C GLY A 202 31.92 -33.74 -25.28
N CYS A 203 30.76 -33.11 -25.11
CA CYS A 203 29.75 -33.00 -26.17
C CYS A 203 30.09 -31.88 -27.16
N LYS A 204 30.42 -32.24 -28.40
CA LYS A 204 30.93 -31.26 -29.38
C LYS A 204 29.91 -30.18 -29.76
N GLY A 205 28.63 -30.54 -29.78
CA GLY A 205 27.57 -29.61 -30.15
C GLY A 205 27.00 -28.76 -29.01
N LEU A 206 27.63 -28.82 -27.85
CA LEU A 206 27.18 -28.08 -26.68
C LEU A 206 28.11 -26.91 -26.40
N SER A 207 27.54 -25.72 -26.27
CA SER A 207 28.30 -24.58 -25.77
C SER A 207 27.49 -23.80 -24.73
N ALA A 208 28.18 -23.10 -23.85
CA ALA A 208 27.53 -22.38 -22.77
C ALA A 208 28.20 -21.02 -22.52
N PRO A 209 28.05 -20.09 -23.46
CA PRO A 209 28.64 -18.76 -23.29
C PRO A 209 28.02 -17.98 -22.13
N ALA A 210 28.85 -17.30 -21.34
CA ALA A 210 28.36 -16.50 -20.22
C ALA A 210 27.59 -15.27 -20.70
N ILE A 211 26.69 -14.80 -19.85
CA ILE A 211 25.99 -13.53 -20.04
C ILE A 211 26.52 -12.61 -18.98
N HIS A 212 27.01 -11.44 -19.38
CA HIS A 212 27.50 -10.45 -18.43
C HIS A 212 26.64 -9.20 -18.51
N GLY A 213 26.76 -8.37 -17.49
CA GLY A 213 26.00 -7.13 -17.42
C GLY A 213 24.66 -7.29 -16.71
N LYS A 214 24.56 -8.26 -15.80
CA LYS A 214 23.33 -8.46 -15.03
C LYS A 214 23.14 -7.32 -14.01
N VAL A 215 21.88 -7.02 -13.72
N VAL A 215 21.89 -7.01 -13.69
CA VAL A 215 21.51 -6.05 -12.71
CA VAL A 215 21.61 -6.01 -12.66
C VAL A 215 21.62 -6.70 -11.33
C VAL A 215 21.50 -6.63 -11.28
N GLY A 216 20.99 -7.86 -11.21
CA GLY A 216 20.92 -8.60 -9.96
C GLY A 216 21.53 -9.98 -10.10
N LEU A 217 21.70 -10.64 -8.97
CA LEU A 217 22.30 -11.96 -8.91
C LEU A 217 23.70 -11.98 -9.56
N ARG A 218 24.43 -10.87 -9.42
CA ARG A 218 25.73 -10.73 -10.05
C ARG A 218 26.80 -11.67 -9.47
N ALA A 219 26.60 -12.15 -8.24
CA ALA A 219 27.56 -13.07 -7.62
C ALA A 219 27.42 -14.50 -8.17
N SER A 220 26.43 -14.75 -9.02
CA SER A 220 26.25 -16.07 -9.62
C SER A 220 26.43 -16.02 -11.13
N ILE A 221 27.25 -16.90 -11.67
CA ILE A 221 27.50 -16.88 -13.10
C ILE A 221 26.34 -17.52 -13.85
N THR A 222 25.93 -16.87 -14.92
CA THR A 222 24.80 -17.31 -15.73
CA THR A 222 24.82 -17.36 -15.74
C THR A 222 25.22 -17.30 -17.20
N GLY A 223 24.64 -18.19 -18.00
CA GLY A 223 24.96 -18.25 -19.41
C GLY A 223 23.81 -18.77 -20.24
N GLU A 224 24.15 -19.18 -21.45
CA GLU A 224 23.21 -19.84 -22.34
C GLU A 224 23.58 -21.31 -22.38
N ILE A 225 22.68 -22.10 -22.96
CA ILE A 225 23.02 -23.43 -23.43
C ILE A 225 22.66 -23.41 -24.92
N VAL A 226 23.65 -23.56 -25.78
CA VAL A 226 23.40 -23.61 -27.22
C VAL A 226 23.69 -25.01 -27.69
N LEU A 227 22.70 -25.63 -28.32
CA LEU A 227 22.80 -27.01 -28.80
C LEU A 227 22.71 -27.04 -30.32
N ASP A 228 23.79 -27.49 -30.97
CA ASP A 228 23.84 -27.62 -32.43
C ASP A 228 24.17 -29.07 -32.76
N GLU A 229 23.14 -29.88 -32.97
CA GLU A 229 23.30 -31.32 -33.18
C GLU A 229 24.18 -31.93 -32.09
N ALA A 230 23.83 -31.66 -30.84
CA ALA A 230 24.55 -32.18 -29.69
C ALA A 230 24.15 -33.62 -29.45
N PHE A 231 25.10 -34.54 -29.57
CA PHE A 231 24.79 -35.96 -29.37
C PHE A 231 24.67 -36.33 -27.91
N VAL A 232 23.59 -37.04 -27.58
CA VAL A 232 23.35 -37.53 -26.23
C VAL A 232 23.06 -39.02 -26.34
N PRO A 233 23.90 -39.88 -25.72
CA PRO A 233 23.68 -41.32 -25.87
C PRO A 233 22.38 -41.79 -25.24
N GLU A 234 21.93 -42.97 -25.62
CA GLU A 234 20.70 -43.56 -25.08
C GLU A 234 20.66 -43.63 -23.56
N GLU A 235 21.82 -43.83 -22.94
CA GLU A 235 21.90 -44.02 -21.50
C GLU A 235 21.74 -42.71 -20.73
N ASN A 236 21.65 -41.58 -21.45
CA ASN A 236 21.59 -40.25 -20.84
C ASN A 236 20.21 -39.56 -20.89
N ILE A 237 19.17 -40.24 -21.40
CA ILE A 237 17.81 -39.72 -21.30
C ILE A 237 17.17 -40.17 -19.97
N LEU A 238 16.45 -39.28 -19.29
CA LEU A 238 15.73 -39.65 -18.06
C LEU A 238 14.55 -40.57 -18.41
N PRO A 239 14.58 -41.84 -17.92
CA PRO A 239 13.55 -42.77 -18.37
C PRO A 239 12.16 -42.66 -17.74
N HIS A 240 12.05 -42.07 -16.55
CA HIS A 240 10.83 -42.21 -15.75
C HIS A 240 9.96 -40.96 -15.62
N VAL A 241 10.05 -40.06 -16.61
CA VAL A 241 9.17 -38.91 -16.66
C VAL A 241 9.00 -38.42 -18.09
N LYS A 242 7.83 -37.84 -18.35
CA LYS A 242 7.51 -37.21 -19.62
C LYS A 242 6.55 -36.06 -19.34
N GLY A 243 6.58 -35.03 -20.19
CA GLY A 243 5.67 -33.91 -20.08
C GLY A 243 6.11 -32.92 -19.01
N LEU A 244 5.23 -31.98 -18.70
CA LEU A 244 5.52 -30.88 -17.78
C LEU A 244 5.83 -31.34 -16.35
N ARG A 245 5.38 -32.53 -15.97
CA ARG A 245 5.68 -33.12 -14.67
C ARG A 245 7.19 -33.06 -14.32
N GLY A 246 8.05 -33.32 -15.30
CA GLY A 246 9.49 -33.33 -15.08
C GLY A 246 10.02 -31.99 -14.59
N PRO A 247 9.96 -30.96 -15.44
CA PRO A 247 10.49 -29.67 -14.95
C PRO A 247 9.71 -29.07 -13.77
N PHE A 248 8.41 -29.30 -13.70
CA PHE A 248 7.58 -28.71 -12.63
C PHE A 248 7.92 -29.27 -11.25
N THR A 249 8.27 -30.55 -11.20
CA THR A 249 8.73 -31.17 -9.95
C THR A 249 9.98 -30.45 -9.42
N CYS A 250 10.94 -30.20 -10.31
CA CYS A 250 12.15 -29.48 -9.97
C CYS A 250 11.85 -28.06 -9.52
N LEU A 251 11.01 -27.35 -10.26
CA LEU A 251 10.71 -25.96 -9.88
C LEU A 251 10.00 -25.87 -8.53
N ASN A 252 9.08 -26.80 -8.26
CA ASN A 252 8.35 -26.82 -7.00
C ASN A 252 9.31 -27.00 -5.81
N SER A 253 10.30 -27.89 -5.98
CA SER A 253 11.36 -28.08 -4.98
C SER A 253 12.17 -26.79 -4.82
N ALA A 254 12.59 -26.18 -5.93
CA ALA A 254 13.39 -24.96 -5.87
C ALA A 254 12.63 -23.83 -5.17
N ARG A 255 11.35 -23.70 -5.48
CA ARG A 255 10.54 -22.62 -4.90
C ARG A 255 10.47 -22.68 -3.39
N TYR A 256 10.47 -23.90 -2.85
CA TYR A 256 10.47 -24.09 -1.40
C TYR A 256 11.72 -23.49 -0.80
N GLY A 257 12.87 -23.76 -1.40
CA GLY A 257 14.12 -23.24 -0.91
C GLY A 257 14.21 -21.73 -1.07
N ILE A 258 13.64 -21.20 -2.14
CA ILE A 258 13.63 -19.74 -2.36
C ILE A 258 12.76 -19.02 -1.31
N ALA A 259 11.65 -19.62 -0.93
CA ALA A 259 10.76 -19.10 0.11
C ALA A 259 11.49 -18.95 1.45
N TRP A 260 12.33 -19.91 1.81
CA TRP A 260 13.19 -19.76 2.99
C TRP A 260 14.30 -18.74 2.75
N GLY A 261 14.93 -18.84 1.60
CA GLY A 261 16.05 -17.96 1.27
C GLY A 261 15.69 -16.47 1.32
N ALA A 262 14.57 -16.11 0.73
CA ALA A 262 14.17 -14.71 0.67
C ALA A 262 13.98 -14.12 2.09
N LEU A 263 13.54 -14.95 3.03
CA LEU A 263 13.42 -14.51 4.43
C LEU A 263 14.78 -14.22 5.06
N GLY A 264 15.81 -14.98 4.69
CA GLY A 264 17.19 -14.68 5.10
C GLY A 264 17.68 -13.33 4.57
N ALA A 265 17.42 -13.06 3.29
CA ALA A 265 17.78 -11.76 2.70
C ALA A 265 17.03 -10.63 3.37
N ALA A 266 15.75 -10.84 3.66
CA ALA A 266 14.93 -9.84 4.35
C ALA A 266 15.46 -9.54 5.74
N GLU A 267 15.85 -10.60 6.46
CA GLU A 267 16.44 -10.47 7.80
C GLU A 267 17.70 -9.61 7.75
N SER A 268 18.54 -9.85 6.75
CA SER A 268 19.75 -9.03 6.59
C SER A 268 19.43 -7.58 6.36
N CYS A 269 18.45 -7.28 5.50
CA CYS A 269 18.02 -5.90 5.27
C CYS A 269 17.49 -5.25 6.53
N TRP A 270 16.67 -5.99 7.28
CA TRP A 270 16.14 -5.50 8.56
C TRP A 270 17.26 -5.19 9.54
N HIS A 271 18.18 -6.12 9.71
CA HIS A 271 19.28 -5.91 10.66
C HIS A 271 20.18 -4.73 10.26
N ILE A 272 20.44 -4.58 8.96
CA ILE A 272 21.22 -3.44 8.47
C ILE A 272 20.51 -2.12 8.77
N ALA A 273 19.23 -2.05 8.41
CA ALA A 273 18.42 -0.86 8.65
C ALA A 273 18.36 -0.50 10.13
N ARG A 274 18.11 -1.48 10.98
CA ARG A 274 18.04 -1.26 12.41
C ARG A 274 19.36 -0.68 12.92
N GLN A 275 20.47 -1.27 12.54
CA GLN A 275 21.77 -0.75 12.98
C GLN A 275 22.04 0.66 12.47
N TYR A 276 21.66 0.94 11.24
CA TYR A 276 21.83 2.25 10.65
C TYR A 276 21.07 3.34 11.42
N VAL A 277 19.81 3.08 11.73
CA VAL A 277 19.00 4.09 12.41
C VAL A 277 19.41 4.29 13.88
N LEU A 278 20.13 3.32 14.45
CA LEU A 278 20.75 3.52 15.77
C LEU A 278 22.01 4.38 15.70
N ASP A 279 22.75 4.26 14.60
CA ASP A 279 24.03 4.96 14.43
C ASP A 279 23.88 6.37 13.87
N ARG A 280 22.97 6.53 12.91
CA ARG A 280 22.81 7.81 12.20
C ARG A 280 21.92 8.74 13.03
N LYS A 281 22.24 10.02 13.00
CA LYS A 281 21.54 11.02 13.79
C LYS A 281 20.86 12.04 12.90
N GLN A 282 19.80 12.62 13.44
CA GLN A 282 19.08 13.70 12.78
C GLN A 282 18.49 14.57 13.89
N PHE A 283 18.69 15.87 13.77
CA PHE A 283 18.25 16.83 14.80
C PHE A 283 18.76 16.45 16.20
N GLY A 284 19.97 15.91 16.25
CA GLY A 284 20.62 15.58 17.51
C GLY A 284 20.25 14.27 18.19
N ARG A 285 19.38 13.46 17.57
CA ARG A 285 18.98 12.18 18.15
C ARG A 285 19.09 11.07 17.10
N PRO A 286 19.16 9.80 17.54
CA PRO A 286 19.22 8.73 16.56
C PRO A 286 17.98 8.75 15.69
N LEU A 287 18.12 8.37 14.42
CA LEU A 287 16.96 8.22 13.55
C LEU A 287 15.93 7.26 14.18
N ALA A 288 16.42 6.32 14.99
CA ALA A 288 15.57 5.34 15.65
C ALA A 288 14.61 5.99 16.65
N ALA A 289 14.85 7.25 17.04
CA ALA A 289 13.95 7.97 17.94
C ALA A 289 12.62 8.39 17.30
N ASN A 290 12.56 8.33 15.97
CA ASN A 290 11.39 8.76 15.19
C ASN A 290 10.29 7.71 15.10
N GLN A 291 9.06 8.11 15.39
CA GLN A 291 7.93 7.19 15.27
C GLN A 291 7.81 6.57 13.89
N LEU A 292 8.04 7.37 12.86
CA LEU A 292 7.94 6.87 11.49
C LEU A 292 8.93 5.73 11.24
N ILE A 293 10.10 5.83 11.83
CA ILE A 293 11.13 4.81 11.67
C ILE A 293 10.79 3.57 12.50
N GLN A 294 10.31 3.78 13.72
CA GLN A 294 9.91 2.65 14.55
C GLN A 294 8.79 1.84 13.93
N LYS A 295 7.85 2.51 13.28
CA LYS A 295 6.75 1.80 12.62
C LYS A 295 7.30 0.84 11.54
N LYS A 296 8.27 1.31 10.77
CA LYS A 296 8.87 0.50 9.71
C LYS A 296 9.59 -0.72 10.27
N LEU A 297 10.33 -0.51 11.35
CA LEU A 297 11.01 -1.61 12.03
C LEU A 297 10.02 -2.66 12.57
N ALA A 298 8.90 -2.21 13.13
CA ALA A 298 7.86 -3.11 13.63
C ALA A 298 7.26 -3.94 12.50
N ASP A 299 7.06 -3.30 11.34
CA ASP A 299 6.50 -4.01 10.18
C ASP A 299 7.48 -5.08 9.65
N MET A 300 8.77 -4.76 9.61
CA MET A 300 9.80 -5.71 9.17
C MET A 300 9.81 -6.95 10.07
N GLN A 301 9.84 -6.69 11.36
CA GLN A 301 9.87 -7.75 12.35
C GLN A 301 8.66 -8.64 12.25
N THR A 302 7.50 -8.01 12.10
CA THR A 302 6.24 -8.76 12.01
C THR A 302 6.23 -9.69 10.79
N GLU A 303 6.51 -9.16 9.62
CA GLU A 303 6.38 -9.97 8.41
C GLU A 303 7.41 -11.10 8.36
N ILE A 304 8.62 -10.85 8.86
CA ILE A 304 9.64 -11.91 8.87
C ILE A 304 9.25 -13.01 9.87
N THR A 305 8.80 -12.61 11.05
CA THR A 305 8.38 -13.55 12.07
C THR A 305 7.24 -14.48 11.57
N LEU A 306 6.22 -13.91 10.96
CA LEU A 306 5.08 -14.69 10.45
C LEU A 306 5.49 -15.53 9.24
N GLY A 307 6.32 -14.97 8.38
CA GLY A 307 6.82 -15.68 7.21
C GLY A 307 7.57 -16.94 7.58
N LEU A 308 8.42 -16.83 8.59
CA LEU A 308 9.20 -17.97 9.05
C LEU A 308 8.29 -19.07 9.61
N GLN A 309 7.22 -18.71 10.32
CA GLN A 309 6.31 -19.75 10.81
C GLN A 309 5.67 -20.49 9.66
N GLY A 310 5.37 -19.75 8.60
CA GLY A 310 4.77 -20.32 7.41
C GLY A 310 5.67 -21.33 6.73
N VAL A 311 6.93 -20.96 6.50
CA VAL A 311 7.83 -21.86 5.79
C VAL A 311 8.22 -23.05 6.65
N LEU A 312 8.31 -22.85 7.96
CA LEU A 312 8.59 -23.99 8.87
C LEU A 312 7.45 -25.01 8.81
N ARG A 313 6.21 -24.54 8.90
CA ARG A 313 5.07 -25.44 8.84
C ARG A 313 5.03 -26.17 7.50
N LEU A 314 5.27 -25.45 6.41
CA LEU A 314 5.31 -26.09 5.09
C LEU A 314 6.38 -27.17 5.05
N GLY A 315 7.57 -26.89 5.56
CA GLY A 315 8.63 -27.90 5.63
C GLY A 315 8.21 -29.13 6.41
N ARG A 316 7.56 -28.91 7.56
CA ARG A 316 7.07 -30.03 8.37
C ARG A 316 6.03 -30.88 7.63
N MET A 317 5.16 -30.23 6.89
CA MET A 317 4.16 -30.88 6.06
C MET A 317 4.77 -31.68 4.89
N LYS A 318 5.77 -31.10 4.24
CA LYS A 318 6.46 -31.76 3.14
C LYS A 318 7.14 -33.02 3.67
N ASP A 319 7.74 -32.92 4.85
CA ASP A 319 8.39 -34.06 5.48
C ASP A 319 7.41 -35.14 5.91
N GLU A 320 6.16 -34.75 6.20
CA GLU A 320 5.11 -35.72 6.57
C GLU A 320 4.36 -36.28 5.37
N GLY A 321 4.47 -35.65 4.21
CA GLY A 321 3.73 -36.09 3.03
C GLY A 321 2.32 -35.53 2.98
N THR A 322 2.08 -34.43 3.71
CA THR A 322 0.74 -33.82 3.77
C THR A 322 0.65 -32.48 3.04
N ALA A 323 1.71 -32.09 2.33
CA ALA A 323 1.75 -30.78 1.67
C ALA A 323 1.35 -30.86 0.20
N ALA A 324 0.24 -30.22 -0.18
CA ALA A 324 -0.12 -30.07 -1.59
C ALA A 324 0.72 -28.95 -2.23
N VAL A 325 0.90 -29.02 -3.55
CA VAL A 325 1.77 -28.07 -4.26
C VAL A 325 1.31 -26.62 -4.16
N GLU A 326 0.00 -26.40 -4.00
CA GLU A 326 -0.52 -25.04 -3.85
C GLU A 326 0.03 -24.32 -2.65
N ILE A 327 0.39 -25.05 -1.59
CA ILE A 327 0.94 -24.40 -0.40
C ILE A 327 2.27 -23.73 -0.71
N THR A 328 3.04 -24.33 -1.60
CA THR A 328 4.28 -23.73 -2.04
C THR A 328 4.02 -22.37 -2.71
N SER A 329 2.93 -22.26 -3.48
CA SER A 329 2.56 -20.97 -4.07
C SER A 329 2.29 -19.92 -2.99
N ILE A 330 1.58 -20.29 -1.92
CA ILE A 330 1.33 -19.35 -0.83
C ILE A 330 2.63 -18.80 -0.28
N MET A 331 3.54 -19.69 0.08
CA MET A 331 4.77 -19.30 0.76
C MET A 331 5.79 -18.64 -0.14
N LYS A 332 5.91 -19.13 -1.36
CA LYS A 332 6.80 -18.51 -2.34
C LYS A 332 6.36 -17.08 -2.59
N ARG A 333 5.09 -16.91 -2.90
CA ARG A 333 4.52 -15.61 -3.14
C ARG A 333 4.72 -14.68 -1.94
N ASN A 334 4.38 -15.18 -0.76
CA ASN A 334 4.51 -14.36 0.45
C ASN A 334 5.96 -14.00 0.79
N SER A 335 6.84 -14.99 0.83
CA SER A 335 8.26 -14.71 1.17
C SER A 335 8.92 -13.74 0.19
N CYS A 336 8.79 -13.99 -1.11
CA CYS A 336 9.41 -13.11 -2.12
C CYS A 336 8.80 -11.70 -2.09
N GLY A 337 7.48 -11.61 -2.00
CA GLY A 337 6.79 -10.33 -1.96
C GLY A 337 7.11 -9.49 -0.73
N LYS A 338 7.05 -10.11 0.45
CA LYS A 338 7.32 -9.41 1.69
C LYS A 338 8.81 -9.09 1.79
N ALA A 339 9.67 -10.00 1.33
CA ALA A 339 11.12 -9.74 1.37
C ALA A 339 11.48 -8.52 0.52
N LEU A 340 10.89 -8.44 -0.68
CA LEU A 340 11.13 -7.29 -1.57
C LEU A 340 10.58 -6.01 -0.95
N ASP A 341 9.41 -6.08 -0.34
CA ASP A 341 8.87 -4.89 0.35
C ASP A 341 9.83 -4.44 1.46
N ILE A 342 10.38 -5.40 2.21
CA ILE A 342 11.29 -5.08 3.32
C ILE A 342 12.59 -4.46 2.80
N ALA A 343 13.14 -5.04 1.76
CA ALA A 343 14.35 -4.48 1.16
C ALA A 343 14.12 -3.04 0.67
N ARG A 344 12.94 -2.76 0.12
CA ARG A 344 12.60 -1.39 -0.33
C ARG A 344 12.41 -0.43 0.84
N LEU A 345 11.75 -0.88 1.90
CA LEU A 345 11.64 -0.06 3.11
C LEU A 345 13.02 0.26 3.67
N ALA A 346 13.88 -0.76 3.76
CA ALA A 346 15.24 -0.58 4.24
C ALA A 346 16.03 0.39 3.36
N ARG A 347 15.95 0.20 2.04
CA ARG A 347 16.61 1.09 1.09
C ARG A 347 16.20 2.55 1.31
N ASP A 348 14.90 2.76 1.44
CA ASP A 348 14.35 4.09 1.59
C ASP A 348 14.73 4.74 2.95
N MET A 349 15.06 3.93 3.95
N MET A 349 15.06 3.92 3.94
CA MET A 349 15.54 4.42 5.25
CA MET A 349 15.54 4.38 5.24
C MET A 349 17.01 4.84 5.23
C MET A 349 17.00 4.84 5.22
N LEU A 350 17.81 4.20 4.38
CA LEU A 350 19.25 4.48 4.32
C LEU A 350 19.54 5.75 3.54
N GLY A 351 18.86 5.88 2.41
CA GLY A 351 19.12 6.98 1.52
C GLY A 351 20.50 6.88 0.91
N GLY A 352 21.21 8.00 0.86
CA GLY A 352 22.58 8.05 0.35
C GLY A 352 22.75 7.38 -0.99
N ASN A 353 23.99 6.99 -1.31
CA ASN A 353 24.30 6.38 -2.60
C ASN A 353 25.45 5.36 -2.61
N GLY A 354 25.11 4.10 -2.33
CA GLY A 354 25.99 2.95 -2.58
C GLY A 354 27.33 2.83 -1.87
N ILE A 355 27.85 3.92 -1.30
CA ILE A 355 29.24 3.94 -0.83
C ILE A 355 29.48 3.16 0.47
N SER A 356 28.61 3.31 1.45
CA SER A 356 28.81 2.70 2.77
C SER A 356 28.44 1.20 2.81
N ASP A 357 28.97 0.50 3.83
CA ASP A 357 28.71 -0.93 4.06
C ASP A 357 27.23 -1.26 4.22
N GLU A 358 26.43 -0.25 4.56
CA GLU A 358 25.00 -0.39 4.74
C GLU A 358 24.30 -0.59 3.40
N PHE A 359 24.96 -0.21 2.31
CA PHE A 359 24.41 -0.43 0.96
C PHE A 359 24.62 -1.87 0.45
N GLY A 360 24.94 -2.77 1.37
CA GLY A 360 24.57 -4.18 1.21
C GLY A 360 23.07 -4.28 0.97
N VAL A 361 22.30 -3.31 1.48
CA VAL A 361 20.87 -3.30 1.25
C VAL A 361 20.58 -3.15 -0.25
N ALA A 362 21.32 -2.30 -0.95
CA ALA A 362 21.08 -2.10 -2.39
C ALA A 362 21.33 -3.38 -3.18
N ARG A 363 22.32 -4.16 -2.74
CA ARG A 363 22.62 -5.48 -3.33
C ARG A 363 21.48 -6.48 -3.10
N HIS A 364 21.04 -6.61 -1.85
CA HIS A 364 19.89 -7.49 -1.57
C HIS A 364 18.65 -7.07 -2.36
N LEU A 365 18.45 -5.76 -2.49
CA LEU A 365 17.30 -5.23 -3.18
C LEU A 365 17.28 -5.63 -4.67
N VAL A 366 18.37 -5.40 -5.39
CA VAL A 366 18.39 -5.77 -6.81
C VAL A 366 18.32 -7.29 -6.99
N ASN A 367 18.91 -8.05 -6.05
CA ASN A 367 18.82 -9.50 -6.08
C ASN A 367 17.36 -9.93 -5.95
N LEU A 368 16.67 -9.39 -4.96
CA LEU A 368 15.29 -9.76 -4.72
C LEU A 368 14.36 -9.32 -5.85
N GLU A 369 14.70 -8.20 -6.49
CA GLU A 369 13.94 -7.75 -7.66
C GLU A 369 14.01 -8.78 -8.80
N VAL A 370 15.18 -9.41 -8.99
CA VAL A 370 15.33 -10.47 -9.99
C VAL A 370 14.64 -11.75 -9.53
N VAL A 371 14.83 -12.11 -8.26
CA VAL A 371 14.22 -13.34 -7.74
C VAL A 371 12.69 -13.30 -7.93
N ASN A 372 12.08 -12.15 -7.66
CA ASN A 372 10.66 -11.96 -7.92
C ASN A 372 10.30 -11.99 -9.42
N THR A 373 11.25 -11.61 -10.27
CA THR A 373 11.02 -11.51 -11.73
C THR A 373 11.22 -12.86 -12.44
N TYR A 374 12.11 -13.69 -11.89
CA TYR A 374 12.27 -15.08 -12.35
C TYR A 374 10.93 -15.83 -12.33
N GLU A 375 10.04 -15.44 -11.43
CA GLU A 375 8.69 -15.99 -11.39
C GLU A 375 7.93 -15.65 -12.68
N GLY A 376 7.81 -14.35 -12.98
CA GLY A 376 7.12 -13.88 -14.17
C GLY A 376 6.76 -12.40 -14.11
N THR A 377 6.11 -11.92 -15.16
CA THR A 377 5.71 -10.51 -15.28
C THR A 377 4.49 -10.17 -14.42
N HIS A 378 3.92 -11.20 -13.80
CA HIS A 378 2.53 -11.23 -13.49
C HIS A 378 2.34 -12.11 -12.26
N ASP A 379 1.34 -11.82 -11.42
CA ASP A 379 1.16 -12.57 -10.17
C ASP A 379 0.54 -13.96 -10.45
N ILE A 380 1.34 -14.85 -11.02
CA ILE A 380 0.84 -16.17 -11.40
C ILE A 380 0.48 -17.01 -10.18
N HIS A 381 1.23 -16.87 -9.09
CA HIS A 381 0.89 -17.62 -7.88
C HIS A 381 -0.47 -17.17 -7.29
N ALA A 382 -0.79 -15.87 -7.39
CA ALA A 382 -2.14 -15.41 -6.98
C ALA A 382 -3.22 -16.15 -7.76
N LEU A 383 -2.96 -16.39 -9.04
CA LEU A 383 -3.94 -17.02 -9.93
C LEU A 383 -4.04 -18.52 -9.73
N ILE A 384 -2.93 -19.14 -9.34
CA ILE A 384 -2.94 -20.54 -8.90
C ILE A 384 -3.83 -20.67 -7.66
N LEU A 385 -3.65 -19.77 -6.70
CA LEU A 385 -4.44 -19.79 -5.48
C LEU A 385 -5.89 -19.44 -5.74
N GLY A 386 -6.14 -18.48 -6.62
CA GLY A 386 -7.50 -18.10 -6.99
C GLY A 386 -8.26 -19.27 -7.60
N ARG A 387 -7.61 -20.00 -8.52
CA ARG A 387 -8.25 -21.15 -9.13
C ARG A 387 -8.53 -22.25 -8.10
N ALA A 388 -7.63 -22.40 -7.14
CA ALA A 388 -7.78 -23.43 -6.12
C ALA A 388 -8.95 -23.11 -5.15
N GLN A 389 -9.27 -21.83 -4.97
CA GLN A 389 -10.40 -21.42 -4.16
C GLN A 389 -11.72 -21.42 -4.89
N THR A 390 -11.70 -21.16 -6.20
CA THR A 390 -12.93 -20.93 -6.95
C THR A 390 -13.28 -22.02 -7.98
N GLY A 391 -12.28 -22.80 -8.38
CA GLY A 391 -12.45 -23.77 -9.46
C GLY A 391 -12.56 -23.11 -10.83
N ILE A 392 -12.21 -21.84 -10.93
CA ILE A 392 -12.27 -21.08 -12.18
C ILE A 392 -10.88 -20.60 -12.56
N GLN A 393 -10.48 -20.88 -13.80
CA GLN A 393 -9.20 -20.51 -14.38
C GLN A 393 -9.24 -19.05 -14.83
N ALA A 394 -8.25 -18.25 -14.44
CA ALA A 394 -8.15 -16.84 -14.91
C ALA A 394 -6.79 -16.50 -15.57
N PHE A 395 -6.07 -17.54 -16.02
CA PHE A 395 -4.78 -17.38 -16.66
C PHE A 395 -4.88 -16.85 -18.09
N PHE A 396 -5.91 -17.29 -18.82
CA PHE A 396 -6.14 -16.78 -20.18
C PHE A 396 -7.23 -15.72 -20.09
N ALA B 5 -2.20 -35.55 0.53
CA ALA B 5 -1.62 -34.58 -0.43
C ALA B 5 -2.69 -33.71 -1.08
N THR B 6 -3.88 -33.69 -0.47
CA THR B 6 -4.98 -32.87 -0.97
C THR B 6 -4.83 -31.46 -0.41
N PHE B 7 -5.06 -30.45 -1.25
CA PHE B 7 -5.05 -29.04 -0.78
C PHE B 7 -6.37 -28.68 -0.12
N HIS B 8 -6.30 -28.03 1.04
CA HIS B 8 -7.48 -27.52 1.73
C HIS B 8 -7.48 -26.00 1.62
N TRP B 9 -8.25 -25.46 0.69
CA TRP B 9 -8.20 -24.02 0.45
C TRP B 9 -8.58 -23.24 1.69
N ASP B 10 -9.46 -23.81 2.51
CA ASP B 10 -9.97 -23.11 3.67
C ASP B 10 -9.10 -23.28 4.91
N ASP B 11 -8.06 -24.10 4.81
CA ASP B 11 -7.14 -24.37 5.93
C ASP B 11 -5.82 -24.90 5.32
N PRO B 12 -5.11 -24.03 4.59
CA PRO B 12 -4.01 -24.53 3.75
C PRO B 12 -2.89 -25.21 4.53
N LEU B 13 -2.60 -24.73 5.74
CA LEU B 13 -1.57 -25.34 6.60
C LEU B 13 -2.12 -26.38 7.60
N LEU B 14 -3.36 -26.80 7.39
CA LEU B 14 -4.00 -27.82 8.22
C LEU B 14 -3.86 -27.54 9.71
N LEU B 15 -4.31 -26.36 10.12
CA LEU B 15 -4.41 -25.99 11.53
C LEU B 15 -5.13 -27.10 12.32
N ASP B 16 -6.16 -27.68 11.72
CA ASP B 16 -6.92 -28.77 12.35
C ASP B 16 -6.03 -29.94 12.78
N GLN B 17 -4.98 -30.22 12.00
CA GLN B 17 -4.00 -31.25 12.33
C GLN B 17 -2.95 -30.81 13.37
N GLN B 18 -2.79 -29.51 13.58
CA GLN B 18 -1.87 -28.99 14.62
C GLN B 18 -2.51 -28.85 16.01
N LEU B 19 -3.81 -29.10 16.08
CA LEU B 19 -4.54 -29.06 17.34
C LEU B 19 -4.65 -30.46 17.91
N ALA B 20 -4.66 -30.56 19.24
CA ALA B 20 -4.93 -31.82 19.95
C ALA B 20 -6.43 -32.11 19.92
N ASP B 21 -6.85 -33.34 20.19
CA ASP B 21 -8.29 -33.67 20.15
C ASP B 21 -9.20 -32.86 21.08
N ASP B 22 -8.74 -32.56 22.30
CA ASP B 22 -9.56 -31.76 23.22
C ASP B 22 -9.70 -30.32 22.69
N GLU B 23 -8.62 -29.79 22.11
CA GLU B 23 -8.66 -28.44 21.51
C GLU B 23 -9.62 -28.37 20.34
N ARG B 24 -9.61 -29.41 19.50
CA ARG B 24 -10.58 -29.51 18.41
C ARG B 24 -12.01 -29.54 18.93
N MET B 25 -12.26 -30.24 20.03
CA MET B 25 -13.64 -30.27 20.56
C MET B 25 -14.05 -28.94 21.21
N VAL B 26 -13.12 -28.27 21.88
CA VAL B 26 -13.41 -26.94 22.39
C VAL B 26 -13.83 -26.04 21.23
N ARG B 27 -13.05 -26.05 20.16
CA ARG B 27 -13.38 -25.28 18.98
C ARG B 27 -14.76 -25.65 18.44
N ASP B 28 -15.01 -26.95 18.30
CA ASP B 28 -16.29 -27.41 17.74
C ASP B 28 -17.47 -27.07 18.66
N ALA B 29 -17.26 -27.13 19.96
CA ALA B 29 -18.29 -26.70 20.95
C ALA B 29 -18.62 -25.21 20.86
N ALA B 30 -17.57 -24.38 20.78
CA ALA B 30 -17.74 -22.93 20.64
C ALA B 30 -18.42 -22.58 19.33
N HIS B 31 -18.02 -23.27 18.25
CA HIS B 31 -18.67 -23.12 16.95
C HIS B 31 -20.15 -23.50 16.99
N ALA B 32 -20.47 -24.69 17.54
CA ALA B 32 -21.85 -25.13 17.67
C ALA B 32 -22.69 -24.11 18.44
N TYR B 33 -22.13 -23.59 19.55
CA TYR B 33 -22.82 -22.56 20.31
C TYR B 33 -22.99 -21.26 19.53
N ALA B 34 -21.89 -20.72 19.00
CA ALA B 34 -21.92 -19.44 18.28
C ALA B 34 -22.90 -19.47 17.09
N GLN B 35 -22.82 -20.53 16.29
CA GLN B 35 -23.66 -20.64 15.10
C GLN B 35 -25.10 -20.96 15.45
N GLY B 36 -25.31 -21.73 16.53
CA GLY B 36 -26.65 -22.12 16.94
C GLY B 36 -27.44 -21.06 17.70
N LYS B 37 -26.75 -20.26 18.53
CA LYS B 37 -27.41 -19.38 19.49
C LYS B 37 -27.05 -17.89 19.36
N LEU B 38 -25.87 -17.56 18.83
CA LEU B 38 -25.49 -16.16 18.62
C LEU B 38 -25.86 -15.69 17.22
N ALA B 39 -25.60 -16.53 16.21
CA ALA B 39 -25.89 -16.16 14.84
C ALA B 39 -27.37 -15.78 14.62
N PRO B 40 -28.33 -16.52 15.19
CA PRO B 40 -29.73 -16.10 14.98
C PRO B 40 -30.12 -14.79 15.71
N ARG B 41 -29.35 -14.40 16.72
CA ARG B 41 -29.59 -13.17 17.48
C ARG B 41 -28.99 -11.91 16.87
N VAL B 42 -27.87 -12.05 16.17
CA VAL B 42 -26.96 -10.91 15.97
C VAL B 42 -27.53 -9.79 15.12
N THR B 43 -28.28 -10.13 14.08
CA THR B 43 -28.73 -9.10 13.12
C THR B 43 -29.64 -8.08 13.82
N GLU B 44 -30.60 -8.57 14.59
CA GLU B 44 -31.51 -7.70 15.33
C GLU B 44 -30.86 -7.05 16.55
N ALA B 45 -29.99 -7.78 17.22
CA ALA B 45 -29.26 -7.24 18.38
C ALA B 45 -28.43 -6.03 17.97
N PHE B 46 -27.75 -6.14 16.84
CA PHE B 46 -26.91 -5.06 16.33
C PHE B 46 -27.76 -3.89 15.84
N ARG B 47 -28.82 -4.18 15.09
CA ARG B 47 -29.66 -3.13 14.51
C ARG B 47 -30.31 -2.28 15.60
N HIS B 48 -30.82 -2.94 16.64
CA HIS B 48 -31.57 -2.24 17.68
C HIS B 48 -30.76 -1.98 18.94
N GLU B 49 -29.50 -2.44 18.95
CA GLU B 49 -28.58 -2.21 20.06
C GLU B 49 -29.18 -2.74 21.36
N THR B 50 -29.55 -4.01 21.32
CA THR B 50 -30.08 -4.70 22.49
C THR B 50 -29.10 -5.77 22.95
N THR B 51 -29.01 -5.99 24.26
CA THR B 51 -28.20 -7.07 24.83
C THR B 51 -29.11 -8.03 25.60
N ASP B 52 -28.80 -9.32 25.51
CA ASP B 52 -29.47 -10.37 26.27
C ASP B 52 -28.48 -10.96 27.24
N ALA B 53 -28.64 -10.64 28.51
CA ALA B 53 -27.72 -11.06 29.57
C ALA B 53 -27.65 -12.59 29.74
N ALA B 54 -28.68 -13.30 29.28
CA ALA B 54 -28.69 -14.77 29.36
C ALA B 54 -27.57 -15.41 28.54
N ILE B 55 -27.03 -14.68 27.56
CA ILE B 55 -25.89 -15.18 26.79
C ILE B 55 -24.73 -15.59 27.73
N PHE B 56 -24.53 -14.83 28.80
CA PHE B 56 -23.44 -15.16 29.73
C PHE B 56 -23.67 -16.52 30.38
N ARG B 57 -24.92 -16.82 30.73
CA ARG B 57 -25.27 -18.10 31.36
C ARG B 57 -25.16 -19.27 30.39
N GLU B 58 -25.53 -19.02 29.14
CA GLU B 58 -25.34 -20.02 28.08
C GLU B 58 -23.86 -20.34 27.91
N MET B 59 -23.03 -19.32 27.81
CA MET B 59 -21.57 -19.52 27.67
C MET B 59 -20.99 -20.22 28.89
N GLY B 60 -21.40 -19.78 30.08
CA GLY B 60 -20.91 -20.36 31.33
C GLY B 60 -21.26 -21.83 31.49
N GLU B 61 -22.47 -22.20 31.08
CA GLU B 61 -22.92 -23.59 31.19
C GLU B 61 -22.09 -24.55 30.32
N ILE B 62 -21.64 -24.06 29.15
CA ILE B 62 -20.81 -24.83 28.23
C ILE B 62 -19.36 -24.87 28.74
N GLY B 63 -18.96 -23.84 29.47
CA GLY B 63 -17.61 -23.76 30.01
C GLY B 63 -16.70 -22.87 29.19
N LEU B 64 -17.28 -21.86 28.54
CA LEU B 64 -16.51 -20.97 27.69
C LEU B 64 -15.97 -19.76 28.43
N LEU B 65 -16.37 -19.56 29.68
CA LEU B 65 -15.97 -18.36 30.43
C LEU B 65 -14.80 -18.68 31.34
N GLY B 66 -13.79 -17.81 31.35
CA GLY B 66 -12.56 -18.07 32.10
C GLY B 66 -11.93 -19.42 31.76
N PRO B 67 -11.69 -19.67 30.46
CA PRO B 67 -11.12 -20.96 30.03
C PRO B 67 -9.88 -21.40 30.80
N THR B 68 -9.05 -20.46 31.19
CA THR B 68 -7.79 -20.79 31.89
C THR B 68 -7.94 -20.95 33.41
N ILE B 69 -9.12 -20.64 33.95
CA ILE B 69 -9.38 -20.77 35.40
C ILE B 69 -9.55 -22.26 35.78
N PRO B 70 -8.83 -22.75 36.81
CA PRO B 70 -8.94 -24.14 37.30
C PRO B 70 -10.32 -24.62 37.77
N GLU B 71 -10.53 -25.94 37.73
CA GLU B 71 -11.79 -26.58 38.14
C GLU B 71 -12.20 -26.21 39.56
N GLN B 72 -11.21 -26.09 40.45
CA GLN B 72 -11.48 -25.77 41.85
C GLN B 72 -12.29 -24.47 42.02
N TYR B 73 -12.18 -23.54 41.07
CA TYR B 73 -12.91 -22.27 41.12
C TYR B 73 -14.01 -22.17 40.06
N GLY B 74 -14.42 -23.31 39.51
CA GLY B 74 -15.52 -23.35 38.55
C GLY B 74 -15.16 -23.28 37.07
N GLY B 75 -13.87 -23.13 36.75
CA GLY B 75 -13.46 -23.06 35.34
C GLY B 75 -13.30 -24.42 34.70
N PRO B 76 -13.13 -24.45 33.37
CA PRO B 76 -12.88 -25.72 32.69
C PRO B 76 -11.42 -26.16 32.74
N GLY B 77 -10.56 -25.33 33.32
CA GLY B 77 -9.14 -25.67 33.47
C GLY B 77 -8.45 -25.93 32.14
N LEU B 78 -8.66 -25.02 31.18
CA LEU B 78 -8.06 -25.16 29.87
C LEU B 78 -6.81 -24.27 29.80
N ASP B 79 -6.41 -23.94 28.60
CA ASP B 79 -5.13 -23.25 28.38
C ASP B 79 -5.33 -22.12 27.37
N TYR B 80 -4.26 -21.44 27.04
CA TYR B 80 -4.36 -20.30 26.14
C TYR B 80 -4.77 -20.64 24.72
N VAL B 81 -4.32 -21.77 24.19
CA VAL B 81 -4.72 -22.17 22.84
C VAL B 81 -6.24 -22.33 22.79
N SER B 82 -6.80 -23.00 23.82
CA SER B 82 -8.23 -23.17 23.94
C SER B 82 -9.01 -21.86 24.01
N TYR B 83 -8.52 -20.93 24.84
CA TYR B 83 -9.08 -19.59 24.94
C TYR B 83 -9.15 -18.93 23.55
N GLY B 84 -8.03 -19.01 22.81
CA GLY B 84 -7.98 -18.43 21.49
C GLY B 84 -8.99 -19.03 20.53
N LEU B 85 -9.10 -20.36 20.54
CA LEU B 85 -10.04 -21.05 19.66
C LEU B 85 -11.47 -20.60 19.93
N ILE B 86 -11.80 -20.41 21.21
CA ILE B 86 -13.13 -19.95 21.60
C ILE B 86 -13.40 -18.55 21.08
N ALA B 87 -12.47 -17.63 21.34
CA ALA B 87 -12.60 -16.25 20.90
C ALA B 87 -12.83 -16.18 19.38
N ARG B 88 -12.06 -16.94 18.63
CA ARG B 88 -12.17 -17.00 17.18
C ARG B 88 -13.56 -17.46 16.72
N GLU B 89 -14.13 -18.49 17.36
CA GLU B 89 -15.48 -18.96 16.99
C GLU B 89 -16.57 -17.98 17.37
N VAL B 90 -16.42 -17.27 18.48
CA VAL B 90 -17.41 -16.28 18.89
C VAL B 90 -17.35 -15.06 17.98
N GLU B 91 -16.14 -14.57 17.67
CA GLU B 91 -16.02 -13.35 16.86
C GLU B 91 -16.35 -13.61 15.39
N ARG B 92 -16.24 -14.87 14.94
CA ARG B 92 -16.71 -15.28 13.61
C ARG B 92 -18.18 -14.86 13.41
N VAL B 93 -18.96 -14.91 14.49
CA VAL B 93 -20.31 -14.37 14.49
C VAL B 93 -20.29 -12.85 14.72
N ASP B 94 -19.78 -12.39 15.85
CA ASP B 94 -19.73 -10.95 16.13
C ASP B 94 -18.71 -10.56 17.20
N SER B 95 -17.96 -9.50 16.90
CA SER B 95 -17.00 -8.92 17.85
C SER B 95 -17.60 -8.45 19.18
N GLY B 96 -18.85 -8.00 19.14
CA GLY B 96 -19.54 -7.54 20.35
C GLY B 96 -19.70 -8.67 21.34
N TYR B 97 -20.08 -9.84 20.84
CA TYR B 97 -20.15 -11.03 21.69
C TYR B 97 -18.79 -11.45 22.22
N ARG B 98 -17.77 -11.40 21.37
CA ARG B 98 -16.45 -11.72 21.83
C ARG B 98 -16.01 -10.73 22.91
N SER B 99 -16.35 -9.46 22.73
CA SER B 99 -15.95 -8.42 23.69
C SER B 99 -16.53 -8.71 25.08
N MET B 100 -17.78 -9.14 25.13
CA MET B 100 -18.44 -9.51 26.40
C MET B 100 -17.65 -10.59 27.13
N MET B 101 -17.24 -11.60 26.38
CA MET B 101 -16.44 -12.70 26.92
C MET B 101 -15.03 -12.29 27.31
N SER B 102 -14.39 -11.48 26.46
CA SER B 102 -13.06 -10.95 26.77
C SER B 102 -13.03 -10.27 28.14
N VAL B 103 -14.05 -9.46 28.40
CA VAL B 103 -14.17 -8.78 29.68
C VAL B 103 -14.35 -9.79 30.79
N GLN B 104 -15.32 -10.69 30.65
CA GLN B 104 -15.58 -11.66 31.70
C GLN B 104 -14.33 -12.49 32.05
N SER B 105 -13.66 -13.02 31.01
CA SER B 105 -12.55 -13.96 31.22
C SER B 105 -11.26 -13.25 31.60
N SER B 106 -10.81 -12.33 30.75
CA SER B 106 -9.48 -11.73 30.90
C SER B 106 -9.42 -10.52 31.81
N LEU B 107 -10.48 -9.73 31.83
CA LEU B 107 -10.46 -8.48 32.58
C LEU B 107 -11.06 -8.62 33.97
N VAL B 108 -11.80 -9.69 34.23
CA VAL B 108 -12.44 -9.84 35.54
C VAL B 108 -11.97 -11.11 36.26
N MET B 109 -12.08 -12.27 35.62
CA MET B 109 -11.70 -13.53 36.27
C MET B 109 -10.19 -13.59 36.48
N VAL B 110 -9.42 -13.14 35.49
CA VAL B 110 -7.95 -13.19 35.58
C VAL B 110 -7.37 -12.40 36.76
N PRO B 111 -7.74 -11.10 36.92
CA PRO B 111 -7.15 -10.38 38.04
C PRO B 111 -7.58 -10.90 39.42
N ILE B 112 -8.82 -11.36 39.54
CA ILE B 112 -9.25 -11.96 40.82
C ILE B 112 -8.45 -13.25 41.11
N PHE B 113 -8.28 -14.09 40.09
CA PHE B 113 -7.49 -15.29 40.22
C PHE B 113 -6.01 -15.03 40.49
N GLU B 114 -5.40 -14.06 39.79
CA GLU B 114 -3.97 -13.82 39.92
C GLU B 114 -3.63 -12.99 41.15
N PHE B 115 -4.51 -12.06 41.53
CA PHE B 115 -4.18 -11.06 42.55
C PHE B 115 -5.07 -11.06 43.79
N GLY B 116 -6.12 -11.87 43.80
CA GLY B 116 -7.11 -11.84 44.85
C GLY B 116 -6.72 -12.73 46.02
N SER B 117 -7.42 -12.56 47.14
CA SER B 117 -7.29 -13.43 48.29
C SER B 117 -8.04 -14.73 48.03
N ASP B 118 -7.78 -15.74 48.87
CA ASP B 118 -8.52 -17.00 48.77
C ASP B 118 -10.02 -16.78 48.91
N ALA B 119 -10.41 -15.91 49.84
CA ALA B 119 -11.81 -15.56 50.05
C ALA B 119 -12.45 -14.97 48.81
N GLN B 120 -11.74 -14.06 48.15
CA GLN B 120 -12.24 -13.43 46.93
C GLN B 120 -12.39 -14.45 45.80
N LYS B 121 -11.40 -15.33 45.66
CA LYS B 121 -11.42 -16.33 44.61
C LYS B 121 -12.59 -17.29 44.80
N GLU B 122 -12.79 -17.75 46.04
CA GLU B 122 -13.84 -18.73 46.35
C GLU B 122 -15.23 -18.11 46.17
N LYS B 123 -15.35 -16.81 46.44
CA LYS B 123 -16.65 -16.15 46.36
C LYS B 123 -17.02 -15.81 44.92
N TYR B 124 -16.11 -15.10 44.23
CA TYR B 124 -16.42 -14.51 42.93
C TYR B 124 -16.23 -15.42 41.71
N LEU B 125 -15.15 -16.20 41.68
CA LEU B 125 -14.80 -16.95 40.46
C LEU B 125 -15.85 -17.98 40.03
N PRO B 126 -16.42 -18.77 40.97
CA PRO B 126 -17.39 -19.77 40.52
C PRO B 126 -18.65 -19.15 39.89
N LYS B 127 -19.06 -18.01 40.41
CA LYS B 127 -20.23 -17.30 39.89
C LYS B 127 -19.96 -16.59 38.56
N LEU B 128 -18.75 -16.06 38.39
CA LEU B 128 -18.34 -15.51 37.10
C LEU B 128 -18.20 -16.62 36.05
N ALA B 129 -17.67 -17.78 36.47
CA ALA B 129 -17.47 -18.92 35.57
C ALA B 129 -18.78 -19.44 34.97
N THR B 130 -19.86 -19.41 35.75
CA THR B 130 -21.17 -19.88 35.27
C THR B 130 -21.93 -18.81 34.52
N GLY B 131 -21.40 -17.59 34.58
CA GLY B 131 -22.05 -16.43 33.96
C GLY B 131 -23.27 -15.95 34.72
N GLU B 132 -23.48 -16.50 35.92
CA GLU B 132 -24.61 -16.08 36.74
C GLU B 132 -24.36 -14.69 37.33
N TRP B 133 -23.09 -14.36 37.58
CA TRP B 133 -22.68 -12.98 37.82
C TRP B 133 -21.88 -12.45 36.64
N ILE B 134 -22.18 -11.23 36.21
CA ILE B 134 -21.51 -10.57 35.08
C ILE B 134 -20.50 -9.55 35.61
N GLY B 135 -19.28 -9.58 35.08
CA GLY B 135 -18.21 -8.67 35.51
C GLY B 135 -17.94 -7.52 34.56
N CYS B 136 -17.30 -6.46 35.06
CA CYS B 136 -16.74 -5.42 34.22
C CYS B 136 -15.46 -4.88 34.84
N PHE B 137 -14.69 -4.15 34.03
CA PHE B 137 -13.31 -3.74 34.33
C PHE B 137 -13.24 -2.22 34.14
N GLY B 138 -12.95 -1.51 35.23
CA GLY B 138 -12.91 -0.05 35.26
C GLY B 138 -11.51 0.52 35.33
N LEU B 139 -10.96 0.84 34.17
CA LEU B 139 -9.62 1.41 34.07
C LEU B 139 -9.64 2.77 33.40
N THR B 140 -10.23 2.82 32.20
CA THR B 140 -10.21 4.01 31.35
C THR B 140 -10.97 5.18 31.95
N GLU B 141 -10.35 6.36 31.89
CA GLU B 141 -10.97 7.62 32.32
C GLU B 141 -10.91 8.66 31.21
N PRO B 142 -11.68 9.76 31.35
CA PRO B 142 -11.56 10.92 30.47
C PRO B 142 -10.21 11.69 30.45
N ASN B 143 -9.38 11.54 31.48
CA ASN B 143 -8.13 12.33 31.59
C ASN B 143 -6.88 11.73 30.90
N HIS B 144 -7.09 10.69 30.08
CA HIS B 144 -6.06 10.14 29.19
C HIS B 144 -4.74 9.85 29.91
N SER B 150 -2.20 10.08 33.80
CA SER B 150 -2.37 9.18 34.94
C SER B 150 -3.74 9.43 35.60
N MET B 151 -4.37 8.35 36.04
CA MET B 151 -5.78 8.37 36.44
C MET B 151 -6.07 9.19 37.70
N VAL B 152 -7.33 9.60 37.87
CA VAL B 152 -7.76 10.43 39.00
C VAL B 152 -8.74 9.75 39.96
N THR B 153 -9.30 8.59 39.58
CA THR B 153 -10.14 7.83 40.51
C THR B 153 -9.30 7.47 41.73
N ARG B 154 -9.85 7.73 42.91
CA ARG B 154 -9.07 7.65 44.14
C ARG B 154 -9.81 6.94 45.27
N ALA B 155 -9.05 6.12 46.01
CA ALA B 155 -9.53 5.45 47.21
C ALA B 155 -8.92 6.14 48.42
N ARG B 156 -9.78 6.50 49.38
CA ARG B 156 -9.36 7.10 50.65
C ARG B 156 -9.57 6.08 51.76
N LYS B 157 -8.56 5.88 52.60
CA LYS B 157 -8.67 4.99 53.75
C LYS B 157 -9.66 5.55 54.78
N VAL B 158 -10.67 4.74 55.11
CA VAL B 158 -11.66 5.08 56.14
C VAL B 158 -11.77 3.90 57.12
N PRO B 159 -12.47 4.11 58.26
CA PRO B 159 -12.66 2.96 59.16
C PRO B 159 -13.35 1.78 58.46
N GLY B 160 -12.70 0.61 58.50
CA GLY B 160 -13.26 -0.61 57.92
C GLY B 160 -12.90 -0.87 56.48
N GLY B 161 -12.30 0.11 55.80
CA GLY B 161 -11.93 -0.06 54.40
C GLY B 161 -11.60 1.23 53.68
N TYR B 162 -12.27 1.46 52.54
CA TYR B 162 -11.91 2.55 51.65
C TYR B 162 -13.15 3.26 51.10
N SER B 163 -12.99 4.54 50.80
CA SER B 163 -14.01 5.31 50.13
C SER B 163 -13.52 5.69 48.73
N LEU B 164 -14.23 5.23 47.71
CA LEU B 164 -13.80 5.42 46.32
C LEU B 164 -14.60 6.53 45.63
N SER B 165 -13.89 7.45 44.99
CA SER B 165 -14.51 8.51 44.20
C SER B 165 -13.83 8.68 42.84
N GLY B 166 -14.64 8.82 41.79
CA GLY B 166 -14.13 8.99 40.43
C GLY B 166 -15.08 8.49 39.38
N SER B 167 -14.56 8.30 38.17
CA SER B 167 -15.39 8.05 37.01
C SER B 167 -14.61 7.28 35.95
N LYS B 168 -15.18 6.19 35.44
CA LYS B 168 -14.58 5.40 34.36
C LYS B 168 -15.51 5.44 33.17
N MET B 169 -14.97 5.36 31.96
CA MET B 169 -15.75 5.59 30.76
C MET B 169 -15.49 4.47 29.74
N TRP B 170 -16.52 4.19 28.92
CA TRP B 170 -16.45 3.16 27.87
C TRP B 170 -16.15 1.78 28.44
N ILE B 171 -16.96 1.38 29.41
CA ILE B 171 -16.76 0.14 30.15
C ILE B 171 -17.75 -0.90 29.65
N THR B 172 -17.23 -1.88 28.91
CA THR B 172 -18.06 -2.96 28.39
C THR B 172 -18.66 -3.74 29.54
N ASN B 173 -19.96 -4.05 29.41
CA ASN B 173 -20.77 -4.75 30.41
C ASN B 173 -21.26 -3.90 31.61
N SER B 174 -20.78 -2.68 31.80
CA SER B 174 -21.04 -2.00 33.09
C SER B 174 -22.51 -1.86 33.49
N PRO B 175 -23.40 -1.54 32.54
CA PRO B 175 -24.81 -1.35 32.94
C PRO B 175 -25.53 -2.62 33.39
N ILE B 176 -24.99 -3.79 33.04
CA ILE B 176 -25.57 -5.09 33.43
C ILE B 176 -24.68 -5.88 34.39
N ALA B 177 -23.54 -5.32 34.78
CA ALA B 177 -22.59 -6.02 35.63
C ALA B 177 -23.10 -6.12 37.07
N ASP B 178 -22.68 -7.21 37.70
CA ASP B 178 -22.88 -7.48 39.12
C ASP B 178 -21.61 -7.25 39.93
N VAL B 179 -20.45 -7.47 39.27
CA VAL B 179 -19.10 -7.37 39.86
C VAL B 179 -18.26 -6.37 39.04
N PHE B 180 -17.56 -5.49 39.75
CA PHE B 180 -16.80 -4.42 39.13
C PHE B 180 -15.37 -4.47 39.67
N VAL B 181 -14.41 -4.67 38.79
CA VAL B 181 -13.00 -4.59 39.16
C VAL B 181 -12.55 -3.18 38.79
N VAL B 182 -12.30 -2.36 39.80
CA VAL B 182 -12.00 -0.94 39.59
C VAL B 182 -10.58 -0.63 40.05
N TRP B 183 -9.83 0.06 39.21
CA TRP B 183 -8.47 0.46 39.53
C TRP B 183 -8.47 1.92 39.94
N ALA B 184 -7.83 2.21 41.06
CA ALA B 184 -7.82 3.55 41.64
C ALA B 184 -6.51 3.77 42.38
N LYS B 185 -6.15 5.03 42.53
CA LYS B 185 -4.97 5.42 43.29
C LYS B 185 -5.27 5.44 44.79
N LEU B 186 -4.33 4.88 45.57
CA LEU B 186 -4.43 4.89 47.03
C LEU B 186 -3.17 5.53 47.62
N ASP B 187 -3.36 6.51 48.50
CA ASP B 187 -2.27 7.20 49.17
C ASP B 187 -1.74 6.36 50.33
N GLU B 188 -0.48 5.93 50.22
CA GLU B 188 0.15 5.09 51.24
C GLU B 188 0.34 5.84 52.56
N ASP B 192 1.77 6.69 46.96
CA ASP B 192 0.61 6.79 46.07
C ASP B 192 0.69 5.76 44.95
N GLU B 193 -0.18 4.74 44.99
CA GLU B 193 -0.10 3.63 44.05
C GLU B 193 -1.46 3.14 43.57
N ILE B 194 -1.48 2.62 42.35
CA ILE B 194 -2.67 2.04 41.77
C ILE B 194 -2.98 0.72 42.46
N ARG B 195 -4.21 0.58 42.95
CA ARG B 195 -4.68 -0.64 43.55
C ARG B 195 -5.97 -1.10 42.88
N GLY B 196 -6.30 -2.38 43.03
CA GLY B 196 -7.51 -2.96 42.46
C GLY B 196 -8.55 -3.22 43.53
N PHE B 197 -9.81 -2.89 43.25
CA PHE B 197 -10.91 -3.05 44.18
C PHE B 197 -12.05 -3.82 43.54
N ILE B 198 -12.66 -4.74 44.29
CA ILE B 198 -13.84 -5.45 43.81
C ILE B 198 -15.09 -4.83 44.44
N LEU B 199 -15.98 -4.30 43.59
CA LEU B 199 -17.26 -3.79 44.06
C LEU B 199 -18.41 -4.63 43.51
N GLU B 200 -19.56 -4.57 44.18
CA GLU B 200 -20.77 -5.24 43.69
C GLU B 200 -21.84 -4.20 43.38
N LYS B 201 -22.72 -4.52 42.44
CA LYS B 201 -23.87 -3.67 42.15
C LYS B 201 -24.72 -3.70 43.40
N GLY B 202 -25.18 -2.54 43.81
CA GLY B 202 -25.89 -2.42 45.08
C GLY B 202 -25.06 -1.73 46.13
N CYS B 203 -23.76 -1.63 45.90
CA CYS B 203 -22.88 -0.80 46.69
C CYS B 203 -23.35 0.66 46.61
N LYS B 204 -23.64 1.27 47.76
CA LYS B 204 -24.07 2.67 47.80
C LYS B 204 -22.97 3.57 47.23
N GLY B 205 -23.31 4.41 46.25
CA GLY B 205 -22.32 5.31 45.64
C GLY B 205 -21.78 4.84 44.30
N LEU B 206 -22.23 3.67 43.85
CA LEU B 206 -21.83 3.13 42.56
C LEU B 206 -23.00 3.22 41.59
N SER B 207 -22.79 3.81 40.43
CA SER B 207 -23.78 3.73 39.35
C SER B 207 -23.09 3.40 38.05
N ALA B 208 -23.86 2.89 37.09
CA ALA B 208 -23.31 2.44 35.82
C ALA B 208 -24.28 2.77 34.70
N PRO B 209 -24.39 4.05 34.35
CA PRO B 209 -25.30 4.43 33.27
C PRO B 209 -24.79 3.90 31.92
N ALA B 210 -25.72 3.62 31.02
CA ALA B 210 -25.37 3.07 29.72
C ALA B 210 -25.02 4.18 28.72
N ILE B 211 -24.25 3.81 27.71
CA ILE B 211 -23.93 4.64 26.56
C ILE B 211 -24.74 4.08 25.39
N HIS B 212 -25.57 4.93 24.79
CA HIS B 212 -26.41 4.50 23.67
C HIS B 212 -25.97 5.19 22.38
N GLY B 213 -26.33 4.58 21.24
CA GLY B 213 -26.10 5.19 19.93
C GLY B 213 -24.70 4.97 19.36
N LYS B 214 -24.15 3.78 19.62
CA LYS B 214 -22.79 3.43 19.18
C LYS B 214 -22.78 3.11 17.69
N VAL B 215 -21.64 3.32 17.06
CA VAL B 215 -21.45 2.98 15.66
C VAL B 215 -21.09 1.49 15.50
N GLY B 216 -20.16 1.01 16.30
CA GLY B 216 -19.74 -0.39 16.25
C GLY B 216 -19.94 -1.07 17.59
N LEU B 217 -19.77 -2.39 17.61
CA LEU B 217 -19.96 -3.23 18.80
C LEU B 217 -21.34 -3.01 19.44
N ARG B 218 -22.35 -2.79 18.59
CA ARG B 218 -23.69 -2.47 19.06
C ARG B 218 -24.37 -3.65 19.74
N ALA B 219 -23.89 -4.87 19.48
CA ALA B 219 -24.46 -6.05 20.09
C ALA B 219 -24.00 -6.21 21.54
N SER B 220 -23.01 -5.40 21.96
CA SER B 220 -22.56 -5.40 23.35
C SER B 220 -22.97 -4.10 24.04
N ILE B 221 -23.39 -4.20 25.29
CA ILE B 221 -23.74 -3.00 26.06
C ILE B 221 -22.50 -2.45 26.77
N THR B 222 -22.39 -1.12 26.76
N THR B 222 -22.34 -1.14 26.72
CA THR B 222 -21.27 -0.41 27.31
CA THR B 222 -21.24 -0.47 27.39
C THR B 222 -21.79 0.76 28.13
C THR B 222 -21.75 0.75 28.12
N GLY B 223 -21.00 1.20 29.11
CA GLY B 223 -21.41 2.31 29.94
C GLY B 223 -20.29 2.99 30.68
N GLU B 224 -20.66 3.72 31.71
CA GLU B 224 -19.72 4.34 32.61
C GLU B 224 -19.73 3.59 33.93
N ILE B 225 -18.75 3.92 34.78
CA ILE B 225 -18.82 3.62 36.21
C ILE B 225 -18.62 4.96 36.91
N VAL B 226 -19.56 5.34 37.75
CA VAL B 226 -19.48 6.57 38.51
C VAL B 226 -19.43 6.21 39.99
N LEU B 227 -18.40 6.67 40.68
CA LEU B 227 -18.22 6.39 42.10
C LEU B 227 -18.25 7.70 42.88
N ASP B 228 -19.15 7.78 43.85
CA ASP B 228 -19.29 8.97 44.70
C ASP B 228 -19.23 8.51 46.15
N GLU B 229 -18.03 8.54 46.72
CA GLU B 229 -17.78 8.06 48.08
C GLU B 229 -18.30 6.64 48.31
N ALA B 230 -18.01 5.74 47.37
CA ALA B 230 -18.44 4.34 47.48
C ALA B 230 -17.58 3.63 48.51
N PHE B 231 -18.23 3.01 49.51
CA PHE B 231 -17.48 2.29 50.55
C PHE B 231 -17.10 0.90 50.07
N VAL B 232 -15.82 0.58 50.18
CA VAL B 232 -15.33 -0.75 49.84
C VAL B 232 -14.67 -1.31 51.10
N PRO B 233 -15.22 -2.40 51.64
CA PRO B 233 -14.63 -2.96 52.86
C PRO B 233 -13.21 -3.51 52.60
N GLU B 234 -12.43 -3.58 53.66
CA GLU B 234 -11.03 -4.02 53.58
C GLU B 234 -10.86 -5.33 52.82
N GLU B 235 -11.80 -6.25 52.99
CA GLU B 235 -11.71 -7.57 52.35
C GLU B 235 -12.00 -7.57 50.83
N ASN B 236 -12.29 -6.40 50.25
CA ASN B 236 -12.53 -6.27 48.81
C ASN B 236 -11.42 -5.59 48.00
N ILE B 237 -10.34 -5.17 48.65
CA ILE B 237 -9.16 -4.74 47.91
C ILE B 237 -8.37 -6.00 47.49
N LEU B 238 -7.87 -6.00 46.26
CA LEU B 238 -7.02 -7.09 45.79
C LEU B 238 -5.69 -6.95 46.52
N PRO B 239 -5.32 -7.94 47.34
CA PRO B 239 -4.16 -7.73 48.20
C PRO B 239 -2.78 -7.96 47.56
N HIS B 240 -2.72 -8.66 46.43
CA HIS B 240 -1.43 -9.16 45.92
C HIS B 240 -0.95 -8.49 44.64
N VAL B 241 -1.36 -7.25 44.41
CA VAL B 241 -0.83 -6.46 43.30
C VAL B 241 -0.88 -4.98 43.61
N LYS B 242 0.13 -4.25 43.14
CA LYS B 242 0.10 -2.79 43.12
C LYS B 242 0.75 -2.27 41.84
N GLY B 243 0.36 -1.08 41.42
CA GLY B 243 0.93 -0.43 40.25
C GLY B 243 0.39 -0.94 38.93
N LEU B 244 1.10 -0.61 37.86
CA LEU B 244 0.66 -0.90 36.48
C LEU B 244 0.53 -2.39 36.18
N ARG B 245 1.29 -3.23 36.88
CA ARG B 245 1.22 -4.68 36.70
C ARG B 245 -0.21 -5.22 36.80
N GLY B 246 -1.01 -4.63 37.69
CA GLY B 246 -2.39 -5.04 37.88
C GLY B 246 -3.20 -4.97 36.60
N PRO B 247 -3.47 -3.76 36.09
CA PRO B 247 -4.25 -3.68 34.86
C PRO B 247 -3.56 -4.23 33.61
N PHE B 248 -2.23 -4.10 33.53
CA PHE B 248 -1.47 -4.55 32.36
C PHE B 248 -1.54 -6.05 32.15
N THR B 249 -1.54 -6.81 33.26
CA THR B 249 -1.70 -8.26 33.19
C THR B 249 -3.03 -8.61 32.55
N CYS B 250 -4.08 -7.89 32.95
CA CYS B 250 -5.41 -8.12 32.41
C CYS B 250 -5.45 -7.77 30.93
N LEU B 251 -4.91 -6.61 30.58
CA LEU B 251 -4.94 -6.18 29.18
C LEU B 251 -4.17 -7.14 28.27
N ASN B 252 -3.06 -7.67 28.75
CA ASN B 252 -2.23 -8.57 27.97
C ASN B 252 -2.99 -9.86 27.61
N SER B 253 -3.75 -10.37 28.58
CA SER B 253 -4.57 -11.55 28.39
C SER B 253 -5.70 -11.26 27.38
N ALA B 254 -6.36 -10.13 27.53
CA ALA B 254 -7.47 -9.76 26.65
C ALA B 254 -6.97 -9.58 25.21
N ARG B 255 -5.81 -8.96 25.06
CA ARG B 255 -5.21 -8.71 23.74
C ARG B 255 -4.90 -9.99 23.01
N TYR B 256 -4.51 -11.03 23.74
CA TYR B 256 -4.30 -12.33 23.14
C TYR B 256 -5.59 -12.91 22.56
N GLY B 257 -6.70 -12.84 23.31
CA GLY B 257 -7.99 -13.30 22.81
C GLY B 257 -8.49 -12.52 21.60
N ILE B 258 -8.23 -11.22 21.60
CA ILE B 258 -8.60 -10.37 20.47
C ILE B 258 -7.83 -10.72 19.18
N ALA B 259 -6.56 -11.05 19.33
CA ALA B 259 -5.71 -11.48 18.21
C ALA B 259 -6.26 -12.71 17.51
N TRP B 260 -6.79 -13.65 18.27
CA TRP B 260 -7.51 -14.79 17.71
C TRP B 260 -8.89 -14.40 17.15
N GLY B 261 -9.66 -13.66 17.94
CA GLY B 261 -11.00 -13.25 17.55
C GLY B 261 -11.04 -12.52 16.21
N ALA B 262 -10.14 -11.57 16.03
CA ALA B 262 -10.09 -10.78 14.81
C ALA B 262 -9.89 -11.66 13.59
N LEU B 263 -9.13 -12.74 13.74
CA LEU B 263 -8.93 -13.68 12.63
C LEU B 263 -10.22 -14.42 12.29
N GLY B 264 -11.07 -14.65 13.29
CA GLY B 264 -12.38 -15.24 13.03
C GLY B 264 -13.27 -14.34 12.20
N ALA B 265 -13.30 -13.06 12.54
CA ALA B 265 -14.09 -12.07 11.79
C ALA B 265 -13.56 -11.96 10.36
N ALA B 266 -12.24 -11.98 10.21
CA ALA B 266 -11.59 -11.94 8.91
C ALA B 266 -11.97 -13.14 8.04
N GLU B 267 -11.94 -14.32 8.63
CA GLU B 267 -12.36 -15.55 7.97
C GLU B 267 -13.79 -15.47 7.48
N SER B 268 -14.68 -14.95 8.32
CA SER B 268 -16.08 -14.75 7.90
C SER B 268 -16.20 -13.84 6.68
N CYS B 269 -15.47 -12.74 6.68
CA CYS B 269 -15.47 -11.79 5.57
C CYS B 269 -14.94 -12.43 4.29
N TRP B 270 -13.82 -13.15 4.43
CA TRP B 270 -13.22 -13.88 3.34
C TRP B 270 -14.20 -14.89 2.77
N HIS B 271 -14.82 -15.69 3.62
CA HIS B 271 -15.74 -16.74 3.15
C HIS B 271 -16.98 -16.15 2.47
N ILE B 272 -17.48 -15.03 3.01
CA ILE B 272 -18.65 -14.34 2.41
C ILE B 272 -18.29 -13.76 1.03
N ALA B 273 -17.13 -13.09 0.93
CA ALA B 273 -16.63 -12.54 -0.35
C ALA B 273 -16.44 -13.61 -1.41
N ARG B 274 -15.82 -14.73 -1.02
CA ARG B 274 -15.57 -15.83 -1.93
C ARG B 274 -16.89 -16.36 -2.49
N GLN B 275 -17.84 -16.61 -1.61
CA GLN B 275 -19.12 -17.18 -2.04
C GLN B 275 -19.87 -16.20 -2.95
N TYR B 276 -19.82 -14.91 -2.60
CA TYR B 276 -20.47 -13.86 -3.37
C TYR B 276 -19.94 -13.81 -4.81
N VAL B 277 -18.62 -13.81 -4.98
CA VAL B 277 -18.06 -13.70 -6.31
C VAL B 277 -18.28 -14.96 -7.14
N LEU B 278 -18.53 -16.09 -6.48
CA LEU B 278 -18.95 -17.31 -7.18
C LEU B 278 -20.43 -17.27 -7.63
N ASP B 279 -21.27 -16.61 -6.84
CA ASP B 279 -22.71 -16.53 -7.11
C ASP B 279 -23.06 -15.45 -8.14
N ARG B 280 -22.38 -14.30 -8.08
CA ARG B 280 -22.74 -13.18 -8.94
C ARG B 280 -22.02 -13.27 -10.29
N LYS B 281 -22.67 -12.81 -11.35
CA LYS B 281 -22.11 -12.87 -12.70
C LYS B 281 -21.89 -11.48 -13.30
N GLN B 282 -20.96 -11.41 -14.25
CA GLN B 282 -20.67 -10.21 -15.01
C GLN B 282 -20.21 -10.66 -16.38
N PHE B 283 -20.86 -10.14 -17.42
CA PHE B 283 -20.61 -10.53 -18.80
C PHE B 283 -20.72 -12.05 -19.01
N GLY B 284 -21.71 -12.67 -18.37
CA GLY B 284 -22.01 -14.08 -18.57
C GLY B 284 -21.05 -15.06 -17.90
N ARG B 285 -20.34 -14.62 -16.87
CA ARG B 285 -19.48 -15.52 -16.09
C ARG B 285 -19.32 -15.01 -14.66
N PRO B 286 -18.97 -15.90 -13.72
CA PRO B 286 -18.83 -15.45 -12.34
C PRO B 286 -17.82 -14.31 -12.22
N LEU B 287 -18.05 -13.41 -11.28
CA LEU B 287 -17.08 -12.39 -10.92
C LEU B 287 -15.73 -13.02 -10.56
N ALA B 288 -15.77 -14.24 -10.02
CA ALA B 288 -14.57 -14.99 -9.63
C ALA B 288 -13.63 -15.32 -10.79
N ALA B 289 -14.09 -15.17 -12.04
CA ALA B 289 -13.24 -15.40 -13.21
C ALA B 289 -12.28 -14.22 -13.50
N ASN B 290 -12.46 -13.10 -12.80
CA ASN B 290 -11.62 -11.92 -13.02
C ASN B 290 -10.32 -12.02 -12.23
N GLN B 291 -9.20 -11.75 -12.88
CA GLN B 291 -7.90 -11.78 -12.22
C GLN B 291 -7.81 -10.88 -11.00
N LEU B 292 -8.39 -9.68 -11.09
CA LEU B 292 -8.34 -8.73 -10.00
C LEU B 292 -9.00 -9.27 -8.73
N ILE B 293 -10.11 -9.98 -8.91
CA ILE B 293 -10.84 -10.60 -7.81
C ILE B 293 -10.04 -11.75 -7.23
N GLN B 294 -9.46 -12.57 -8.11
CA GLN B 294 -8.63 -13.70 -7.61
C GLN B 294 -7.43 -13.26 -6.78
N LYS B 295 -6.81 -12.14 -7.16
CA LYS B 295 -5.67 -11.62 -6.41
C LYS B 295 -6.11 -11.26 -4.99
N LYS B 296 -7.28 -10.62 -4.88
CA LYS B 296 -7.83 -10.26 -3.57
C LYS B 296 -8.08 -11.49 -2.69
N LEU B 297 -8.70 -12.51 -3.28
CA LEU B 297 -8.92 -13.78 -2.58
C LEU B 297 -7.62 -14.44 -2.12
N ALA B 298 -6.59 -14.38 -2.97
CA ALA B 298 -5.28 -14.93 -2.63
C ALA B 298 -4.66 -14.19 -1.45
N ASP B 299 -4.80 -12.86 -1.44
CA ASP B 299 -4.27 -12.04 -0.35
C ASP B 299 -4.98 -12.33 0.96
N MET B 300 -6.30 -12.49 0.92
CA MET B 300 -7.09 -12.80 2.12
C MET B 300 -6.64 -14.14 2.71
N GLN B 301 -6.57 -15.15 1.86
CA GLN B 301 -6.17 -16.48 2.24
C GLN B 301 -4.78 -16.49 2.90
N THR B 302 -3.84 -15.79 2.28
CA THR B 302 -2.46 -15.72 2.74
C THR B 302 -2.38 -15.11 4.13
N GLU B 303 -3.00 -13.94 4.29
CA GLU B 303 -2.86 -13.23 5.55
C GLU B 303 -3.52 -13.95 6.71
N ILE B 304 -4.67 -14.58 6.47
CA ILE B 304 -5.33 -15.32 7.53
C ILE B 304 -4.51 -16.57 7.92
N THR B 305 -3.99 -17.27 6.91
CA THR B 305 -3.23 -18.48 7.12
C THR B 305 -1.99 -18.22 7.98
N LEU B 306 -1.25 -17.17 7.64
CA LEU B 306 -0.03 -16.81 8.40
C LEU B 306 -0.38 -16.24 9.78
N GLY B 307 -1.43 -15.43 9.85
CA GLY B 307 -1.93 -14.90 11.12
C GLY B 307 -2.22 -16.01 12.12
N LEU B 308 -2.90 -17.07 11.67
CA LEU B 308 -3.26 -18.17 12.54
C LEU B 308 -2.03 -18.92 13.02
N GLN B 309 -1.02 -19.10 12.17
CA GLN B 309 0.22 -19.73 12.65
C GLN B 309 0.85 -18.92 13.74
N GLY B 310 0.80 -17.60 13.61
CA GLY B 310 1.36 -16.71 14.61
C GLY B 310 0.69 -16.82 15.97
N VAL B 311 -0.64 -16.72 15.98
CA VAL B 311 -1.39 -16.81 17.23
C VAL B 311 -1.31 -18.22 17.86
N LEU B 312 -1.33 -19.25 17.03
CA LEU B 312 -1.14 -20.60 17.53
C LEU B 312 0.19 -20.72 18.26
N ARG B 313 1.27 -20.27 17.63
CA ARG B 313 2.60 -20.36 18.24
C ARG B 313 2.68 -19.56 19.53
N LEU B 314 2.13 -18.35 19.53
CA LEU B 314 2.12 -17.53 20.72
C LEU B 314 1.37 -18.26 21.84
N GLY B 315 0.21 -18.84 21.50
CA GLY B 315 -0.57 -19.63 22.47
C GLY B 315 0.21 -20.79 23.07
N ARG B 316 0.93 -21.53 22.23
CA ARG B 316 1.79 -22.63 22.71
C ARG B 316 2.91 -22.12 23.62
N MET B 317 3.49 -20.97 23.26
CA MET B 317 4.51 -20.33 24.11
C MET B 317 3.97 -19.86 25.47
N LYS B 318 2.79 -19.23 25.47
CA LYS B 318 2.15 -18.82 26.71
C LYS B 318 1.89 -20.03 27.62
N ASP B 319 1.48 -21.14 27.03
CA ASP B 319 1.19 -22.37 27.77
C ASP B 319 2.47 -23.02 28.33
N GLU B 320 3.61 -22.79 27.67
CA GLU B 320 4.92 -23.28 28.14
C GLU B 320 5.64 -22.31 29.07
N GLY B 321 5.17 -21.06 29.15
CA GLY B 321 5.81 -20.02 29.94
C GLY B 321 7.05 -19.40 29.28
N THR B 322 7.10 -19.42 27.95
CA THR B 322 8.25 -18.91 27.20
C THR B 322 7.94 -17.62 26.42
N ALA B 323 6.73 -17.08 26.60
CA ALA B 323 6.28 -15.90 25.84
C ALA B 323 6.44 -14.61 26.63
N ALA B 324 7.32 -13.73 26.17
CA ALA B 324 7.42 -12.37 26.68
C ALA B 324 6.23 -11.52 26.21
N VAL B 325 5.89 -10.50 27.00
CA VAL B 325 4.71 -9.67 26.72
C VAL B 325 4.77 -8.97 25.34
N GLU B 326 5.96 -8.62 24.86
CA GLU B 326 6.08 -7.96 23.55
C GLU B 326 5.53 -8.76 22.38
N ILE B 327 5.54 -10.08 22.49
CA ILE B 327 5.04 -10.94 21.42
C ILE B 327 3.55 -10.70 21.19
N THR B 328 2.83 -10.40 22.27
CA THR B 328 1.41 -10.07 22.15
C THR B 328 1.18 -8.83 21.29
N SER B 329 2.08 -7.85 21.40
CA SER B 329 1.99 -6.65 20.55
C SER B 329 2.11 -7.01 19.07
N ILE B 330 3.03 -7.90 18.72
CA ILE B 330 3.16 -8.35 17.34
C ILE B 330 1.84 -8.91 16.83
N MET B 331 1.30 -9.87 17.57
CA MET B 331 0.12 -10.60 17.10
C MET B 331 -1.15 -9.78 17.17
N LYS B 332 -1.31 -8.99 18.23
CA LYS B 332 -2.49 -8.13 18.34
C LYS B 332 -2.53 -7.12 17.19
N ARG B 333 -1.41 -6.43 16.98
CA ARG B 333 -1.28 -5.46 15.90
C ARG B 333 -1.54 -6.12 14.53
N ASN B 334 -0.92 -7.27 14.31
CA ASN B 334 -1.08 -7.97 13.03
C ASN B 334 -2.51 -8.44 12.78
N SER B 335 -3.07 -9.17 13.73
CA SER B 335 -4.42 -9.70 13.58
C SER B 335 -5.44 -8.59 13.35
N CYS B 336 -5.44 -7.56 14.18
CA CYS B 336 -6.43 -6.50 14.06
C CYS B 336 -6.26 -5.71 12.76
N GLY B 337 -5.02 -5.40 12.42
CA GLY B 337 -4.70 -4.65 11.22
C GLY B 337 -5.07 -5.40 9.94
N LYS B 338 -4.65 -6.65 9.87
CA LYS B 338 -4.93 -7.48 8.70
C LYS B 338 -6.42 -7.82 8.59
N ALA B 339 -7.07 -8.06 9.73
CA ALA B 339 -8.51 -8.33 9.74
C ALA B 339 -9.28 -7.14 9.20
N LEU B 340 -8.92 -5.93 9.62
CA LEU B 340 -9.59 -4.74 9.13
C LEU B 340 -9.33 -4.59 7.62
N ASP B 341 -8.09 -4.82 7.19
CA ASP B 341 -7.75 -4.77 5.78
C ASP B 341 -8.62 -5.74 4.96
N ILE B 342 -8.80 -6.95 5.48
CA ILE B 342 -9.61 -7.99 4.83
C ILE B 342 -11.11 -7.67 4.77
N ALA B 343 -11.62 -7.17 5.89
CA ALA B 343 -13.01 -6.69 5.94
C ALA B 343 -13.26 -5.60 4.89
N ARG B 344 -12.31 -4.69 4.75
CA ARG B 344 -12.42 -3.61 3.76
C ARG B 344 -12.34 -4.13 2.31
N LEU B 345 -11.43 -5.05 2.06
CA LEU B 345 -11.29 -5.67 0.74
C LEU B 345 -12.58 -6.42 0.39
N ALA B 346 -13.13 -7.15 1.36
CA ALA B 346 -14.38 -7.89 1.19
C ALA B 346 -15.56 -6.95 0.97
N ARG B 347 -15.62 -5.88 1.77
CA ARG B 347 -16.66 -4.86 1.61
C ARG B 347 -16.70 -4.29 0.19
N ASP B 348 -15.51 -3.99 -0.32
CA ASP B 348 -15.37 -3.33 -1.62
C ASP B 348 -15.70 -4.30 -2.79
N MET B 349 -15.67 -5.60 -2.53
N MET B 349 -15.66 -5.61 -2.52
CA MET B 349 -16.04 -6.63 -3.52
CA MET B 349 -16.04 -6.65 -3.49
C MET B 349 -17.55 -6.87 -3.61
C MET B 349 -17.55 -6.86 -3.62
N LEU B 350 -18.31 -6.46 -2.60
CA LEU B 350 -19.76 -6.69 -2.59
C LEU B 350 -20.51 -5.69 -3.45
N GLY B 351 -21.70 -6.07 -3.89
CA GLY B 351 -22.60 -5.19 -4.62
C GLY B 351 -23.98 -5.13 -3.95
N GLY B 352 -24.43 -3.92 -3.67
CA GLY B 352 -25.71 -3.70 -2.99
C GLY B 352 -25.56 -2.67 -1.88
N ASN B 353 -26.26 -2.89 -0.77
CA ASN B 353 -26.34 -1.92 0.32
C ASN B 353 -27.10 -2.52 1.53
N GLY B 354 -26.62 -3.67 2.02
CA GLY B 354 -27.32 -4.40 3.09
C GLY B 354 -26.46 -4.69 4.29
N GLY B 360 -23.63 -9.20 6.34
CA GLY B 360 -22.82 -9.27 7.55
C GLY B 360 -21.43 -8.66 7.47
N VAL B 361 -20.90 -8.46 6.27
CA VAL B 361 -19.57 -7.86 6.13
C VAL B 361 -19.54 -6.43 6.65
N ALA B 362 -20.62 -5.67 6.39
CA ALA B 362 -20.72 -4.29 6.86
C ALA B 362 -20.66 -4.22 8.39
N ARG B 363 -21.32 -5.16 9.05
CA ARG B 363 -21.29 -5.27 10.51
C ARG B 363 -19.89 -5.60 11.01
N HIS B 364 -19.27 -6.65 10.47
CA HIS B 364 -17.89 -6.99 10.85
C HIS B 364 -16.95 -5.80 10.67
N LEU B 365 -17.15 -5.07 9.58
CA LEU B 365 -16.29 -3.92 9.26
C LEU B 365 -16.39 -2.81 10.28
N VAL B 366 -17.61 -2.41 10.63
CA VAL B 366 -17.77 -1.36 11.67
C VAL B 366 -17.28 -1.84 13.02
N ASN B 367 -17.50 -3.10 13.34
CA ASN B 367 -16.94 -3.69 14.57
C ASN B 367 -15.40 -3.62 14.59
N LEU B 368 -14.77 -4.08 13.51
CA LEU B 368 -13.31 -4.14 13.46
C LEU B 368 -12.68 -2.75 13.46
N GLU B 369 -13.37 -1.77 12.89
CA GLU B 369 -12.94 -0.36 12.98
C GLU B 369 -12.85 0.12 14.44
N VAL B 370 -13.78 -0.31 15.28
CA VAL B 370 -13.74 0.01 16.71
C VAL B 370 -12.64 -0.79 17.42
N VAL B 371 -12.60 -2.09 17.17
CA VAL B 371 -11.63 -2.98 17.80
C VAL B 371 -10.21 -2.49 17.54
N ASN B 372 -9.97 -2.01 16.33
CA ASN B 372 -8.66 -1.47 15.99
C ASN B 372 -8.28 -0.21 16.74
N THR B 373 -9.27 0.62 17.07
CA THR B 373 -9.05 1.94 17.68
C THR B 373 -9.39 1.97 19.18
N TYR B 374 -9.82 0.82 19.72
CA TYR B 374 -10.37 0.75 21.09
C TYR B 374 -9.39 1.19 22.17
N GLU B 375 -8.14 0.74 22.04
CA GLU B 375 -7.07 1.08 22.97
C GLU B 375 -6.58 2.51 22.76
N GLY B 376 -6.51 2.92 21.49
CA GLY B 376 -6.11 4.29 21.16
C GLY B 376 -5.97 4.52 19.66
N THR B 377 -5.79 5.77 19.29
CA THR B 377 -5.65 6.16 17.87
C THR B 377 -4.21 5.95 17.37
N HIS B 378 -3.22 6.09 18.25
CA HIS B 378 -1.82 5.92 17.89
C HIS B 378 -1.45 4.44 17.80
N ASP B 379 -0.42 4.15 17.00
CA ASP B 379 0.06 2.77 16.78
C ASP B 379 0.98 2.39 17.94
N ILE B 380 0.40 2.29 19.13
CA ILE B 380 1.16 2.04 20.34
C ILE B 380 1.94 0.71 20.25
N HIS B 381 1.35 -0.30 19.62
CA HIS B 381 2.05 -1.57 19.52
C HIS B 381 3.31 -1.48 18.64
N ALA B 382 3.25 -0.68 17.58
CA ALA B 382 4.44 -0.44 16.76
C ALA B 382 5.54 0.19 17.62
N LEU B 383 5.14 1.14 18.46
CA LEU B 383 6.08 1.83 19.35
C LEU B 383 6.64 0.96 20.46
N ILE B 384 5.82 0.07 21.01
CA ILE B 384 6.30 -0.96 21.93
C ILE B 384 7.40 -1.83 21.28
N LEU B 385 7.16 -2.25 20.04
CA LEU B 385 8.11 -3.10 19.31
C LEU B 385 9.37 -2.34 18.90
N GLY B 386 9.19 -1.10 18.46
CA GLY B 386 10.28 -0.21 18.13
C GLY B 386 11.20 0.01 19.31
N ARG B 387 10.62 0.28 20.47
CA ARG B 387 11.43 0.42 21.69
C ARG B 387 12.19 -0.86 22.04
N ALA B 388 11.53 -2.00 21.89
CA ALA B 388 12.13 -3.29 22.19
C ALA B 388 13.31 -3.63 21.26
N GLN B 389 13.27 -3.14 20.03
CA GLN B 389 14.36 -3.32 19.06
C GLN B 389 15.48 -2.33 19.25
N THR B 390 15.16 -1.10 19.64
CA THR B 390 16.11 0.01 19.58
C THR B 390 16.61 0.50 20.94
N GLY B 391 15.84 0.24 21.99
CA GLY B 391 16.11 0.78 23.31
C GLY B 391 15.72 2.24 23.48
N ILE B 392 15.09 2.82 22.45
CA ILE B 392 14.68 4.22 22.45
C ILE B 392 13.16 4.32 22.46
N GLN B 393 12.64 5.11 23.39
CA GLN B 393 11.23 5.44 23.56
C GLN B 393 10.80 6.49 22.52
N ALA B 394 9.67 6.27 21.85
CA ALA B 394 9.10 7.28 20.92
C ALA B 394 7.61 7.62 21.14
N PHE B 395 7.08 7.31 22.32
CA PHE B 395 5.66 7.58 22.64
C PHE B 395 5.37 9.08 22.76
N PHE B 396 6.29 9.80 23.39
CA PHE B 396 6.16 11.25 23.53
C PHE B 396 7.54 11.89 23.38
N ALA C 5 -14.35 14.22 -28.94
CA ALA C 5 -12.92 14.62 -28.88
C ALA C 5 -12.04 13.38 -28.81
N THR C 6 -10.79 13.48 -29.25
CA THR C 6 -9.93 12.31 -29.26
C THR C 6 -9.11 12.23 -27.95
N PHE C 7 -8.96 11.03 -27.43
CA PHE C 7 -8.20 10.79 -26.19
C PHE C 7 -6.71 10.68 -26.52
N HIS C 8 -5.88 11.36 -25.74
CA HIS C 8 -4.44 11.22 -25.86
C HIS C 8 -3.96 10.44 -24.65
N TRP C 9 -3.71 9.14 -24.81
CA TRP C 9 -3.37 8.29 -23.66
C TRP C 9 -2.11 8.77 -22.96
N ASP C 10 -1.19 9.35 -23.73
CA ASP C 10 0.08 9.80 -23.20
C ASP C 10 0.03 11.21 -22.62
N ASP C 11 -1.10 11.91 -22.78
CA ASP C 11 -1.27 13.26 -22.27
C ASP C 11 -2.76 13.55 -22.06
N PRO C 12 -3.39 12.82 -21.11
CA PRO C 12 -4.85 12.82 -21.04
C PRO C 12 -5.49 14.19 -20.84
N LEU C 13 -4.85 15.07 -20.06
CA LEU C 13 -5.38 16.41 -19.80
C LEU C 13 -4.78 17.47 -20.74
N LEU C 14 -4.10 17.02 -21.78
CA LEU C 14 -3.56 17.89 -22.83
C LEU C 14 -2.73 19.01 -22.24
N LEU C 15 -1.72 18.63 -21.47
CA LEU C 15 -0.74 19.56 -20.95
C LEU C 15 -0.20 20.41 -22.06
N ASP C 16 0.00 19.78 -23.23
CA ASP C 16 0.54 20.45 -24.39
C ASP C 16 -0.28 21.70 -24.72
N GLN C 17 -1.59 21.64 -24.52
CA GLN C 17 -2.50 22.76 -24.79
C GLN C 17 -2.63 23.80 -23.67
N GLN C 18 -2.04 23.52 -22.50
CA GLN C 18 -2.00 24.45 -21.37
C GLN C 18 -0.69 25.25 -21.34
N LEU C 19 0.19 24.98 -22.31
CA LEU C 19 1.44 25.70 -22.41
C LEU C 19 1.36 26.83 -23.43
N ALA C 20 2.08 27.91 -23.19
CA ALA C 20 2.22 28.96 -24.21
C ALA C 20 3.15 28.49 -25.32
N ASP C 21 3.12 29.21 -26.45
CA ASP C 21 3.96 28.88 -27.60
C ASP C 21 5.45 28.87 -27.27
N ASP C 22 5.91 29.87 -26.52
CA ASP C 22 7.33 29.94 -26.13
C ASP C 22 7.73 28.77 -25.25
N GLU C 23 6.80 28.31 -24.42
CA GLU C 23 7.06 27.19 -23.52
C GLU C 23 7.15 25.88 -24.29
N ARG C 24 6.23 25.68 -25.23
CA ARG C 24 6.31 24.52 -26.11
C ARG C 24 7.62 24.50 -26.91
N MET C 25 8.13 25.66 -27.28
CA MET C 25 9.37 25.78 -28.04
C MET C 25 10.59 25.39 -27.19
N VAL C 26 10.59 25.82 -25.92
CA VAL C 26 11.64 25.45 -24.97
C VAL C 26 11.61 23.95 -24.71
N ARG C 27 10.42 23.40 -24.48
CA ARG C 27 10.28 21.97 -24.23
C ARG C 27 10.84 21.19 -25.42
N ASP C 28 10.49 21.64 -26.61
CA ASP C 28 10.91 20.92 -27.82
C ASP C 28 12.42 21.03 -28.05
N ALA C 29 13.00 22.18 -27.71
CA ALA C 29 14.46 22.34 -27.79
C ALA C 29 15.19 21.43 -26.80
N ALA C 30 14.67 21.34 -25.58
CA ALA C 30 15.25 20.49 -24.54
C ALA C 30 15.13 19.01 -24.88
N HIS C 31 13.98 18.63 -25.42
CA HIS C 31 13.71 17.26 -25.89
C HIS C 31 14.68 16.86 -27.02
N ALA C 32 14.84 17.74 -28.00
CA ALA C 32 15.74 17.49 -29.14
C ALA C 32 17.17 17.31 -28.65
N TYR C 33 17.61 18.15 -27.71
CA TYR C 33 18.96 18.02 -27.18
C TYR C 33 19.12 16.72 -26.38
N ALA C 34 18.21 16.48 -25.45
CA ALA C 34 18.29 15.30 -24.59
C ALA C 34 18.24 14.01 -25.38
N GLN C 35 17.28 13.90 -26.30
CA GLN C 35 17.16 12.68 -27.12
C GLN C 35 18.30 12.55 -28.14
N GLY C 36 18.75 13.67 -28.68
CA GLY C 36 19.82 13.65 -29.68
C GLY C 36 21.23 13.47 -29.11
N LYS C 37 21.50 14.07 -27.96
CA LYS C 37 22.87 14.14 -27.42
C LYS C 37 23.10 13.41 -26.09
N LEU C 38 22.07 13.25 -25.27
CA LEU C 38 22.24 12.59 -23.97
C LEU C 38 21.86 11.12 -24.05
N ALA C 39 20.77 10.81 -24.74
CA ALA C 39 20.31 9.42 -24.89
C ALA C 39 21.39 8.48 -25.46
N PRO C 40 22.15 8.94 -26.47
CA PRO C 40 23.24 8.09 -26.99
C PRO C 40 24.41 7.83 -26.01
N ARG C 41 24.57 8.71 -25.04
CA ARG C 41 25.69 8.61 -24.09
C ARG C 41 25.38 7.79 -22.85
N VAL C 42 24.11 7.71 -22.48
CA VAL C 42 23.74 7.39 -21.08
C VAL C 42 24.08 5.96 -20.67
N THR C 43 23.88 5.00 -21.56
CA THR C 43 24.09 3.59 -21.20
C THR C 43 25.56 3.33 -20.81
N GLU C 44 26.48 3.83 -21.62
CA GLU C 44 27.90 3.71 -21.33
C GLU C 44 28.34 4.57 -20.12
N ALA C 45 27.85 5.80 -20.06
CA ALA C 45 28.17 6.71 -18.96
C ALA C 45 27.76 6.08 -17.62
N PHE C 46 26.57 5.49 -17.58
CA PHE C 46 26.09 4.89 -16.36
C PHE C 46 26.89 3.66 -16.01
N ARG C 47 27.20 2.84 -17.01
CA ARG C 47 27.98 1.62 -16.80
C ARG C 47 29.39 1.90 -16.27
N HIS C 48 30.09 2.85 -16.89
CA HIS C 48 31.49 3.15 -16.54
C HIS C 48 31.61 4.15 -15.40
N GLU C 49 30.48 4.76 -15.02
CA GLU C 49 30.41 5.77 -13.96
C GLU C 49 31.26 6.98 -14.32
N THR C 50 30.92 7.55 -15.46
CA THR C 50 31.60 8.74 -15.93
C THR C 50 30.64 9.67 -16.63
N THR C 51 31.15 10.86 -16.95
CA THR C 51 30.35 11.88 -17.60
C THR C 51 31.26 12.68 -18.52
N ASP C 52 30.74 13.05 -19.67
CA ASP C 52 31.46 13.92 -20.59
C ASP C 52 31.21 15.38 -20.18
N ALA C 53 32.26 16.05 -19.69
CA ALA C 53 32.16 17.43 -19.24
C ALA C 53 31.75 18.39 -20.36
N ALA C 54 31.89 17.94 -21.61
CA ALA C 54 31.45 18.70 -22.78
C ALA C 54 29.96 19.04 -22.76
N ILE C 55 29.17 18.24 -22.03
CA ILE C 55 27.74 18.43 -21.91
C ILE C 55 27.35 19.85 -21.42
N PHE C 56 28.16 20.44 -20.55
CA PHE C 56 27.85 21.76 -20.03
C PHE C 56 27.86 22.84 -21.13
N ARG C 57 28.88 22.82 -21.99
CA ARG C 57 28.95 23.77 -23.09
C ARG C 57 27.85 23.52 -24.13
N GLU C 58 27.49 22.24 -24.32
CA GLU C 58 26.38 21.91 -25.21
C GLU C 58 25.07 22.50 -24.69
N MET C 59 24.79 22.30 -23.41
CA MET C 59 23.56 22.81 -22.80
C MET C 59 23.55 24.33 -22.75
N GLY C 60 24.72 24.91 -22.48
CA GLY C 60 24.85 26.36 -22.42
C GLY C 60 24.56 27.00 -23.76
N GLU C 61 25.05 26.38 -24.83
CA GLU C 61 24.86 26.89 -26.19
C GLU C 61 23.37 26.95 -26.58
N ILE C 62 22.60 25.96 -26.15
CA ILE C 62 21.17 25.87 -26.41
C ILE C 62 20.33 26.78 -25.48
N GLY C 63 20.93 27.22 -24.38
CA GLY C 63 20.26 28.11 -23.42
C GLY C 63 19.48 27.38 -22.35
N LEU C 64 19.97 26.21 -21.95
CA LEU C 64 19.31 25.36 -20.94
C LEU C 64 19.87 25.56 -19.53
N LEU C 65 20.95 26.32 -19.40
CA LEU C 65 21.56 26.57 -18.09
C LEU C 65 21.11 27.91 -17.49
N GLY C 66 20.72 27.88 -16.23
CA GLY C 66 20.20 29.06 -15.56
C GLY C 66 18.96 29.63 -16.25
N PRO C 67 17.94 28.78 -16.48
CA PRO C 67 16.79 29.21 -17.27
C PRO C 67 16.11 30.49 -16.78
N THR C 68 16.09 30.73 -15.47
CA THR C 68 15.46 31.92 -14.91
C THR C 68 16.37 33.14 -14.80
N ILE C 69 17.65 32.99 -15.19
CA ILE C 69 18.60 34.10 -15.12
C ILE C 69 18.36 35.04 -16.30
N PRO C 70 18.29 36.37 -16.04
CA PRO C 70 18.05 37.33 -17.12
C PRO C 70 19.13 37.37 -18.20
N GLU C 71 18.75 37.81 -19.40
CA GLU C 71 19.66 37.93 -20.53
C GLU C 71 20.83 38.88 -20.29
N GLN C 72 20.61 39.90 -19.44
CA GLN C 72 21.66 40.82 -19.00
C GLN C 72 22.91 40.09 -18.50
N TYR C 73 22.72 38.93 -17.87
CA TYR C 73 23.83 38.16 -17.31
C TYR C 73 24.12 36.87 -18.09
N GLY C 74 23.61 36.79 -19.32
CA GLY C 74 23.88 35.66 -20.19
C GLY C 74 22.89 34.52 -20.13
N GLY C 75 21.92 34.59 -19.22
CA GLY C 75 20.90 33.55 -19.12
C GLY C 75 19.85 33.74 -20.20
N PRO C 76 18.95 32.76 -20.37
CA PRO C 76 17.93 32.87 -21.40
C PRO C 76 16.69 33.68 -21.00
N GLY C 77 16.63 34.16 -19.76
CA GLY C 77 15.52 35.00 -19.31
C GLY C 77 14.18 34.31 -19.36
N LEU C 78 14.12 33.04 -18.99
CA LEU C 78 12.85 32.28 -19.01
C LEU C 78 12.19 32.32 -17.64
N ASP C 79 11.09 31.59 -17.49
CA ASP C 79 10.34 31.56 -16.25
C ASP C 79 10.34 30.16 -15.64
N TYR C 80 9.68 30.01 -14.50
CA TYR C 80 9.69 28.73 -13.78
C TYR C 80 9.06 27.59 -14.56
N VAL C 81 7.98 27.85 -15.29
CA VAL C 81 7.38 26.76 -16.06
C VAL C 81 8.37 26.21 -17.11
N SER C 82 9.07 27.11 -17.79
CA SER C 82 10.14 26.70 -18.72
C SER C 82 11.26 25.91 -18.04
N TYR C 83 11.71 26.35 -16.87
CA TYR C 83 12.70 25.59 -16.09
C TYR C 83 12.22 24.15 -15.86
N GLY C 84 10.97 24.01 -15.44
CA GLY C 84 10.40 22.70 -15.16
C GLY C 84 10.35 21.82 -16.38
N LEU C 85 9.88 22.37 -17.50
CA LEU C 85 9.82 21.61 -18.73
C LEU C 85 11.20 21.10 -19.17
N ILE C 86 12.23 21.92 -18.98
CA ILE C 86 13.61 21.53 -19.32
C ILE C 86 14.04 20.37 -18.43
N ALA C 87 13.81 20.50 -17.12
CA ALA C 87 14.19 19.44 -16.18
C ALA C 87 13.53 18.11 -16.52
N ARG C 88 12.25 18.15 -16.85
CA ARG C 88 11.50 16.96 -17.24
C ARG C 88 12.07 16.28 -18.48
N GLU C 89 12.44 17.06 -19.49
CA GLU C 89 12.99 16.48 -20.71
C GLU C 89 14.37 15.87 -20.48
N VAL C 90 15.18 16.48 -19.62
CA VAL C 90 16.51 15.95 -19.36
C VAL C 90 16.43 14.68 -18.52
N GLU C 91 15.62 14.70 -17.46
CA GLU C 91 15.48 13.53 -16.58
C GLU C 91 14.74 12.38 -17.26
N ARG C 92 13.93 12.68 -18.28
CA ARG C 92 13.35 11.63 -19.12
C ARG C 92 14.46 10.70 -19.65
N VAL C 93 15.63 11.28 -19.92
CA VAL C 93 16.80 10.47 -20.27
C VAL C 93 17.49 9.91 -19.03
N ASP C 94 17.91 10.78 -18.12
CA ASP C 94 18.60 10.35 -16.89
C ASP C 94 18.64 11.40 -15.80
N SER C 95 18.35 10.99 -14.56
CA SER C 95 18.37 11.87 -13.38
C SER C 95 19.76 12.45 -13.12
N GLY C 96 20.79 11.74 -13.54
CA GLY C 96 22.17 12.21 -13.32
C GLY C 96 22.45 13.48 -14.09
N TYR C 97 22.01 13.50 -15.36
CA TYR C 97 22.10 14.69 -16.20
C TYR C 97 21.27 15.84 -15.68
N ARG C 98 20.07 15.54 -15.16
CA ARG C 98 19.25 16.56 -14.56
C ARG C 98 19.96 17.12 -13.31
N SER C 99 20.56 16.24 -12.50
CA SER C 99 21.28 16.69 -11.29
C SER C 99 22.40 17.69 -11.61
N MET C 100 23.16 17.40 -12.65
CA MET C 100 24.24 18.29 -13.06
C MET C 100 23.72 19.68 -13.44
N MET C 101 22.59 19.71 -14.14
CA MET C 101 21.94 20.96 -14.50
C MET C 101 21.32 21.69 -13.30
N SER C 102 20.68 20.94 -12.40
CA SER C 102 20.13 21.50 -11.13
C SER C 102 21.18 22.24 -10.35
N VAL C 103 22.35 21.63 -10.22
CA VAL C 103 23.44 22.23 -9.49
C VAL C 103 23.86 23.54 -10.18
N GLN C 104 24.10 23.49 -11.49
CA GLN C 104 24.54 24.67 -12.24
C GLN C 104 23.54 25.83 -12.12
N SER C 105 22.27 25.52 -12.31
CA SER C 105 21.21 26.53 -12.36
C SER C 105 20.77 27.01 -10.99
N SER C 106 20.21 26.10 -10.19
CA SER C 106 19.57 26.47 -8.92
C SER C 106 20.53 26.64 -7.75
N LEU C 107 21.63 25.89 -7.76
CA LEU C 107 22.54 25.92 -6.63
C LEU C 107 23.75 26.82 -6.78
N VAL C 108 24.05 27.29 -8.00
CA VAL C 108 25.22 28.13 -8.19
C VAL C 108 24.82 29.46 -8.81
N MET C 109 24.14 29.42 -9.95
CA MET C 109 23.73 30.66 -10.60
C MET C 109 22.73 31.45 -9.77
N VAL C 110 21.73 30.78 -9.21
CA VAL C 110 20.71 31.45 -8.40
C VAL C 110 21.27 32.23 -7.21
N PRO C 111 22.14 31.61 -6.39
CA PRO C 111 22.64 32.39 -5.25
C PRO C 111 23.56 33.55 -5.65
N ILE C 112 24.35 33.38 -6.70
CA ILE C 112 25.19 34.48 -7.17
C ILE C 112 24.28 35.62 -7.66
N PHE C 113 23.22 35.27 -8.38
CA PHE C 113 22.29 36.27 -8.92
C PHE C 113 21.51 36.99 -7.81
N GLU C 114 21.00 36.21 -6.85
CA GLU C 114 20.18 36.76 -5.76
C GLU C 114 21.00 37.53 -4.72
N PHE C 115 22.19 37.02 -4.38
CA PHE C 115 22.95 37.51 -3.21
C PHE C 115 24.32 38.12 -3.51
N GLY C 116 24.79 38.01 -4.74
CA GLY C 116 26.11 38.48 -5.11
C GLY C 116 26.16 39.97 -5.35
N SER C 117 27.39 40.49 -5.40
CA SER C 117 27.64 41.87 -5.82
C SER C 117 27.48 42.00 -7.33
N ASP C 118 27.36 43.23 -7.82
CA ASP C 118 27.34 43.46 -9.27
C ASP C 118 28.59 42.87 -9.95
N ALA C 119 29.75 43.02 -9.32
CA ALA C 119 31.00 42.50 -9.90
C ALA C 119 30.99 40.98 -10.00
N GLN C 120 30.52 40.31 -8.95
CA GLN C 120 30.41 38.85 -8.96
C GLN C 120 29.47 38.37 -10.05
N LYS C 121 28.32 39.04 -10.17
CA LYS C 121 27.31 38.68 -11.18
C LYS C 121 27.86 38.81 -12.60
N GLU C 122 28.56 39.91 -12.85
CA GLU C 122 29.12 40.18 -14.17
C GLU C 122 30.27 39.22 -14.53
N LYS C 123 30.99 38.75 -13.52
CA LYS C 123 32.12 37.85 -13.73
C LYS C 123 31.67 36.40 -13.92
N TYR C 124 30.87 35.90 -12.99
CA TYR C 124 30.57 34.48 -12.93
C TYR C 124 29.39 34.10 -13.79
N LEU C 125 28.33 34.89 -13.80
CA LEU C 125 27.10 34.42 -14.43
C LEU C 125 27.21 34.17 -15.94
N PRO C 126 27.88 35.06 -16.70
CA PRO C 126 27.91 34.79 -18.13
C PRO C 126 28.67 33.51 -18.48
N LYS C 127 29.71 33.20 -17.71
CA LYS C 127 30.51 31.98 -17.91
C LYS C 127 29.76 30.72 -17.47
N LEU C 128 29.00 30.83 -16.39
CA LEU C 128 28.16 29.72 -15.97
C LEU C 128 27.02 29.48 -16.96
N ALA C 129 26.46 30.56 -17.51
CA ALA C 129 25.34 30.47 -18.47
C ALA C 129 25.74 29.74 -19.76
N THR C 130 26.97 29.93 -20.22
CA THR C 130 27.43 29.29 -21.47
C THR C 130 27.97 27.88 -21.22
N GLY C 131 28.14 27.54 -19.95
CA GLY C 131 28.76 26.30 -19.57
C GLY C 131 30.27 26.28 -19.68
N GLU C 132 30.89 27.42 -19.99
CA GLU C 132 32.36 27.53 -20.04
C GLU C 132 32.94 27.26 -18.65
N TRP C 133 32.27 27.78 -17.64
CA TRP C 133 32.58 27.44 -16.24
C TRP C 133 31.49 26.55 -15.65
N ILE C 134 31.95 25.52 -14.93
CA ILE C 134 31.09 24.56 -14.28
C ILE C 134 31.05 24.89 -12.80
N GLY C 135 29.85 24.85 -12.23
CA GLY C 135 29.70 25.20 -10.82
C GLY C 135 29.36 24.03 -9.92
N CYS C 136 29.63 24.20 -8.63
CA CYS C 136 29.14 23.28 -7.61
CA CYS C 136 29.24 23.25 -7.59
C CYS C 136 28.87 24.02 -6.31
N PHE C 137 28.23 23.33 -5.38
CA PHE C 137 27.56 23.91 -4.21
C PHE C 137 27.95 23.09 -2.99
N GLY C 138 28.49 23.75 -1.96
CA GLY C 138 28.95 23.07 -0.77
C GLY C 138 28.16 23.49 0.45
N LEU C 139 27.28 22.62 0.93
CA LEU C 139 26.44 22.94 2.08
C LEU C 139 26.52 21.87 3.15
N THR C 140 26.11 20.66 2.80
CA THR C 140 25.89 19.62 3.79
C THR C 140 27.21 19.00 4.24
N GLU C 141 27.28 18.71 5.54
CA GLU C 141 28.47 18.17 6.19
C GLU C 141 28.07 16.96 7.02
N PRO C 142 29.04 16.10 7.40
CA PRO C 142 28.70 14.92 8.21
C PRO C 142 28.03 15.22 9.57
N ASN C 143 28.45 16.32 10.22
CA ASN C 143 27.94 16.65 11.56
C ASN C 143 26.52 17.26 11.59
N HIS C 144 25.92 17.52 10.44
CA HIS C 144 24.59 18.15 10.40
C HIS C 144 23.47 17.25 10.94
N GLY C 145 23.72 15.94 11.01
CA GLY C 145 22.73 15.01 11.55
C GLY C 145 22.44 15.21 13.02
N SER C 150 25.63 25.18 13.89
CA SER C 150 25.05 24.10 13.10
C SER C 150 26.15 23.36 12.31
N MET C 151 26.90 24.14 11.53
CA MET C 151 27.93 23.56 10.64
C MET C 151 29.37 23.86 11.07
N VAL C 152 30.25 22.92 10.72
CA VAL C 152 31.65 22.90 11.15
C VAL C 152 32.54 23.79 10.27
N THR C 153 32.27 23.83 8.97
CA THR C 153 33.12 24.57 8.04
C THR C 153 33.15 26.04 8.44
N ARG C 154 34.36 26.57 8.60
CA ARG C 154 34.57 27.89 9.21
C ARG C 154 35.43 28.79 8.34
N ALA C 155 34.98 30.02 8.14
CA ALA C 155 35.76 31.07 7.52
C ALA C 155 36.38 31.93 8.62
N ARG C 156 37.70 32.00 8.63
CA ARG C 156 38.43 32.85 9.56
C ARG C 156 38.86 34.08 8.79
N LYS C 157 38.62 35.26 9.38
CA LYS C 157 39.07 36.50 8.79
C LYS C 157 40.60 36.60 8.85
N VAL C 158 41.21 36.88 7.71
CA VAL C 158 42.67 37.06 7.61
C VAL C 158 42.94 38.32 6.77
N PRO C 159 44.18 38.82 6.80
CA PRO C 159 44.46 39.98 5.95
C PRO C 159 44.09 39.72 4.49
N GLY C 160 43.28 40.61 3.91
CA GLY C 160 42.85 40.51 2.51
C GLY C 160 41.67 39.61 2.21
N GLY C 161 41.13 38.91 3.21
CA GLY C 161 40.02 38.01 2.95
C GLY C 161 39.73 37.05 4.08
N TYR C 162 39.51 35.80 3.70
CA TYR C 162 39.03 34.76 4.60
C TYR C 162 39.82 33.49 4.34
N SER C 163 40.00 32.68 5.39
CA SER C 163 40.65 31.39 5.28
C SER C 163 39.65 30.32 5.70
N LEU C 164 39.25 29.47 4.76
CA LEU C 164 38.20 28.48 5.02
C LEU C 164 38.78 27.11 5.30
N SER C 165 38.24 26.46 6.31
CA SER C 165 38.62 25.09 6.64
C SER C 165 37.38 24.27 6.94
N GLY C 166 37.33 23.07 6.39
CA GLY C 166 36.22 22.17 6.62
C GLY C 166 36.05 21.22 5.45
N SER C 167 34.93 20.51 5.43
CA SER C 167 34.63 19.60 4.33
C SER C 167 33.13 19.46 4.12
N LYS C 168 32.76 19.29 2.86
CA LYS C 168 31.37 19.14 2.45
C LYS C 168 31.25 17.77 1.76
N MET C 169 30.06 17.18 1.97
N MET C 169 30.14 17.07 1.96
CA MET C 169 29.71 15.82 1.57
CA MET C 169 30.05 15.71 1.40
C MET C 169 29.39 15.75 0.10
C MET C 169 29.07 15.66 0.24
N TRP C 170 29.29 14.53 -0.42
N TRP C 170 29.32 14.75 -0.70
CA TRP C 170 29.33 14.33 -1.85
CA TRP C 170 28.37 14.39 -1.74
C TRP C 170 28.52 15.35 -2.63
C TRP C 170 27.96 15.59 -2.59
N ILE C 171 29.30 16.18 -3.32
N ILE C 171 28.92 16.07 -3.37
CA ILE C 171 28.83 17.32 -4.10
CA ILE C 171 28.77 17.32 -4.10
C ILE C 171 28.85 16.91 -5.58
C ILE C 171 28.86 17.05 -5.60
N THR C 172 27.70 16.99 -6.24
CA THR C 172 27.61 16.76 -7.68
C THR C 172 28.37 17.86 -8.44
N ASN C 173 29.16 17.46 -9.44
CA ASN C 173 30.04 18.36 -10.22
C ASN C 173 31.40 18.73 -9.61
N SER C 174 31.65 18.44 -8.33
CA SER C 174 32.83 19.03 -7.66
C SER C 174 34.19 18.70 -8.31
N PRO C 175 34.39 17.46 -8.81
CA PRO C 175 35.71 17.19 -9.42
C PRO C 175 35.97 17.86 -10.77
N ILE C 176 34.94 18.38 -11.43
CA ILE C 176 35.11 19.08 -12.71
C ILE C 176 34.74 20.55 -12.62
N ALA C 177 34.40 21.03 -11.43
CA ALA C 177 33.90 22.40 -11.28
C ALA C 177 35.02 23.42 -11.34
N ASP C 178 34.66 24.58 -11.88
CA ASP C 178 35.54 25.74 -11.92
C ASP C 178 35.22 26.73 -10.82
N VAL C 179 33.95 26.75 -10.41
CA VAL C 179 33.39 27.70 -9.46
C VAL C 179 32.69 26.93 -8.36
N PHE C 180 32.95 27.30 -7.10
CA PHE C 180 32.35 26.63 -5.94
C PHE C 180 31.63 27.66 -5.09
N VAL C 181 30.37 27.41 -4.78
CA VAL C 181 29.61 28.23 -3.81
C VAL C 181 29.58 27.43 -2.51
N VAL C 182 30.27 27.93 -1.50
CA VAL C 182 30.43 27.22 -0.23
C VAL C 182 29.85 28.05 0.91
N TRP C 183 29.10 27.37 1.79
CA TRP C 183 28.51 28.01 2.95
C TRP C 183 29.33 27.64 4.18
N ALA C 184 29.70 28.66 4.95
CA ALA C 184 30.58 28.48 6.09
C ALA C 184 30.24 29.49 7.18
N LYS C 185 30.62 29.16 8.42
CA LYS C 185 30.39 30.05 9.55
C LYS C 185 31.50 31.10 9.65
N LEU C 186 31.10 32.35 9.85
CA LEU C 186 32.03 33.47 10.01
C LEU C 186 31.70 34.17 11.33
N ASP C 187 32.68 34.34 12.21
CA ASP C 187 32.49 35.13 13.43
C ASP C 187 32.28 36.60 13.08
N GLU C 188 31.09 37.12 13.36
CA GLU C 188 30.78 38.54 13.16
C GLU C 188 30.42 39.17 14.50
N ASP C 189 31.33 40.00 15.02
CA ASP C 189 31.15 40.67 16.30
C ASP C 189 30.77 39.68 17.41
N GLY C 190 31.45 38.55 17.43
CA GLY C 190 31.30 37.58 18.52
C GLY C 190 30.29 36.48 18.31
N ARG C 191 29.50 36.57 17.23
CA ARG C 191 28.50 35.56 16.90
C ARG C 191 28.81 34.90 15.57
N ASP C 192 28.58 33.60 15.47
CA ASP C 192 28.76 32.90 14.19
C ASP C 192 27.55 33.15 13.29
N GLU C 193 27.83 33.53 12.04
CA GLU C 193 26.78 33.74 11.04
C GLU C 193 27.13 32.88 9.83
N ILE C 194 26.12 32.28 9.20
CA ILE C 194 26.36 31.51 7.98
C ILE C 194 26.49 32.49 6.82
N ARG C 195 27.59 32.39 6.08
CA ARG C 195 27.84 33.23 4.90
C ARG C 195 28.21 32.34 3.73
N GLY C 196 28.04 32.86 2.51
CA GLY C 196 28.37 32.15 1.28
C GLY C 196 29.61 32.74 0.65
N PHE C 197 30.49 31.87 0.15
CA PHE C 197 31.75 32.28 -0.43
C PHE C 197 31.87 31.65 -1.81
N ILE C 198 32.48 32.39 -2.74
CA ILE C 198 32.76 31.88 -4.08
C ILE C 198 34.24 31.51 -4.20
N LEU C 199 34.53 30.23 -4.39
CA LEU C 199 35.91 29.77 -4.60
C LEU C 199 36.12 29.35 -6.05
N GLU C 200 37.36 29.44 -6.52
CA GLU C 200 37.72 28.99 -7.85
C GLU C 200 38.62 27.75 -7.75
N LYS C 201 38.63 26.93 -8.80
CA LYS C 201 39.23 25.59 -8.73
C LYS C 201 40.71 25.56 -8.39
N GLY C 202 41.45 26.60 -8.76
CA GLY C 202 42.88 26.70 -8.47
C GLY C 202 43.27 27.08 -7.05
N CYS C 203 42.28 27.41 -6.21
CA CYS C 203 42.53 27.76 -4.80
C CYS C 203 43.44 26.73 -4.13
N LYS C 204 44.56 27.17 -3.57
CA LYS C 204 45.57 26.25 -3.01
C LYS C 204 44.99 25.28 -1.96
N GLY C 205 44.23 25.81 -1.01
CA GLY C 205 43.66 24.98 0.05
C GLY C 205 42.40 24.20 -0.29
N LEU C 206 42.03 24.14 -1.57
CA LEU C 206 40.81 23.46 -2.03
C LEU C 206 41.15 22.15 -2.73
N SER C 207 40.52 21.06 -2.31
CA SER C 207 40.57 19.81 -3.06
C SER C 207 39.16 19.27 -3.24
N ALA C 208 38.92 18.64 -4.39
CA ALA C 208 37.62 18.19 -4.78
C ALA C 208 37.69 16.74 -5.26
N PRO C 209 37.99 15.82 -4.33
CA PRO C 209 38.20 14.43 -4.72
C PRO C 209 36.93 13.75 -5.20
N ALA C 210 37.04 13.01 -6.30
CA ALA C 210 35.91 12.28 -6.85
C ALA C 210 35.54 11.06 -5.98
N ILE C 211 34.27 10.70 -6.04
CA ILE C 211 33.71 9.55 -5.36
C ILE C 211 33.13 8.63 -6.42
N HIS C 212 33.51 7.36 -6.38
CA HIS C 212 32.98 6.34 -7.28
C HIS C 212 32.47 5.15 -6.50
N GLY C 213 31.83 4.20 -7.18
CA GLY C 213 31.19 3.07 -6.54
C GLY C 213 29.72 3.31 -6.21
N LYS C 214 29.14 4.34 -6.83
CA LYS C 214 27.73 4.69 -6.60
C LYS C 214 26.80 3.63 -7.16
N VAL C 215 25.63 3.51 -6.55
CA VAL C 215 24.59 2.60 -7.03
C VAL C 215 23.70 3.33 -8.03
N GLY C 216 23.23 4.52 -7.65
CA GLY C 216 22.48 5.41 -8.54
C GLY C 216 23.23 6.68 -8.91
N LEU C 217 22.69 7.41 -9.88
CA LEU C 217 23.26 8.65 -10.36
C LEU C 217 24.69 8.45 -10.87
N ARG C 218 24.96 7.28 -11.42
CA ARG C 218 26.29 6.96 -11.93
C ARG C 218 26.70 7.78 -13.15
N ALA C 219 25.73 8.30 -13.92
CA ALA C 219 26.04 9.16 -15.08
C ALA C 219 26.51 10.57 -14.68
N SER C 220 26.43 10.92 -13.40
CA SER C 220 26.86 12.24 -12.91
C SER C 220 28.14 12.09 -12.10
N ILE C 221 29.12 12.97 -12.33
CA ILE C 221 30.35 12.96 -11.54
C ILE C 221 30.09 13.64 -10.21
N THR C 222 30.52 12.98 -9.14
CA THR C 222 30.28 13.43 -7.79
C THR C 222 31.58 13.40 -7.04
N GLY C 223 31.73 14.30 -6.07
CA GLY C 223 32.90 14.33 -5.23
C GLY C 223 32.66 15.10 -3.96
N GLU C 224 33.71 15.29 -3.17
CA GLU C 224 33.64 16.08 -1.95
C GLU C 224 34.26 17.44 -2.20
N ILE C 225 34.14 18.33 -1.21
CA ILE C 225 34.92 19.57 -1.19
C ILE C 225 35.64 19.52 0.12
N VAL C 226 36.96 19.66 0.06
CA VAL C 226 37.80 19.67 1.25
C VAL C 226 38.59 20.98 1.25
N LEU C 227 38.45 21.73 2.34
CA LEU C 227 39.08 23.02 2.49
C LEU C 227 40.06 22.97 3.65
N ASP C 228 41.32 23.31 3.37
CA ASP C 228 42.37 23.37 4.39
C ASP C 228 43.05 24.73 4.23
N GLU C 229 42.60 25.69 5.03
CA GLU C 229 43.05 27.08 4.93
C GLU C 229 42.95 27.58 3.47
N ALA C 230 41.78 27.37 2.86
CA ALA C 230 41.50 27.85 1.51
C ALA C 230 41.28 29.36 1.56
N PHE C 231 42.18 30.11 0.92
CA PHE C 231 42.06 31.57 0.92
C PHE C 231 40.98 32.05 -0.06
N VAL C 232 40.08 32.89 0.45
CA VAL C 232 39.08 33.55 -0.37
C VAL C 232 39.23 35.06 -0.21
N PRO C 233 39.47 35.79 -1.30
CA PRO C 233 39.65 37.25 -1.18
C PRO C 233 38.38 37.95 -0.72
N GLU C 234 38.53 39.14 -0.13
CA GLU C 234 37.37 39.87 0.43
C GLU C 234 36.22 40.04 -0.56
N GLU C 235 36.55 40.23 -1.84
CA GLU C 235 35.55 40.47 -2.86
C GLU C 235 34.72 39.25 -3.26
N ASN C 236 35.02 38.07 -2.70
CA ASN C 236 34.33 36.84 -3.06
C ASN C 236 33.38 36.30 -1.99
N ILE C 237 33.10 37.10 -0.97
CA ILE C 237 32.01 36.76 -0.04
C ILE C 237 30.73 37.28 -0.67
N LEU C 238 29.64 36.52 -0.57
CA LEU C 238 28.34 37.01 -1.04
C LEU C 238 27.85 38.08 -0.06
N PRO C 239 27.71 39.34 -0.53
CA PRO C 239 27.44 40.41 0.42
C PRO C 239 25.99 40.56 0.92
N HIS C 240 25.00 40.04 0.18
CA HIS C 240 23.59 40.39 0.43
C HIS C 240 22.76 39.28 1.08
N VAL C 241 23.41 38.35 1.76
CA VAL C 241 22.67 37.33 2.51
C VAL C 241 23.48 36.84 3.71
N LYS C 242 22.78 36.52 4.79
CA LYS C 242 23.36 35.77 5.90
C LYS C 242 22.31 34.83 6.49
N GLY C 243 22.76 33.77 7.13
CA GLY C 243 21.90 32.78 7.73
C GLY C 243 21.37 31.77 6.71
N LEU C 244 20.39 31.00 7.16
CA LEU C 244 19.86 29.87 6.40
C LEU C 244 19.12 30.28 5.13
N ARG C 245 18.62 31.52 5.09
CA ARG C 245 17.93 32.04 3.90
C ARG C 245 18.76 31.84 2.63
N GLY C 246 20.09 31.97 2.75
CA GLY C 246 20.99 31.77 1.62
C GLY C 246 20.87 30.38 1.03
N PRO C 247 21.34 29.35 1.76
CA PRO C 247 21.23 28.00 1.20
C PRO C 247 19.78 27.54 0.94
N PHE C 248 18.83 27.98 1.76
CA PHE C 248 17.42 27.55 1.60
C PHE C 248 16.75 28.06 0.32
N THR C 249 17.12 29.27 -0.10
CA THR C 249 16.63 29.79 -1.38
C THR C 249 17.06 28.88 -2.52
N CYS C 250 18.33 28.47 -2.50
CA CYS C 250 18.88 27.57 -3.51
C CYS C 250 18.15 26.22 -3.50
N LEU C 251 17.98 25.65 -2.31
CA LEU C 251 17.35 24.32 -2.20
C LEU C 251 15.92 24.37 -2.68
N ASN C 252 15.20 25.42 -2.33
CA ASN C 252 13.84 25.57 -2.82
C ASN C 252 13.72 25.58 -4.32
N SER C 253 14.64 26.30 -4.98
CA SER C 253 14.69 26.36 -6.43
C SER C 253 14.98 24.98 -7.00
N ALA C 254 15.97 24.31 -6.44
CA ALA C 254 16.35 22.99 -6.93
C ALA C 254 15.24 21.96 -6.77
N ARG C 255 14.56 21.99 -5.63
CA ARG C 255 13.47 21.03 -5.38
C ARG C 255 12.33 21.18 -6.38
N TYR C 256 12.05 22.41 -6.83
CA TYR C 256 11.07 22.62 -7.88
C TYR C 256 11.46 21.90 -9.18
N GLY C 257 12.73 21.97 -9.57
CA GLY C 257 13.19 21.28 -10.78
C GLY C 257 13.15 19.78 -10.63
N ILE C 258 13.46 19.30 -9.44
CA ILE C 258 13.38 17.86 -9.14
C ILE C 258 11.94 17.35 -9.24
N ALA C 259 10.97 18.15 -8.80
CA ALA C 259 9.56 17.77 -8.89
C ALA C 259 9.12 17.54 -10.34
N TRP C 260 9.62 18.34 -11.27
CA TRP C 260 9.31 18.15 -12.68
C TRP C 260 10.12 17.00 -13.27
N GLY C 261 11.39 16.93 -12.89
CA GLY C 261 12.29 15.94 -13.42
C GLY C 261 11.83 14.55 -13.11
N ALA C 262 11.41 14.33 -11.87
CA ALA C 262 11.00 12.99 -11.44
C ALA C 262 9.84 12.48 -12.29
N LEU C 263 8.96 13.39 -12.71
CA LEU C 263 7.83 13.00 -13.56
C LEU C 263 8.28 12.59 -14.97
N GLY C 264 9.37 13.17 -15.46
CA GLY C 264 9.97 12.73 -16.72
C GLY C 264 10.52 11.32 -16.62
N ALA C 265 11.25 11.02 -15.55
CA ALA C 265 11.73 9.65 -15.35
C ALA C 265 10.56 8.66 -15.22
N ALA C 266 9.51 9.05 -14.50
CA ALA C 266 8.32 8.21 -14.35
C ALA C 266 7.68 7.92 -15.69
N GLU C 267 7.55 8.96 -16.51
CA GLU C 267 6.98 8.82 -17.86
C GLU C 267 7.79 7.84 -18.70
N SER C 268 9.11 7.93 -18.64
CA SER C 268 9.95 6.97 -19.37
C SER C 268 9.70 5.53 -18.92
N CYS C 269 9.62 5.31 -17.61
CA CYS C 269 9.33 3.98 -17.07
C CYS C 269 7.97 3.46 -17.55
N TRP C 270 6.96 4.32 -17.46
CA TRP C 270 5.61 3.97 -17.95
C TRP C 270 5.61 3.58 -19.43
N HIS C 271 6.21 4.42 -20.27
CA HIS C 271 6.26 4.15 -21.71
C HIS C 271 6.98 2.84 -22.02
N ILE C 272 8.09 2.59 -21.32
CA ILE C 272 8.84 1.35 -21.51
C ILE C 272 7.99 0.14 -21.11
N ALA C 273 7.34 0.22 -19.94
CA ALA C 273 6.50 -0.90 -19.47
C ALA C 273 5.33 -1.18 -20.41
N ARG C 274 4.68 -0.11 -20.87
CA ARG C 274 3.56 -0.27 -21.79
C ARG C 274 4.01 -0.94 -23.09
N GLN C 275 5.12 -0.49 -23.64
CA GLN C 275 5.60 -1.07 -24.89
C GLN C 275 6.01 -2.55 -24.68
N TYR C 276 6.60 -2.83 -23.51
CA TYR C 276 7.04 -4.20 -23.20
C TYR C 276 5.86 -5.19 -23.16
N VAL C 277 4.80 -4.82 -22.45
CA VAL C 277 3.65 -5.72 -22.30
C VAL C 277 2.85 -5.86 -23.58
N LEU C 278 3.01 -4.91 -24.50
CA LEU C 278 2.46 -5.05 -25.84
C LEU C 278 3.26 -6.07 -26.64
N ASP C 279 4.59 -6.04 -26.51
CA ASP C 279 5.47 -6.90 -27.29
C ASP C 279 5.58 -8.34 -26.81
N ARG C 280 5.53 -8.55 -25.50
CA ARG C 280 5.74 -9.89 -24.93
C ARG C 280 4.42 -10.62 -24.74
N LYS C 281 4.47 -11.94 -24.94
CA LYS C 281 3.28 -12.78 -24.85
C LYS C 281 3.37 -13.82 -23.74
N GLN C 282 2.21 -14.28 -23.29
CA GLN C 282 2.11 -15.41 -22.38
C GLN C 282 0.74 -16.04 -22.59
N PHE C 283 0.74 -17.36 -22.78
CA PHE C 283 -0.48 -18.11 -23.09
C PHE C 283 -1.12 -17.67 -24.41
N GLY C 284 -0.29 -17.27 -25.37
CA GLY C 284 -0.76 -16.94 -26.72
C GLY C 284 -1.35 -15.56 -26.93
N ARG C 285 -1.16 -14.66 -25.97
CA ARG C 285 -1.65 -13.28 -26.08
C ARG C 285 -0.69 -12.30 -25.41
N PRO C 286 -0.73 -11.02 -25.81
CA PRO C 286 0.18 -10.08 -25.14
C PRO C 286 -0.07 -10.02 -23.64
N LEU C 287 0.98 -9.72 -22.89
CA LEU C 287 0.86 -9.52 -21.45
C LEU C 287 -0.19 -8.43 -21.15
N ALA C 288 -0.33 -7.49 -22.08
CA ALA C 288 -1.27 -6.37 -21.92
C ALA C 288 -2.73 -6.82 -21.87
N ALA C 289 -2.99 -8.07 -22.24
CA ALA C 289 -4.34 -8.63 -22.14
C ALA C 289 -4.78 -8.97 -20.72
N ASN C 290 -3.84 -8.95 -19.77
CA ASN C 290 -4.11 -9.31 -18.38
C ASN C 290 -4.64 -8.14 -17.58
N GLN C 291 -5.71 -8.37 -16.82
CA GLN C 291 -6.31 -7.29 -16.04
C GLN C 291 -5.33 -6.71 -15.04
N LEU C 292 -4.52 -7.57 -14.43
CA LEU C 292 -3.55 -7.12 -13.43
C LEU C 292 -2.56 -6.12 -14.02
N ILE C 293 -2.12 -6.40 -15.24
CA ILE C 293 -1.22 -5.50 -15.97
C ILE C 293 -1.91 -4.19 -16.33
N GLN C 294 -3.14 -4.29 -16.84
CA GLN C 294 -3.91 -3.10 -17.16
C GLN C 294 -4.15 -2.18 -15.97
N LYS C 295 -4.40 -2.77 -14.81
CA LYS C 295 -4.57 -2.00 -13.58
C LYS C 295 -3.31 -1.19 -13.26
N LYS C 296 -2.14 -1.79 -13.43
CA LYS C 296 -0.90 -1.08 -13.19
C LYS C 296 -0.69 0.08 -14.16
N LEU C 297 -0.96 -0.14 -15.44
CA LEU C 297 -0.88 0.92 -16.46
C LEU C 297 -1.83 2.08 -16.15
N ALA C 298 -3.03 1.75 -15.67
CA ALA C 298 -4.01 2.80 -15.29
C ALA C 298 -3.49 3.66 -14.15
N ASP C 299 -2.92 3.01 -13.14
CA ASP C 299 -2.33 3.73 -11.99
C ASP C 299 -1.16 4.62 -12.42
N MET C 300 -0.30 4.13 -13.32
CA MET C 300 0.84 4.93 -13.75
C MET C 300 0.36 6.19 -14.46
N GLN C 301 -0.59 5.99 -15.37
CA GLN C 301 -1.17 7.07 -16.13
C GLN C 301 -1.83 8.11 -15.22
N THR C 302 -2.60 7.63 -14.25
CA THR C 302 -3.31 8.54 -13.35
C THR C 302 -2.34 9.40 -12.55
N GLU C 303 -1.35 8.79 -11.93
CA GLU C 303 -0.48 9.54 -11.03
C GLU C 303 0.40 10.53 -11.78
N ILE C 304 0.86 10.17 -12.97
CA ILE C 304 1.66 11.09 -13.78
C ILE C 304 0.80 12.27 -14.21
N THR C 305 -0.42 12.00 -14.68
CA THR C 305 -1.32 13.03 -15.17
C THR C 305 -1.64 14.04 -14.08
N LEU C 306 -1.97 13.55 -12.89
CA LEU C 306 -2.26 14.43 -11.76
C LEU C 306 -1.02 15.18 -11.26
N GLY C 307 0.11 14.47 -11.21
CA GLY C 307 1.37 15.07 -10.80
C GLY C 307 1.76 16.25 -11.66
N LEU C 308 1.61 16.09 -12.97
CA LEU C 308 1.92 17.16 -13.92
C LEU C 308 1.03 18.40 -13.74
N GLN C 309 -0.27 18.22 -13.48
CA GLN C 309 -1.15 19.37 -13.22
C GLN C 309 -0.67 20.11 -11.99
N GLY C 310 -0.19 19.35 -11.01
CA GLY C 310 0.35 19.92 -9.80
C GLY C 310 1.56 20.80 -10.00
N VAL C 311 2.57 20.28 -10.69
CA VAL C 311 3.80 21.04 -10.88
C VAL C 311 3.59 22.21 -11.82
N LEU C 312 2.70 22.06 -12.79
CA LEU C 312 2.37 23.17 -13.68
C LEU C 312 1.72 24.31 -12.90
N ARG C 313 0.74 23.96 -12.08
CA ARG C 313 0.08 24.98 -11.26
C ARG C 313 1.09 25.68 -10.34
N LEU C 314 1.97 24.90 -9.72
CA LEU C 314 3.02 25.47 -8.87
C LEU C 314 3.91 26.44 -9.65
N GLY C 315 4.33 26.03 -10.84
CA GLY C 315 5.14 26.90 -11.70
C GLY C 315 4.46 28.22 -12.05
N ARG C 316 3.18 28.13 -12.41
CA ARG C 316 2.36 29.31 -12.69
C ARG C 316 2.27 30.24 -11.48
N MET C 317 2.10 29.67 -10.28
CA MET C 317 2.07 30.46 -9.05
C MET C 317 3.42 31.11 -8.73
N LYS C 318 4.50 30.37 -8.90
CA LYS C 318 5.84 30.92 -8.67
C LYS C 318 6.13 32.09 -9.61
N ASP C 319 5.67 31.97 -10.85
CA ASP C 319 5.86 33.04 -11.84
C ASP C 319 5.01 34.30 -11.51
N GLU C 320 3.86 34.09 -10.85
CA GLU C 320 2.97 35.17 -10.38
C GLU C 320 3.37 35.73 -9.02
N GLY C 321 4.19 34.99 -8.27
CA GLY C 321 4.56 35.40 -6.92
C GLY C 321 3.54 35.04 -5.84
N THR C 322 2.69 34.04 -6.11
CA THR C 322 1.66 33.63 -5.16
C THR C 322 1.96 32.30 -4.47
N ALA C 323 3.15 31.72 -4.72
CA ALA C 323 3.50 30.40 -4.19
C ALA C 323 4.33 30.49 -2.90
N ALA C 324 3.75 30.00 -1.80
CA ALA C 324 4.49 29.83 -0.55
C ALA C 324 5.38 28.61 -0.65
N VAL C 325 6.47 28.60 0.13
CA VAL C 325 7.47 27.53 0.07
C VAL C 325 6.91 26.13 0.39
N GLU C 326 5.88 26.07 1.23
CA GLU C 326 5.29 24.78 1.60
C GLU C 326 4.72 24.02 0.40
N ILE C 327 4.29 24.74 -0.64
CA ILE C 327 3.73 24.08 -1.82
C ILE C 327 4.80 23.25 -2.53
N THR C 328 6.04 23.71 -2.49
CA THR C 328 7.17 22.95 -3.03
C THR C 328 7.31 21.60 -2.30
N SER C 329 7.07 21.58 -0.99
CA SER C 329 7.08 20.32 -0.24
C SER C 329 5.99 19.37 -0.72
N ILE C 330 4.78 19.88 -0.97
CA ILE C 330 3.72 19.05 -1.53
C ILE C 330 4.17 18.41 -2.83
N MET C 331 4.70 19.22 -3.74
CA MET C 331 4.98 18.72 -5.08
C MET C 331 6.25 17.90 -5.15
N LYS C 332 7.30 18.29 -4.42
CA LYS C 332 8.52 17.49 -4.45
C LYS C 332 8.22 16.10 -3.88
N ARG C 333 7.53 16.08 -2.75
CA ARG C 333 7.22 14.82 -2.08
C ARG C 333 6.34 13.94 -2.97
N ASN C 334 5.32 14.55 -3.59
CA ASN C 334 4.42 13.79 -4.46
C ASN C 334 5.15 13.25 -5.71
N SER C 335 5.86 14.11 -6.43
CA SER C 335 6.56 13.69 -7.66
C SER C 335 7.58 12.60 -7.39
N CYS C 336 8.41 12.79 -6.37
CA CYS C 336 9.50 11.83 -6.11
C CYS C 336 8.94 10.51 -5.61
N GLY C 337 7.95 10.58 -4.74
CA GLY C 337 7.32 9.37 -4.20
C GLY C 337 6.57 8.56 -5.25
N LYS C 338 5.75 9.24 -6.03
CA LYS C 338 4.94 8.56 -7.05
C LYS C 338 5.82 8.05 -8.20
N ALA C 339 6.87 8.81 -8.54
CA ALA C 339 7.81 8.37 -9.58
C ALA C 339 8.51 7.08 -9.18
N LEU C 340 8.98 7.02 -7.94
CA LEU C 340 9.62 5.82 -7.43
C LEU C 340 8.62 4.65 -7.45
N ASP C 341 7.40 4.88 -7.01
CA ASP C 341 6.34 3.82 -7.05
C ASP C 341 6.15 3.32 -8.49
N ILE C 342 6.10 4.25 -9.44
CA ILE C 342 5.92 3.88 -10.84
C ILE C 342 7.12 3.10 -11.38
N ALA C 343 8.33 3.49 -11.02
CA ALA C 343 9.53 2.79 -11.49
C ALA C 343 9.55 1.37 -10.91
N ARG C 344 9.10 1.23 -9.67
CA ARG C 344 8.98 -0.10 -9.06
C ARG C 344 7.94 -0.98 -9.73
N LEU C 345 6.76 -0.42 -10.01
CA LEU C 345 5.72 -1.12 -10.74
C LEU C 345 6.21 -1.57 -12.13
N ALA C 346 6.87 -0.66 -12.85
CA ALA C 346 7.44 -0.96 -14.16
C ALA C 346 8.52 -2.04 -14.08
N ARG C 347 9.43 -1.92 -13.12
CA ARG C 347 10.50 -2.90 -12.93
C ARG C 347 9.91 -4.28 -12.70
N ASP C 348 8.89 -4.35 -11.85
CA ASP C 348 8.28 -5.63 -11.51
C ASP C 348 7.49 -6.27 -12.68
N MET C 349 7.17 -5.47 -13.71
N MET C 349 7.16 -5.48 -13.70
CA MET C 349 6.51 -5.96 -14.91
CA MET C 349 6.53 -5.99 -14.92
C MET C 349 7.49 -6.55 -15.94
C MET C 349 7.52 -6.67 -15.86
N LEU C 350 8.79 -6.30 -15.78
CA LEU C 350 9.81 -6.82 -16.70
C LEU C 350 10.41 -8.14 -16.26
N GLY C 351 10.64 -9.03 -17.23
CA GLY C 351 11.43 -10.25 -17.02
C GLY C 351 12.88 -10.05 -17.49
N GLY C 352 13.65 -11.12 -17.50
CA GLY C 352 15.07 -11.02 -17.84
C GLY C 352 15.89 -10.40 -16.71
N ASN C 353 17.00 -9.76 -17.06
CA ASN C 353 18.00 -9.32 -16.08
C ASN C 353 19.12 -8.45 -16.68
N GLY C 354 18.76 -7.30 -17.21
CA GLY C 354 19.72 -6.20 -17.44
C GLY C 354 20.40 -6.06 -18.79
N ILE C 355 20.13 -6.98 -19.72
CA ILE C 355 20.75 -6.90 -21.06
C ILE C 355 19.91 -6.09 -22.06
N SER C 356 18.58 -6.16 -21.94
CA SER C 356 17.68 -5.53 -22.90
C SER C 356 17.47 -4.04 -22.64
N ASP C 357 17.09 -3.32 -23.70
CA ASP C 357 16.82 -1.88 -23.65
C ASP C 357 15.77 -1.48 -22.60
N GLU C 358 14.85 -2.40 -22.31
CA GLU C 358 13.81 -2.13 -21.31
C GLU C 358 14.40 -1.96 -19.91
N PHE C 359 15.60 -2.52 -19.67
CA PHE C 359 16.27 -2.34 -18.38
C PHE C 359 16.97 -0.99 -18.20
N GLY C 360 16.70 -0.07 -19.12
CA GLY C 360 16.73 1.36 -18.78
C GLY C 360 15.83 1.63 -17.58
N VAL C 361 14.81 0.80 -17.38
CA VAL C 361 13.96 0.92 -16.19
C VAL C 361 14.75 0.72 -14.90
N ALA C 362 15.68 -0.24 -14.91
CA ALA C 362 16.50 -0.52 -13.71
C ALA C 362 17.40 0.66 -13.37
N ARG C 363 17.86 1.38 -14.41
CA ARG C 363 18.65 2.60 -14.22
C ARG C 363 17.81 3.73 -13.62
N HIS C 364 16.63 3.99 -14.19
CA HIS C 364 15.73 5.00 -13.65
C HIS C 364 15.38 4.69 -12.18
N LEU C 365 15.19 3.42 -11.89
CA LEU C 365 14.80 2.97 -10.56
C LEU C 365 15.88 3.30 -9.54
N VAL C 366 17.13 2.89 -9.82
CA VAL C 366 18.20 3.19 -8.85
C VAL C 366 18.47 4.68 -8.75
N ASN C 367 18.30 5.42 -9.83
CA ASN C 367 18.42 6.86 -9.78
C ASN C 367 17.37 7.46 -8.84
N LEU C 368 16.13 7.02 -9.02
CA LEU C 368 15.03 7.57 -8.23
C LEU C 368 15.13 7.20 -6.74
N GLU C 369 15.78 6.08 -6.44
CA GLU C 369 16.00 5.67 -5.06
C GLU C 369 17.01 6.59 -4.35
N VAL C 370 17.96 7.14 -5.12
CA VAL C 370 18.89 8.12 -4.58
C VAL C 370 18.17 9.45 -4.45
N VAL C 371 17.54 9.90 -5.54
CA VAL C 371 16.91 11.22 -5.59
C VAL C 371 15.89 11.37 -4.45
N ASN C 372 15.09 10.33 -4.24
CA ASN C 372 14.09 10.30 -3.19
C ASN C 372 14.70 10.51 -1.80
N THR C 373 15.93 10.04 -1.60
CA THR C 373 16.56 10.07 -0.30
C THR C 373 17.89 10.83 -0.27
N TYR C 374 18.18 11.60 -1.32
CA TYR C 374 19.45 12.34 -1.42
C TYR C 374 19.67 13.29 -0.23
N GLU C 375 18.58 13.85 0.30
CA GLU C 375 18.62 14.55 1.59
C GLU C 375 17.98 13.70 2.71
N GLY C 376 17.07 12.80 2.34
CA GLY C 376 16.41 11.87 3.26
C GLY C 376 15.08 12.48 3.67
N THR C 377 14.26 12.79 2.68
CA THR C 377 13.29 13.87 2.79
C THR C 377 11.79 13.55 2.55
N HIS C 378 11.42 12.38 2.02
CA HIS C 378 9.96 12.12 1.83
C HIS C 378 9.23 12.34 3.18
N ASP C 379 9.80 11.78 4.25
CA ASP C 379 9.24 11.94 5.59
C ASP C 379 9.37 13.39 6.11
N ILE C 380 10.49 14.05 5.87
CA ILE C 380 10.65 15.44 6.35
C ILE C 380 9.65 16.41 5.69
N HIS C 381 9.41 16.22 4.40
CA HIS C 381 8.41 17.04 3.70
C HIS C 381 7.00 16.82 4.28
N ALA C 382 6.65 15.58 4.61
CA ALA C 382 5.39 15.31 5.32
C ALA C 382 5.27 16.11 6.61
N LEU C 383 6.36 16.18 7.37
CA LEU C 383 6.33 16.88 8.66
C LEU C 383 6.32 18.40 8.48
N ILE C 384 6.88 18.89 7.38
CA ILE C 384 6.72 20.30 7.03
C ILE C 384 5.24 20.64 6.83
N LEU C 385 4.56 19.77 6.09
CA LEU C 385 3.15 19.97 5.79
C LEU C 385 2.28 19.74 7.03
N GLY C 386 2.67 18.76 7.86
CA GLY C 386 1.98 18.56 9.14
C GLY C 386 2.02 19.78 10.04
N ARG C 387 3.21 20.37 10.17
CA ARG C 387 3.36 21.57 10.98
C ARG C 387 2.57 22.74 10.42
N ALA C 388 2.56 22.89 9.10
CA ALA C 388 1.81 23.97 8.45
C ALA C 388 0.29 23.85 8.68
N GLN C 389 -0.22 22.62 8.77
CA GLN C 389 -1.65 22.37 9.04
C GLN C 389 -2.05 22.50 10.50
N THR C 390 -1.15 22.15 11.41
CA THR C 390 -1.48 21.98 12.81
C THR C 390 -0.89 23.04 13.74
N GLY C 391 0.14 23.73 13.27
CA GLY C 391 0.96 24.60 14.10
C GLY C 391 1.78 23.90 15.18
N ILE C 392 1.98 22.60 15.04
CA ILE C 392 2.73 21.81 16.00
C ILE C 392 3.88 21.10 15.28
N GLN C 393 5.10 21.24 15.81
CA GLN C 393 6.26 20.57 15.19
C GLN C 393 6.39 19.15 15.72
N ALA C 394 6.70 18.21 14.82
CA ALA C 394 6.94 16.81 15.19
C ALA C 394 8.32 16.33 14.71
N PHE C 395 9.22 17.27 14.40
CA PHE C 395 10.56 16.92 13.93
C PHE C 395 11.45 16.35 15.02
N PHE C 396 11.34 16.91 16.22
CA PHE C 396 12.21 16.54 17.32
C PHE C 396 11.56 16.81 18.68
N ALA D 4 7.04 36.36 1.21
CA ALA D 4 5.94 37.31 0.86
C ALA D 4 4.59 36.59 0.68
N ALA D 5 4.61 35.44 0.01
CA ALA D 5 3.38 34.69 -0.24
C ALA D 5 2.94 33.91 0.99
N THR D 6 1.63 33.94 1.27
CA THR D 6 1.04 33.25 2.40
C THR D 6 0.60 31.85 1.97
N PHE D 7 0.86 30.85 2.81
CA PHE D 7 0.40 29.48 2.53
C PHE D 7 -1.04 29.31 3.02
N HIS D 8 -1.89 28.72 2.19
CA HIS D 8 -3.26 28.38 2.56
C HIS D 8 -3.37 26.89 2.71
N TRP D 9 -3.31 26.38 3.95
CA TRP D 9 -3.26 24.92 4.18
C TRP D 9 -4.48 24.21 3.64
N ASP D 10 -5.62 24.90 3.67
CA ASP D 10 -6.87 24.31 3.25
C ASP D 10 -7.11 24.41 1.73
N ASP D 11 -6.22 25.15 1.04
CA ASP D 11 -6.35 25.36 -0.41
C ASP D 11 -4.96 25.71 -0.97
N PRO D 12 -4.02 24.77 -0.91
CA PRO D 12 -2.62 25.10 -1.20
C PRO D 12 -2.37 25.71 -2.58
N LEU D 13 -3.11 25.24 -3.59
CA LEU D 13 -2.93 25.74 -4.96
C LEU D 13 -3.92 26.85 -5.33
N LEU D 14 -4.61 27.41 -4.33
CA LEU D 14 -5.50 28.54 -4.51
C LEU D 14 -6.51 28.28 -5.63
N LEU D 15 -7.23 27.17 -5.50
CA LEU D 15 -8.35 26.86 -6.43
C LEU D 15 -9.28 28.05 -6.55
N ASP D 16 -9.54 28.69 -5.41
CA ASP D 16 -10.38 29.88 -5.37
C ASP D 16 -9.98 30.89 -6.45
N GLN D 17 -8.67 31.08 -6.65
CA GLN D 17 -8.16 32.05 -7.62
C GLN D 17 -8.17 31.53 -9.06
N GLN D 18 -8.40 30.23 -9.25
CA GLN D 18 -8.51 29.64 -10.59
C GLN D 18 -9.94 29.65 -11.15
N LEU D 19 -10.88 30.08 -10.31
CA LEU D 19 -12.27 30.17 -10.70
C LEU D 19 -12.63 31.57 -11.20
N ALA D 20 -13.54 31.62 -12.16
CA ALA D 20 -14.16 32.86 -12.60
C ALA D 20 -15.08 33.40 -11.51
N ASP D 21 -15.33 34.71 -11.52
CA ASP D 21 -16.21 35.33 -10.52
C ASP D 21 -17.60 34.69 -10.46
N ASP D 22 -18.16 34.32 -11.60
CA ASP D 22 -19.51 33.73 -11.64
C ASP D 22 -19.52 32.30 -11.12
N GLU D 23 -18.40 31.59 -11.27
CA GLU D 23 -18.23 30.24 -10.72
C GLU D 23 -18.11 30.30 -9.20
N ARG D 24 -17.39 31.30 -8.70
CA ARG D 24 -17.30 31.52 -7.26
C ARG D 24 -18.66 31.82 -6.67
N MET D 25 -19.48 32.57 -7.40
CA MET D 25 -20.82 32.92 -6.94
C MET D 25 -21.72 31.69 -6.87
N VAL D 26 -21.63 30.81 -7.88
CA VAL D 26 -22.37 29.55 -7.86
C VAL D 26 -21.93 28.69 -6.67
N ARG D 27 -20.62 28.53 -6.50
CA ARG D 27 -20.10 27.76 -5.37
C ARG D 27 -20.63 28.32 -4.05
N ASP D 28 -20.59 29.64 -3.88
CA ASP D 28 -21.01 30.25 -2.62
C ASP D 28 -22.51 30.07 -2.35
N ALA D 29 -23.32 30.13 -3.40
CA ALA D 29 -24.76 29.90 -3.29
C ALA D 29 -25.06 28.45 -2.89
N ALA D 30 -24.36 27.50 -3.51
CA ALA D 30 -24.53 26.08 -3.18
C ALA D 30 -24.07 25.80 -1.74
N HIS D 31 -22.97 26.43 -1.34
CA HIS D 31 -22.44 26.31 0.03
C HIS D 31 -23.44 26.86 1.07
N ALA D 32 -23.97 28.05 0.79
CA ALA D 32 -24.97 28.67 1.65
C ALA D 32 -26.20 27.78 1.83
N TYR D 33 -26.67 27.17 0.75
CA TYR D 33 -27.82 26.29 0.82
C TYR D 33 -27.48 25.00 1.57
N ALA D 34 -26.37 24.35 1.20
CA ALA D 34 -26.02 23.07 1.81
C ALA D 34 -25.80 23.24 3.32
N GLN D 35 -25.03 24.24 3.70
CA GLN D 35 -24.71 24.45 5.11
C GLN D 35 -25.94 24.95 5.89
N GLY D 36 -26.75 25.81 5.25
CA GLY D 36 -27.92 26.37 5.90
C GLY D 36 -29.14 25.48 5.97
N LYS D 37 -29.33 24.59 4.99
CA LYS D 37 -30.56 23.80 4.87
C LYS D 37 -30.37 22.29 4.93
N LEU D 38 -29.23 21.78 4.48
CA LEU D 38 -28.99 20.34 4.49
C LEU D 38 -28.24 19.91 5.77
N ALA D 39 -27.25 20.70 6.19
CA ALA D 39 -26.48 20.37 7.39
C ALA D 39 -27.34 20.18 8.66
N PRO D 40 -28.32 21.06 8.90
CA PRO D 40 -29.20 20.85 10.06
C PRO D 40 -30.09 19.60 9.99
N ARG D 41 -30.31 19.07 8.79
CA ARG D 41 -31.16 17.91 8.59
C ARG D 41 -30.42 16.57 8.69
N VAL D 42 -29.13 16.56 8.34
CA VAL D 42 -28.45 15.31 7.92
C VAL D 42 -28.34 14.24 9.00
N THR D 43 -28.03 14.65 10.23
CA THR D 43 -27.81 13.69 11.30
C THR D 43 -29.06 12.85 11.60
N GLU D 44 -30.22 13.50 11.73
CA GLU D 44 -31.48 12.80 11.96
C GLU D 44 -31.98 12.07 10.71
N ALA D 45 -31.76 12.66 9.53
CA ALA D 45 -32.17 12.02 8.27
C ALA D 45 -31.43 10.71 8.06
N PHE D 46 -30.12 10.73 8.33
CA PHE D 46 -29.30 9.53 8.20
C PHE D 46 -29.66 8.47 9.24
N ARG D 47 -29.79 8.88 10.51
CA ARG D 47 -30.10 7.96 11.58
C ARG D 47 -31.42 7.23 11.34
N HIS D 48 -32.46 7.96 10.99
CA HIS D 48 -33.80 7.38 10.84
C HIS D 48 -34.19 7.05 9.40
N GLU D 49 -33.26 7.27 8.46
CA GLU D 49 -33.47 6.91 7.06
C GLU D 49 -34.73 7.58 6.52
N THR D 50 -34.77 8.91 6.63
CA THR D 50 -35.88 9.71 6.13
C THR D 50 -35.37 10.77 5.16
N THR D 51 -36.11 10.96 4.07
CA THR D 51 -35.81 11.98 3.07
C THR D 51 -36.98 12.95 2.97
N ASP D 52 -36.68 14.24 3.11
CA ASP D 52 -37.67 15.29 2.93
C ASP D 52 -37.72 15.68 1.45
N ALA D 53 -38.77 15.24 0.76
CA ALA D 53 -38.95 15.53 -0.67
C ALA D 53 -39.00 17.02 -1.00
N ALA D 54 -39.29 17.85 0.01
CA ALA D 54 -39.23 19.31 -0.14
C ALA D 54 -37.86 19.80 -0.61
N ILE D 55 -36.83 19.02 -0.33
CA ILE D 55 -35.47 19.38 -0.73
C ILE D 55 -35.38 19.62 -2.25
N PHE D 56 -36.11 18.84 -3.04
CA PHE D 56 -36.04 19.02 -4.50
C PHE D 56 -36.53 20.41 -4.92
N ARG D 57 -37.63 20.86 -4.32
CA ARG D 57 -38.17 22.19 -4.59
C ARG D 57 -37.24 23.30 -4.11
N GLU D 58 -36.56 23.07 -2.99
CA GLU D 58 -35.57 24.01 -2.47
C GLU D 58 -34.39 24.15 -3.43
N MET D 59 -33.84 23.02 -3.88
CA MET D 59 -32.73 23.03 -4.83
C MET D 59 -33.13 23.64 -6.18
N GLY D 60 -34.34 23.33 -6.63
CA GLY D 60 -34.83 23.81 -7.91
C GLY D 60 -34.98 25.32 -7.92
N GLU D 61 -35.52 25.86 -6.83
CA GLU D 61 -35.71 27.32 -6.68
C GLU D 61 -34.43 28.13 -6.88
N ILE D 62 -33.30 27.60 -6.42
CA ILE D 62 -32.03 28.33 -6.52
C ILE D 62 -31.17 27.83 -7.68
N GLY D 63 -31.73 26.95 -8.51
CA GLY D 63 -31.11 26.55 -9.76
C GLY D 63 -30.01 25.52 -9.65
N LEU D 64 -30.16 24.60 -8.70
CA LEU D 64 -29.18 23.54 -8.50
C LEU D 64 -29.54 22.22 -9.22
N LEU D 65 -30.76 22.13 -9.76
CA LEU D 65 -31.18 20.93 -10.50
C LEU D 65 -30.97 21.10 -12.00
N GLY D 66 -30.29 20.14 -12.61
CA GLY D 66 -29.89 20.19 -14.01
C GLY D 66 -29.06 21.42 -14.35
N PRO D 67 -27.89 21.59 -13.67
CA PRO D 67 -27.12 22.83 -13.86
C PRO D 67 -26.74 23.14 -15.30
N THR D 68 -26.48 22.11 -16.11
CA THR D 68 -26.05 22.31 -17.50
C THR D 68 -27.23 22.46 -18.47
N ILE D 69 -28.45 22.23 -17.99
CA ILE D 69 -29.65 22.30 -18.85
C ILE D 69 -29.98 23.78 -19.18
N PRO D 70 -30.20 24.10 -20.46
CA PRO D 70 -30.46 25.49 -20.87
C PRO D 70 -31.70 26.15 -20.23
N GLU D 71 -31.66 27.47 -20.16
CA GLU D 71 -32.77 28.27 -19.59
C GLU D 71 -34.08 28.10 -20.35
N GLN D 72 -33.97 27.82 -21.65
CA GLN D 72 -35.15 27.51 -22.48
C GLN D 72 -36.04 26.46 -21.81
N TYR D 73 -35.45 25.50 -21.11
CA TYR D 73 -36.20 24.40 -20.52
C TYR D 73 -36.29 24.47 -19.00
N GLY D 74 -36.06 25.67 -18.44
CA GLY D 74 -36.14 25.86 -16.99
C GLY D 74 -34.85 25.67 -16.21
N GLY D 75 -33.81 25.18 -16.87
CA GLY D 75 -32.52 25.02 -16.21
C GLY D 75 -31.77 26.34 -16.05
N PRO D 76 -30.69 26.35 -15.24
CA PRO D 76 -29.94 27.58 -14.97
C PRO D 76 -28.89 27.92 -16.04
N GLY D 77 -28.63 27.02 -16.98
CA GLY D 77 -27.74 27.30 -18.10
C GLY D 77 -26.29 27.48 -17.69
N LEU D 78 -25.85 26.69 -16.72
CA LEU D 78 -24.47 26.76 -16.23
C LEU D 78 -23.61 25.79 -17.02
N ASP D 79 -22.32 25.77 -16.71
CA ASP D 79 -21.37 24.92 -17.41
C ASP D 79 -20.91 23.79 -16.49
N TYR D 80 -20.00 22.95 -16.99
CA TYR D 80 -19.56 21.79 -16.22
C TYR D 80 -18.78 22.14 -14.97
N VAL D 81 -17.96 23.18 -14.99
CA VAL D 81 -17.23 23.55 -13.78
C VAL D 81 -18.20 23.93 -12.66
N SER D 82 -19.22 24.71 -13.01
CA SER D 82 -20.30 25.03 -12.08
C SER D 82 -21.03 23.80 -11.53
N TYR D 83 -21.35 22.85 -12.40
CA TYR D 83 -21.99 21.59 -11.97
C TYR D 83 -21.10 20.93 -10.92
N GLY D 84 -19.81 20.86 -11.22
CA GLY D 84 -18.85 20.26 -10.30
C GLY D 84 -18.80 20.95 -8.94
N LEU D 85 -18.71 22.27 -8.94
CA LEU D 85 -18.64 23.04 -7.70
C LEU D 85 -19.88 22.82 -6.84
N ILE D 86 -21.04 22.70 -7.46
CA ILE D 86 -22.28 22.43 -6.75
C ILE D 86 -22.26 21.06 -6.11
N ALA D 87 -21.90 20.03 -6.88
CA ALA D 87 -21.81 18.67 -6.35
C ALA D 87 -20.91 18.60 -5.13
N ARG D 88 -19.75 19.27 -5.22
CA ARG D 88 -18.79 19.30 -4.15
C ARG D 88 -19.37 19.94 -2.87
N GLU D 89 -20.08 21.05 -3.00
CA GLU D 89 -20.67 21.71 -1.84
C GLU D 89 -21.79 20.88 -1.20
N VAL D 90 -22.57 20.18 -2.01
CA VAL D 90 -23.64 19.33 -1.47
C VAL D 90 -23.06 18.09 -0.78
N GLU D 91 -22.14 17.41 -1.45
CA GLU D 91 -21.53 16.19 -0.88
C GLU D 91 -20.67 16.47 0.36
N ARG D 92 -20.14 17.69 0.46
CA ARG D 92 -19.46 18.14 1.68
C ARG D 92 -20.35 17.93 2.92
N VAL D 93 -21.66 18.08 2.71
CA VAL D 93 -22.63 17.76 3.75
C VAL D 93 -22.95 16.27 3.75
N ASP D 94 -23.43 15.74 2.64
CA ASP D 94 -23.73 14.31 2.57
C ASP D 94 -23.87 13.79 1.16
N SER D 95 -23.27 12.63 0.90
CA SER D 95 -23.38 11.96 -0.40
C SER D 95 -24.82 11.58 -0.79
N GLY D 96 -25.68 11.31 0.18
CA GLY D 96 -27.08 10.99 -0.10
C GLY D 96 -27.79 12.14 -0.79
N TYR D 97 -27.56 13.35 -0.30
CA TYR D 97 -28.11 14.53 -0.92
C TYR D 97 -27.53 14.79 -2.30
N ARG D 98 -26.23 14.55 -2.45
CA ARG D 98 -25.62 14.70 -3.75
C ARG D 98 -26.21 13.67 -4.70
N SER D 99 -26.44 12.44 -4.22
CA SER D 99 -27.01 11.38 -5.09
C SER D 99 -28.38 11.77 -5.64
N MET D 100 -29.22 12.36 -4.80
CA MET D 100 -30.54 12.87 -5.24
C MET D 100 -30.44 13.87 -6.39
N MET D 101 -29.51 14.80 -6.25
N MET D 101 -29.51 14.81 -6.27
CA MET D 101 -29.22 15.79 -7.29
CA MET D 101 -29.30 15.82 -7.31
C MET D 101 -28.69 15.17 -8.56
C MET D 101 -28.62 15.24 -8.56
N SER D 102 -27.73 14.26 -8.37
CA SER D 102 -27.07 13.57 -9.49
C SER D 102 -28.11 12.88 -10.34
N VAL D 103 -29.03 12.19 -9.69
CA VAL D 103 -30.06 11.46 -10.38
C VAL D 103 -30.93 12.44 -11.16
N GLN D 104 -31.42 13.48 -10.49
CA GLN D 104 -32.27 14.47 -11.16
C GLN D 104 -31.58 15.09 -12.37
N SER D 105 -30.33 15.53 -12.19
CA SER D 105 -29.62 16.27 -13.21
C SER D 105 -29.11 15.36 -14.34
N SER D 106 -28.24 14.43 -13.99
CA SER D 106 -27.49 13.65 -14.98
C SER D 106 -28.24 12.43 -15.46
N LEU D 107 -29.07 11.83 -14.63
CA LEU D 107 -29.73 10.58 -15.01
C LEU D 107 -31.16 10.75 -15.54
N VAL D 108 -31.75 11.92 -15.37
CA VAL D 108 -33.12 12.15 -15.81
C VAL D 108 -33.19 13.34 -16.78
N MET D 109 -32.70 14.50 -16.38
CA MET D 109 -32.78 15.68 -17.24
C MET D 109 -31.87 15.55 -18.47
N VAL D 110 -30.65 15.05 -18.29
CA VAL D 110 -29.71 14.86 -19.41
C VAL D 110 -30.26 13.96 -20.53
N PRO D 111 -30.73 12.74 -20.20
CA PRO D 111 -31.22 11.95 -21.32
C PRO D 111 -32.45 12.52 -22.03
N ILE D 112 -33.35 13.17 -21.29
CA ILE D 112 -34.51 13.79 -21.94
C ILE D 112 -34.06 14.95 -22.84
N PHE D 113 -33.11 15.75 -22.35
CA PHE D 113 -32.55 16.83 -23.15
C PHE D 113 -31.79 16.33 -24.39
N GLU D 114 -30.96 15.31 -24.22
CA GLU D 114 -30.12 14.83 -25.31
C GLU D 114 -30.88 13.98 -26.32
N PHE D 115 -31.81 13.17 -25.84
CA PHE D 115 -32.42 12.14 -26.69
C PHE D 115 -33.90 12.26 -26.89
N GLY D 116 -34.55 13.16 -26.17
CA GLY D 116 -36.01 13.28 -26.22
C GLY D 116 -36.49 14.09 -27.39
N SER D 117 -37.78 13.94 -27.70
CA SER D 117 -38.44 14.77 -28.68
C SER D 117 -38.61 16.17 -28.12
N ASP D 118 -38.90 17.11 -29.02
CA ASP D 118 -39.29 18.48 -28.66
C ASP D 118 -40.39 18.50 -27.60
N ALA D 119 -41.44 17.71 -27.82
CA ALA D 119 -42.58 17.64 -26.89
C ALA D 119 -42.18 17.15 -25.51
N GLN D 120 -41.35 16.11 -25.46
CA GLN D 120 -40.85 15.58 -24.20
C GLN D 120 -40.04 16.62 -23.44
N LYS D 121 -39.20 17.36 -24.15
CA LYS D 121 -38.35 18.35 -23.50
C LYS D 121 -39.19 19.47 -22.90
N GLU D 122 -40.19 19.92 -23.65
CA GLU D 122 -41.10 20.98 -23.21
C GLU D 122 -41.97 20.56 -22.02
N LYS D 123 -42.37 19.30 -22.00
CA LYS D 123 -43.23 18.76 -20.93
C LYS D 123 -42.49 18.52 -19.63
N TYR D 124 -41.40 17.75 -19.70
CA TYR D 124 -40.74 17.25 -18.50
C TYR D 124 -39.67 18.17 -17.93
N LEU D 125 -38.83 18.76 -18.76
CA LEU D 125 -37.65 19.45 -18.24
C LEU D 125 -37.95 20.62 -17.30
N PRO D 126 -38.91 21.48 -17.65
CA PRO D 126 -39.20 22.60 -16.74
C PRO D 126 -39.70 22.17 -15.38
N LYS D 127 -40.51 21.12 -15.30
CA LYS D 127 -40.97 20.63 -14.01
C LYS D 127 -39.88 19.92 -13.23
N LEU D 128 -38.98 19.23 -13.93
CA LEU D 128 -37.79 18.65 -13.29
C LEU D 128 -36.85 19.74 -12.77
N ALA D 129 -36.69 20.82 -13.54
CA ALA D 129 -35.78 21.91 -13.17
C ALA D 129 -36.19 22.62 -11.87
N THR D 130 -37.49 22.77 -11.66
CA THR D 130 -38.01 23.40 -10.45
C THR D 130 -38.11 22.44 -9.28
N GLY D 131 -37.98 21.15 -9.55
CA GLY D 131 -38.18 20.14 -8.52
C GLY D 131 -39.64 19.78 -8.26
N GLU D 132 -40.56 20.38 -9.02
CA GLU D 132 -41.97 20.04 -8.88
C GLU D 132 -42.20 18.58 -9.19
N TRP D 133 -41.51 18.06 -10.21
CA TRP D 133 -41.50 16.64 -10.47
C TRP D 133 -40.11 16.09 -10.13
N ILE D 134 -40.12 14.93 -9.51
CA ILE D 134 -38.91 14.26 -9.06
C ILE D 134 -38.69 13.09 -10.00
N GLY D 135 -37.46 12.93 -10.47
CA GLY D 135 -37.13 11.90 -11.45
C GLY D 135 -36.33 10.73 -10.88
N CYS D 136 -36.37 9.60 -11.59
CA CYS D 136 -35.47 8.48 -11.31
C CYS D 136 -35.10 7.72 -12.59
N PHE D 137 -34.09 6.87 -12.47
CA PHE D 137 -33.37 6.25 -13.58
C PHE D 137 -33.31 4.75 -13.34
N GLY D 138 -33.96 3.98 -14.19
CA GLY D 138 -34.07 2.54 -14.03
C GLY D 138 -33.24 1.81 -15.07
N LEU D 139 -32.03 1.43 -14.67
CA LEU D 139 -31.13 0.67 -15.51
C LEU D 139 -30.81 -0.67 -14.86
N THR D 140 -30.30 -0.59 -13.62
CA THR D 140 -29.86 -1.73 -12.81
C THR D 140 -30.97 -2.70 -12.50
N GLU D 141 -30.69 -3.98 -12.66
CA GLU D 141 -31.64 -5.04 -12.38
C GLU D 141 -31.13 -5.97 -11.29
N PRO D 142 -32.04 -6.73 -10.65
CA PRO D 142 -31.56 -7.71 -9.69
C PRO D 142 -30.66 -8.75 -10.36
N ASN D 143 -29.47 -8.95 -9.81
CA ASN D 143 -28.52 -9.98 -10.29
C ASN D 143 -28.61 -10.30 -11.79
N PRO D 148 -26.16 -3.84 -18.15
CA PRO D 148 -26.72 -3.09 -19.27
C PRO D 148 -27.12 -3.99 -20.44
N GLY D 149 -26.16 -4.66 -21.07
CA GLY D 149 -26.45 -5.63 -22.11
C GLY D 149 -27.09 -6.90 -21.57
N SER D 150 -26.88 -7.16 -20.28
CA SER D 150 -27.44 -8.34 -19.62
C SER D 150 -28.91 -8.19 -19.21
N MET D 151 -29.49 -7.00 -19.39
CA MET D 151 -30.81 -6.73 -18.81
C MET D 151 -31.93 -7.58 -19.40
N VAL D 152 -32.92 -7.90 -18.57
CA VAL D 152 -34.06 -8.73 -18.93
C VAL D 152 -35.38 -7.92 -19.05
N THR D 153 -35.39 -6.68 -18.57
CA THR D 153 -36.58 -5.83 -18.72
C THR D 153 -36.84 -5.63 -20.21
N ARG D 154 -38.09 -5.83 -20.62
CA ARG D 154 -38.42 -5.91 -22.04
C ARG D 154 -39.65 -5.08 -22.37
N ALA D 155 -39.55 -4.38 -23.50
CA ALA D 155 -40.65 -3.63 -24.11
C ALA D 155 -41.18 -4.44 -25.30
N ARG D 156 -42.49 -4.50 -25.43
CA ARG D 156 -43.16 -5.17 -26.56
C ARG D 156 -43.98 -4.11 -27.28
N LYS D 157 -43.85 -4.03 -28.61
CA LYS D 157 -44.68 -3.10 -29.38
C LYS D 157 -46.13 -3.58 -29.39
N VAL D 158 -47.04 -2.67 -29.02
CA VAL D 158 -48.48 -2.93 -29.11
C VAL D 158 -49.14 -1.74 -29.82
N PRO D 159 -50.41 -1.88 -30.25
CA PRO D 159 -51.09 -0.76 -30.87
C PRO D 159 -51.05 0.49 -29.99
N GLY D 160 -50.48 1.58 -30.51
CA GLY D 160 -50.42 2.84 -29.78
C GLY D 160 -49.25 3.03 -28.84
N GLY D 161 -48.39 2.03 -28.73
CA GLY D 161 -47.28 2.17 -27.80
C GLY D 161 -46.53 0.89 -27.49
N TYR D 162 -46.18 0.73 -26.22
CA TYR D 162 -45.33 -0.34 -25.77
C TYR D 162 -45.87 -0.90 -24.47
N SER D 163 -45.63 -2.18 -24.23
CA SER D 163 -45.92 -2.78 -22.93
C SER D 163 -44.59 -3.20 -22.32
N LEU D 164 -44.30 -2.72 -21.11
CA LEU D 164 -43.02 -3.04 -20.43
C LEU D 164 -43.22 -4.00 -19.26
N SER D 165 -42.33 -4.99 -19.16
CA SER D 165 -42.32 -5.89 -18.03
C SER D 165 -40.90 -6.12 -17.56
N GLY D 166 -40.72 -6.14 -16.25
CA GLY D 166 -39.41 -6.40 -15.65
C GLY D 166 -39.27 -5.71 -14.31
N SER D 167 -38.03 -5.66 -13.83
CA SER D 167 -37.76 -5.16 -12.51
C SER D 167 -36.42 -4.43 -12.49
N LYS D 168 -36.39 -3.27 -11.82
CA LYS D 168 -35.15 -2.55 -11.58
C LYS D 168 -34.91 -2.44 -10.07
N MET D 169 -33.65 -2.46 -9.67
CA MET D 169 -33.30 -2.53 -8.26
C MET D 169 -32.33 -1.41 -7.89
N TRP D 170 -32.41 -0.95 -6.64
CA TRP D 170 -31.54 0.10 -6.08
C TRP D 170 -31.67 1.41 -6.85
N ILE D 171 -32.91 1.85 -7.01
CA ILE D 171 -33.19 3.03 -7.81
C ILE D 171 -33.40 4.22 -6.91
N THR D 172 -32.42 5.13 -6.90
CA THR D 172 -32.50 6.33 -6.06
C THR D 172 -33.69 7.18 -6.49
N ASN D 173 -34.45 7.67 -5.52
CA ASN D 173 -35.68 8.48 -5.71
C ASN D 173 -36.95 7.72 -6.09
N SER D 174 -36.87 6.43 -6.44
CA SER D 174 -38.04 5.79 -7.05
C SER D 174 -39.33 5.88 -6.21
N PRO D 175 -39.26 5.71 -4.87
CA PRO D 175 -40.55 5.74 -4.14
C PRO D 175 -41.23 7.11 -4.04
N ILE D 176 -40.51 8.18 -4.40
CA ILE D 176 -41.07 9.53 -4.40
C ILE D 176 -41.08 10.16 -5.81
N ALA D 177 -40.68 9.38 -6.82
CA ALA D 177 -40.57 9.90 -8.19
C ALA D 177 -41.93 10.09 -8.88
N ASP D 178 -41.99 11.14 -9.69
CA ASP D 178 -43.09 11.43 -10.60
C ASP D 178 -42.80 10.92 -12.02
N VAL D 179 -41.52 10.92 -12.35
CA VAL D 179 -41.04 10.65 -13.69
C VAL D 179 -39.99 9.55 -13.61
N PHE D 180 -40.12 8.55 -14.48
CA PHE D 180 -39.22 7.40 -14.49
C PHE D 180 -38.61 7.26 -15.88
N VAL D 181 -37.28 7.32 -15.97
CA VAL D 181 -36.55 6.99 -17.20
C VAL D 181 -36.09 5.53 -17.10
N VAL D 182 -36.71 4.65 -17.88
CA VAL D 182 -36.49 3.21 -17.78
C VAL D 182 -35.89 2.71 -19.09
N TRP D 183 -34.81 1.94 -18.98
CA TRP D 183 -34.15 1.36 -20.13
C TRP D 183 -34.59 -0.10 -20.21
N ALA D 184 -35.02 -0.50 -21.39
CA ALA D 184 -35.54 -1.84 -21.62
C ALA D 184 -35.17 -2.32 -23.02
N LYS D 185 -35.12 -3.63 -23.21
CA LYS D 185 -34.85 -4.22 -24.53
C LYS D 185 -36.12 -4.20 -25.38
N LEU D 186 -35.93 -3.83 -26.64
CA LEU D 186 -36.99 -3.91 -27.63
C LEU D 186 -36.47 -4.69 -28.82
N ASP D 187 -37.13 -5.79 -29.16
CA ASP D 187 -36.68 -6.60 -30.27
C ASP D 187 -37.27 -5.97 -31.51
N GLU D 188 -36.42 -5.32 -32.33
CA GLU D 188 -36.84 -4.73 -33.60
C GLU D 188 -35.96 -5.25 -34.73
N ASP D 189 -36.60 -5.86 -35.72
CA ASP D 189 -35.94 -6.57 -36.84
C ASP D 189 -35.08 -7.75 -36.35
N GLY D 190 -35.64 -8.56 -35.45
CA GLY D 190 -34.91 -9.69 -34.86
C GLY D 190 -33.73 -9.29 -33.99
N ARG D 191 -33.45 -7.98 -33.91
CA ARG D 191 -32.28 -7.43 -33.21
C ARG D 191 -32.75 -6.77 -31.91
N ASP D 192 -32.20 -7.25 -30.81
CA ASP D 192 -32.65 -6.87 -29.47
C ASP D 192 -31.85 -5.68 -28.96
N GLU D 193 -32.43 -4.47 -28.98
CA GLU D 193 -31.66 -3.29 -28.56
C GLU D 193 -32.30 -2.50 -27.42
N ILE D 194 -31.44 -1.77 -26.71
CA ILE D 194 -31.84 -1.01 -25.56
C ILE D 194 -32.51 0.29 -26.05
N ARG D 195 -33.66 0.57 -25.48
CA ARG D 195 -34.36 1.83 -25.72
C ARG D 195 -34.73 2.43 -24.37
N GLY D 196 -34.91 3.74 -24.34
CA GLY D 196 -35.37 4.44 -23.15
C GLY D 196 -36.82 4.87 -23.25
N PHE D 197 -37.51 4.78 -22.12
CA PHE D 197 -38.92 5.09 -22.01
C PHE D 197 -39.14 6.02 -20.83
N ILE D 198 -40.02 6.99 -21.00
CA ILE D 198 -40.43 7.89 -19.92
C ILE D 198 -41.77 7.41 -19.39
N LEU D 199 -41.81 7.01 -18.12
CA LEU D 199 -43.08 6.64 -17.48
C LEU D 199 -43.41 7.65 -16.38
N GLU D 200 -44.70 7.81 -16.10
CA GLU D 200 -45.17 8.74 -15.08
C GLU D 200 -45.79 7.96 -13.94
N LYS D 201 -45.64 8.48 -12.73
CA LYS D 201 -46.31 7.94 -11.54
C LYS D 201 -47.81 7.82 -11.83
N GLY D 202 -48.40 6.70 -11.42
CA GLY D 202 -49.82 6.46 -11.68
C GLY D 202 -50.05 5.54 -12.87
N CYS D 203 -49.01 5.34 -13.68
CA CYS D 203 -49.05 4.35 -14.77
C CYS D 203 -49.46 3.00 -14.17
N LYS D 204 -50.50 2.39 -14.72
CA LYS D 204 -50.95 1.10 -14.24
C LYS D 204 -49.88 0.05 -14.59
N GLY D 205 -49.55 -0.80 -13.63
CA GLY D 205 -48.49 -1.80 -13.82
C GLY D 205 -47.13 -1.32 -13.35
N LEU D 206 -47.02 -0.06 -12.93
CA LEU D 206 -45.77 0.47 -12.37
C LEU D 206 -45.92 0.64 -10.86
N SER D 207 -44.99 0.05 -10.10
CA SER D 207 -44.90 0.29 -8.67
C SER D 207 -43.45 0.53 -8.27
N ALA D 208 -43.25 1.21 -7.14
CA ALA D 208 -41.93 1.63 -6.71
C ALA D 208 -41.80 1.49 -5.20
N PRO D 209 -41.79 0.24 -4.70
CA PRO D 209 -41.66 0.03 -3.25
C PRO D 209 -40.28 0.39 -2.75
N ALA D 210 -40.24 0.98 -1.55
CA ALA D 210 -38.98 1.45 -0.97
C ALA D 210 -38.14 0.29 -0.44
N ILE D 211 -36.84 0.51 -0.40
CA ILE D 211 -35.91 -0.41 0.23
C ILE D 211 -35.44 0.25 1.52
N HIS D 212 -35.67 -0.41 2.65
CA HIS D 212 -35.26 0.11 3.95
C HIS D 212 -34.06 -0.68 4.50
N GLY D 213 -33.38 -0.10 5.47
CA GLY D 213 -32.26 -0.78 6.13
C GLY D 213 -30.93 -0.73 5.37
N LYS D 214 -30.70 0.36 4.65
CA LYS D 214 -29.44 0.57 3.96
C LYS D 214 -28.32 0.85 4.95
N VAL D 215 -27.09 0.47 4.57
CA VAL D 215 -25.91 0.78 5.36
C VAL D 215 -25.44 2.20 5.09
N GLY D 216 -25.34 2.58 3.82
CA GLY D 216 -24.89 3.92 3.45
C GLY D 216 -25.94 4.64 2.62
N LEU D 217 -25.73 5.92 2.36
CA LEU D 217 -26.67 6.75 1.60
C LEU D 217 -28.07 6.74 2.22
N ARG D 218 -28.12 6.61 3.55
CA ARG D 218 -29.40 6.53 4.24
C ARG D 218 -30.24 7.82 4.17
N ALA D 219 -29.60 8.96 3.89
CA ALA D 219 -30.33 10.23 3.77
C ALA D 219 -31.10 10.32 2.45
N SER D 220 -30.85 9.40 1.52
CA SER D 220 -31.58 9.35 0.27
C SER D 220 -32.50 8.13 0.23
N ILE D 221 -33.71 8.31 -0.26
CA ILE D 221 -34.66 7.21 -0.35
C ILE D 221 -34.43 6.48 -1.67
N THR D 222 -34.44 5.15 -1.60
CA THR D 222 -34.13 4.29 -2.72
C THR D 222 -35.15 3.18 -2.75
N GLY D 223 -35.46 2.68 -3.93
CA GLY D 223 -36.44 1.61 -4.07
C GLY D 223 -36.26 0.77 -5.32
N GLU D 224 -37.31 0.07 -5.68
CA GLU D 224 -37.32 -0.72 -6.90
C GLU D 224 -38.18 0.00 -7.92
N ILE D 225 -38.17 -0.50 -9.15
CA ILE D 225 -39.21 -0.21 -10.12
C ILE D 225 -39.66 -1.57 -10.62
N VAL D 226 -40.93 -1.89 -10.39
CA VAL D 226 -41.50 -3.15 -10.79
C VAL D 226 -42.50 -2.83 -11.86
N LEU D 227 -42.31 -3.43 -13.04
CA LEU D 227 -43.18 -3.20 -14.19
C LEU D 227 -43.89 -4.51 -14.55
N ASP D 228 -45.22 -4.50 -14.47
CA ASP D 228 -46.01 -5.65 -14.86
C ASP D 228 -46.98 -5.20 -15.95
N GLU D 229 -46.60 -5.42 -17.20
CA GLU D 229 -47.36 -4.97 -18.37
C GLU D 229 -47.74 -3.49 -18.24
N ALA D 230 -46.74 -2.68 -17.93
CA ALA D 230 -46.93 -1.23 -17.85
C ALA D 230 -47.04 -0.68 -19.27
N PHE D 231 -48.16 -0.04 -19.57
CA PHE D 231 -48.39 0.54 -20.88
C PHE D 231 -47.73 1.91 -21.00
N VAL D 232 -47.01 2.11 -22.11
CA VAL D 232 -46.32 3.36 -22.39
C VAL D 232 -46.78 3.81 -23.78
N PRO D 233 -47.43 4.98 -23.89
CA PRO D 233 -47.80 5.44 -25.22
C PRO D 233 -46.58 5.74 -26.12
N GLU D 234 -46.80 5.69 -27.43
CA GLU D 234 -45.73 5.85 -28.42
C GLU D 234 -44.92 7.12 -28.19
N GLU D 235 -45.60 8.18 -27.77
CA GLU D 235 -44.93 9.48 -27.53
C GLU D 235 -44.05 9.52 -26.27
N ASN D 236 -43.91 8.39 -25.58
CA ASN D 236 -43.05 8.34 -24.39
C ASN D 236 -41.79 7.47 -24.54
N ILE D 237 -41.54 6.93 -25.74
CA ILE D 237 -40.23 6.37 -26.03
C ILE D 237 -39.28 7.52 -26.43
N LEU D 238 -38.04 7.48 -25.95
CA LEU D 238 -37.00 8.43 -26.37
C LEU D 238 -36.65 8.12 -27.82
N PRO D 239 -36.90 9.05 -28.73
CA PRO D 239 -36.78 8.70 -30.13
C PRO D 239 -35.36 8.68 -30.70
N HIS D 240 -34.43 9.39 -30.08
CA HIS D 240 -33.16 9.73 -30.77
C HIS D 240 -31.94 8.99 -30.23
N VAL D 241 -32.18 7.78 -29.72
CA VAL D 241 -31.10 6.93 -29.17
C VAL D 241 -31.48 5.46 -29.12
N LYS D 242 -30.52 4.61 -29.48
CA LYS D 242 -30.64 3.15 -29.41
C LYS D 242 -29.35 2.61 -28.85
N GLY D 243 -29.44 1.51 -28.10
CA GLY D 243 -28.25 0.81 -27.63
C GLY D 243 -27.61 1.44 -26.41
N LEU D 244 -26.35 1.07 -26.17
CA LEU D 244 -25.63 1.47 -24.95
C LEU D 244 -25.36 2.97 -24.84
N ARG D 245 -25.24 3.66 -25.97
CA ARG D 245 -25.04 5.11 -25.96
C ARG D 245 -26.03 5.83 -25.04
N GLY D 246 -27.26 5.33 -24.98
CA GLY D 246 -28.29 5.94 -24.13
C GLY D 246 -27.88 6.00 -22.66
N PRO D 247 -27.86 4.84 -22.00
CA PRO D 247 -27.49 4.87 -20.58
C PRO D 247 -26.07 5.40 -20.33
N PHE D 248 -25.15 5.11 -21.24
CA PHE D 248 -23.74 5.51 -21.06
C PHE D 248 -23.53 7.03 -21.02
N THR D 249 -24.26 7.75 -21.86
CA THR D 249 -24.23 9.21 -21.86
C THR D 249 -24.64 9.77 -20.47
N CYS D 250 -25.69 9.19 -19.89
CA CYS D 250 -26.18 9.59 -18.57
C CYS D 250 -25.15 9.29 -17.48
N LEU D 251 -24.63 8.07 -17.51
CA LEU D 251 -23.63 7.65 -16.52
C LEU D 251 -22.34 8.47 -16.60
N ASN D 252 -21.90 8.78 -17.82
CA ASN D 252 -20.71 9.64 -18.00
C ASN D 252 -20.91 11.03 -17.38
N SER D 253 -22.11 11.59 -17.55
CA SER D 253 -22.46 12.88 -16.95
C SER D 253 -22.47 12.78 -15.40
N ALA D 254 -23.12 11.75 -14.88
CA ALA D 254 -23.21 11.57 -13.44
C ALA D 254 -21.83 11.34 -12.80
N ARG D 255 -20.99 10.54 -13.47
CA ARG D 255 -19.65 10.25 -12.97
C ARG D 255 -18.79 11.50 -12.81
N TYR D 256 -18.97 12.47 -13.68
CA TYR D 256 -18.27 13.73 -13.56
C TYR D 256 -18.65 14.46 -12.26
N GLY D 257 -19.93 14.50 -11.96
CA GLY D 257 -20.39 15.14 -10.73
C GLY D 257 -19.90 14.42 -9.49
N ILE D 258 -19.91 13.09 -9.53
CA ILE D 258 -19.44 12.28 -8.41
C ILE D 258 -17.95 12.48 -8.18
N ALA D 259 -17.18 12.65 -9.24
CA ALA D 259 -15.73 12.96 -9.12
C ALA D 259 -15.49 14.24 -8.32
N TRP D 260 -16.29 15.27 -8.54
CA TRP D 260 -16.22 16.47 -7.71
C TRP D 260 -16.78 16.25 -6.31
N GLY D 261 -17.91 15.56 -6.24
CA GLY D 261 -18.61 15.36 -4.98
C GLY D 261 -17.77 14.61 -3.96
N ALA D 262 -17.14 13.52 -4.41
CA ALA D 262 -16.34 12.68 -3.53
C ALA D 262 -15.23 13.50 -2.87
N LEU D 263 -14.69 14.46 -3.60
CA LEU D 263 -13.64 15.34 -3.05
C LEU D 263 -14.19 16.27 -1.96
N GLY D 264 -15.44 16.69 -2.09
CA GLY D 264 -16.11 17.40 -1.01
C GLY D 264 -16.26 16.57 0.24
N ALA D 265 -16.67 15.32 0.11
CA ALA D 265 -16.77 14.41 1.27
C ALA D 265 -15.39 14.19 1.89
N ALA D 266 -14.38 13.99 1.04
CA ALA D 266 -13.00 13.84 1.50
C ALA D 266 -12.51 15.07 2.29
N GLU D 267 -12.81 16.26 1.79
CA GLU D 267 -12.44 17.48 2.49
C GLU D 267 -13.08 17.53 3.87
N SER D 268 -14.34 17.16 3.96
CA SER D 268 -15.02 17.13 5.27
C SER D 268 -14.34 16.18 6.25
N CYS D 269 -13.97 14.99 5.78
CA CYS D 269 -13.28 14.02 6.61
C CYS D 269 -11.92 14.53 7.08
N TRP D 270 -11.15 15.09 6.14
CA TRP D 270 -9.87 15.73 6.45
C TRP D 270 -10.03 16.83 7.51
N HIS D 271 -10.97 17.74 7.31
CA HIS D 271 -11.14 18.86 8.25
C HIS D 271 -11.57 18.38 9.62
N ILE D 272 -12.44 17.38 9.70
CA ILE D 272 -12.86 16.81 10.97
C ILE D 272 -11.71 16.10 11.69
N ALA D 273 -10.95 15.30 10.95
CA ALA D 273 -9.77 14.60 11.51
C ALA D 273 -8.74 15.58 12.05
N ARG D 274 -8.46 16.64 11.28
CA ARG D 274 -7.51 17.66 11.69
C ARG D 274 -7.91 18.31 13.01
N GLN D 275 -9.16 18.74 13.09
CA GLN D 275 -9.65 19.39 14.30
C GLN D 275 -9.63 18.44 15.50
N TYR D 276 -10.00 17.18 15.26
CA TYR D 276 -10.03 16.16 16.31
C TYR D 276 -8.63 15.94 16.92
N VAL D 277 -7.62 15.81 16.07
CA VAL D 277 -6.27 15.53 16.56
C VAL D 277 -5.61 16.76 17.21
N LEU D 278 -6.12 17.96 16.92
CA LEU D 278 -5.74 19.17 17.64
C LEU D 278 -6.35 19.20 19.03
N ASP D 279 -7.53 18.58 19.17
CA ASP D 279 -8.31 18.67 20.40
C ASP D 279 -8.03 17.52 21.38
N ARG D 280 -7.87 16.32 20.85
CA ARG D 280 -7.67 15.13 21.69
C ARG D 280 -6.20 15.01 22.04
N LYS D 281 -5.94 14.54 23.26
CA LYS D 281 -4.58 14.35 23.74
C LYS D 281 -4.29 12.88 24.08
N GLN D 282 -3.02 12.51 23.95
CA GLN D 282 -2.50 11.20 24.37
C GLN D 282 -1.08 11.43 24.86
N PHE D 283 -0.75 10.87 26.02
CA PHE D 283 0.53 11.10 26.70
C PHE D 283 0.83 12.59 26.93
N GLY D 284 -0.23 13.35 27.24
CA GLY D 284 -0.11 14.76 27.60
C GLY D 284 0.23 15.70 26.46
N ARG D 285 0.01 15.26 25.22
CA ARG D 285 0.24 16.10 24.04
C ARG D 285 -0.92 15.90 23.07
N PRO D 286 -1.25 16.94 22.27
CA PRO D 286 -2.25 16.68 21.25
C PRO D 286 -1.85 15.50 20.35
N LEU D 287 -2.83 14.75 19.85
CA LEU D 287 -2.54 13.69 18.89
C LEU D 287 -1.80 14.21 17.65
N ALA D 288 -2.06 15.48 17.31
CA ALA D 288 -1.42 16.16 16.18
C ALA D 288 0.09 16.28 16.31
N ALA D 289 0.63 16.09 17.51
CA ALA D 289 2.09 16.11 17.75
C ALA D 289 2.82 14.81 17.33
N ASN D 290 2.06 13.77 16.99
CA ASN D 290 2.58 12.46 16.59
C ASN D 290 3.00 12.49 15.11
N GLN D 291 4.18 11.97 14.79
CA GLN D 291 4.59 11.97 13.38
C GLN D 291 3.70 11.13 12.48
N LEU D 292 3.20 10.01 13.01
CA LEU D 292 2.32 9.14 12.22
C LEU D 292 1.02 9.86 11.81
N ILE D 293 0.50 10.66 12.72
CA ILE D 293 -0.69 11.47 12.44
C ILE D 293 -0.39 12.56 11.41
N GLN D 294 0.73 13.27 11.56
CA GLN D 294 1.06 14.32 10.61
C GLN D 294 1.30 13.79 9.20
N LYS D 295 1.89 12.61 9.08
CA LYS D 295 2.06 11.99 7.76
C LYS D 295 0.71 11.75 7.09
N LYS D 296 -0.26 11.23 7.84
CA LYS D 296 -1.62 11.03 7.33
C LYS D 296 -2.27 12.32 6.86
N LEU D 297 -2.12 13.39 7.66
CA LEU D 297 -2.66 14.69 7.27
C LEU D 297 -2.02 15.24 6.00
N ALA D 298 -0.71 15.00 5.84
CA ALA D 298 0.03 15.39 4.64
C ALA D 298 -0.52 14.68 3.42
N ASP D 299 -0.77 13.38 3.57
CA ASP D 299 -1.32 12.57 2.48
C ASP D 299 -2.74 13.01 2.10
N MET D 300 -3.58 13.32 3.09
CA MET D 300 -4.94 13.81 2.83
C MET D 300 -4.90 15.09 2.03
N GLN D 301 -4.07 16.03 2.50
CA GLN D 301 -3.93 17.32 1.84
C GLN D 301 -3.45 17.18 0.39
N THR D 302 -2.44 16.36 0.20
CA THR D 302 -1.85 16.14 -1.12
C THR D 302 -2.86 15.56 -2.10
N GLU D 303 -3.53 14.50 -1.69
CA GLU D 303 -4.44 13.82 -2.63
C GLU D 303 -5.65 14.67 -2.99
N ILE D 304 -6.21 15.40 -2.03
CA ILE D 304 -7.29 16.32 -2.30
C ILE D 304 -6.86 17.45 -3.24
N THR D 305 -5.72 18.05 -2.96
CA THR D 305 -5.20 19.17 -3.73
C THR D 305 -5.01 18.79 -5.21
N LEU D 306 -4.41 17.63 -5.43
CA LEU D 306 -4.15 17.14 -6.77
C LEU D 306 -5.43 16.68 -7.45
N GLY D 307 -6.32 16.04 -6.69
CA GLY D 307 -7.60 15.57 -7.22
C GLY D 307 -8.42 16.73 -7.75
N LEU D 308 -8.42 17.84 -7.02
CA LEU D 308 -9.19 19.02 -7.42
C LEU D 308 -8.63 19.66 -8.69
N GLN D 309 -7.31 19.70 -8.84
CA GLN D 309 -6.72 20.19 -10.10
C GLN D 309 -7.18 19.32 -11.28
N GLY D 310 -7.29 18.02 -11.05
CA GLY D 310 -7.71 17.08 -12.07
C GLY D 310 -9.14 17.33 -12.52
N VAL D 311 -10.05 17.45 -11.58
CA VAL D 311 -11.45 17.64 -11.94
C VAL D 311 -11.72 19.05 -12.48
N LEU D 312 -10.98 20.05 -12.01
CA LEU D 312 -11.12 21.39 -12.59
C LEU D 312 -10.70 21.37 -14.06
N ARG D 313 -9.57 20.73 -14.35
CA ARG D 313 -9.06 20.67 -15.72
C ARG D 313 -10.05 19.89 -16.59
N LEU D 314 -10.56 18.77 -16.08
CA LEU D 314 -11.55 18.02 -16.84
C LEU D 314 -12.80 18.86 -17.12
N GLY D 315 -13.29 19.58 -16.12
CA GLY D 315 -14.43 20.48 -16.33
C GLY D 315 -14.17 21.53 -17.41
N ARG D 316 -12.97 22.12 -17.38
CA ARG D 316 -12.61 23.12 -18.39
C ARG D 316 -12.58 22.49 -19.79
N MET D 317 -12.04 21.28 -19.89
CA MET D 317 -11.99 20.58 -21.18
C MET D 317 -13.38 20.23 -21.70
N LYS D 318 -14.26 19.79 -20.78
CA LYS D 318 -15.64 19.50 -21.16
C LYS D 318 -16.34 20.75 -21.69
N ASP D 319 -16.13 21.89 -21.04
CA ASP D 319 -16.71 23.15 -21.49
C ASP D 319 -16.11 23.61 -22.83
N GLU D 320 -14.85 23.27 -23.09
CA GLU D 320 -14.18 23.60 -24.37
C GLU D 320 -14.51 22.62 -25.49
N GLY D 321 -14.99 21.43 -25.14
CA GLY D 321 -15.24 20.38 -26.13
C GLY D 321 -14.00 19.56 -26.49
N THR D 322 -13.01 19.51 -25.60
CA THR D 322 -11.76 18.77 -25.85
C THR D 322 -11.57 17.54 -24.96
N ALA D 323 -12.58 17.20 -24.18
CA ALA D 323 -12.53 16.06 -23.26
C ALA D 323 -13.09 14.78 -23.88
N ALA D 324 -12.24 13.76 -24.00
CA ALA D 324 -12.68 12.43 -24.35
C ALA D 324 -13.30 11.76 -23.14
N VAL D 325 -14.20 10.81 -23.41
CA VAL D 325 -14.87 10.09 -22.34
C VAL D 325 -13.91 9.36 -21.36
N GLU D 326 -12.78 8.89 -21.86
CA GLU D 326 -11.81 8.17 -21.02
C GLU D 326 -11.30 9.01 -19.87
N ILE D 327 -11.28 10.33 -20.06
CA ILE D 327 -10.76 11.21 -19.02
C ILE D 327 -11.65 11.12 -17.77
N THR D 328 -12.95 10.96 -17.97
CA THR D 328 -13.88 10.80 -16.86
C THR D 328 -13.54 9.57 -16.03
N SER D 329 -13.10 8.49 -16.69
CA SER D 329 -12.63 7.28 -16.00
C SER D 329 -11.45 7.55 -15.10
N ILE D 330 -10.48 8.35 -15.57
CA ILE D 330 -9.33 8.70 -14.73
C ILE D 330 -9.80 9.40 -13.45
N MET D 331 -10.64 10.41 -13.63
CA MET D 331 -11.01 11.27 -12.51
C MET D 331 -12.02 10.61 -11.56
N LYS D 332 -12.98 9.87 -12.10
CA LYS D 332 -13.97 9.20 -11.27
C LYS D 332 -13.24 8.16 -10.41
N ARG D 333 -12.38 7.38 -11.04
CA ARG D 333 -11.63 6.35 -10.35
C ARG D 333 -10.75 6.96 -9.26
N ASN D 334 -10.06 8.05 -9.61
CA ASN D 334 -9.15 8.69 -8.66
C ASN D 334 -9.90 9.32 -7.48
N SER D 335 -10.92 10.10 -7.78
CA SER D 335 -11.67 10.82 -6.75
C SER D 335 -12.34 9.84 -5.80
N CYS D 336 -13.04 8.85 -6.33
CA CYS D 336 -13.74 7.89 -5.48
C CYS D 336 -12.78 7.06 -4.65
N GLY D 337 -11.70 6.58 -5.27
CA GLY D 337 -10.70 5.76 -4.57
C GLY D 337 -9.97 6.53 -3.50
N LYS D 338 -9.51 7.72 -3.83
CA LYS D 338 -8.73 8.52 -2.91
C LYS D 338 -9.64 9.04 -1.79
N ALA D 339 -10.88 9.39 -2.11
CA ALA D 339 -11.83 9.84 -1.07
C ALA D 339 -12.10 8.75 -0.02
N LEU D 340 -12.32 7.53 -0.49
CA LEU D 340 -12.57 6.42 0.39
C LEU D 340 -11.33 6.17 1.25
N ASP D 341 -10.14 6.20 0.63
CA ASP D 341 -8.89 6.06 1.38
C ASP D 341 -8.78 7.13 2.49
N ILE D 342 -9.13 8.37 2.17
CA ILE D 342 -9.06 9.47 3.13
C ILE D 342 -10.08 9.32 4.25
N ALA D 343 -11.29 8.90 3.92
CA ALA D 343 -12.32 8.61 4.93
C ALA D 343 -11.86 7.49 5.88
N ARG D 344 -11.20 6.48 5.34
CA ARG D 344 -10.65 5.39 6.17
C ARG D 344 -9.50 5.87 7.07
N LEU D 345 -8.62 6.70 6.52
CA LEU D 345 -7.54 7.26 7.33
C LEU D 345 -8.11 8.13 8.47
N ALA D 346 -9.08 8.96 8.11
CA ALA D 346 -9.77 9.79 9.11
C ALA D 346 -10.44 8.95 10.19
N ARG D 347 -11.15 7.89 9.78
CA ARG D 347 -11.86 7.02 10.72
C ARG D 347 -10.89 6.39 11.70
N ASP D 348 -9.76 5.93 11.18
CA ASP D 348 -8.78 5.24 12.00
C ASP D 348 -8.06 6.21 12.95
N MET D 349 -8.12 7.51 12.68
CA MET D 349 -7.57 8.54 13.59
C MET D 349 -8.52 8.89 14.75
N LEU D 350 -9.81 8.64 14.57
CA LEU D 350 -10.78 8.83 15.66
C LEU D 350 -10.76 7.64 16.64
N GLY D 351 -11.05 7.89 17.91
CA GLY D 351 -10.96 6.84 18.95
C GLY D 351 -12.21 6.58 19.81
N GLY D 352 -13.34 7.20 19.49
CA GLY D 352 -14.57 7.03 20.28
C GLY D 352 -15.44 5.89 19.79
N ASN D 353 -16.76 6.12 19.74
CA ASN D 353 -17.71 5.17 19.17
C ASN D 353 -19.11 5.79 18.90
N GLY D 354 -19.14 6.80 18.03
CA GLY D 354 -20.40 7.32 17.49
C GLY D 354 -21.05 8.44 18.29
N GLU D 358 -17.55 14.39 15.78
CA GLU D 358 -16.47 13.73 15.05
C GLU D 358 -17.00 12.64 14.12
N PHE D 359 -17.94 11.83 14.61
CA PHE D 359 -18.44 10.66 13.84
C PHE D 359 -19.37 10.97 12.67
N GLY D 360 -19.47 12.25 12.31
CA GLY D 360 -19.72 12.61 10.92
C GLY D 360 -18.80 11.83 9.97
N VAL D 361 -17.57 11.54 10.40
CA VAL D 361 -16.64 10.75 9.58
C VAL D 361 -17.20 9.37 9.27
N ALA D 362 -17.78 8.72 10.28
CA ALA D 362 -18.38 7.38 10.09
C ALA D 362 -19.49 7.37 9.03
N ARG D 363 -20.27 8.46 8.98
CA ARG D 363 -21.33 8.61 8.00
C ARG D 363 -20.72 8.80 6.61
N HIS D 364 -19.79 9.73 6.48
CA HIS D 364 -19.10 9.94 5.21
C HIS D 364 -18.47 8.62 4.73
N LEU D 365 -17.87 7.88 5.66
CA LEU D 365 -17.21 6.61 5.34
C LEU D 365 -18.16 5.56 4.74
N VAL D 366 -19.29 5.31 5.40
CA VAL D 366 -20.24 4.33 4.87
C VAL D 366 -20.89 4.82 3.57
N ASN D 367 -21.13 6.13 3.47
CA ASN D 367 -21.59 6.72 2.20
C ASN D 367 -20.62 6.42 1.05
N LEU D 368 -19.34 6.73 1.29
CA LEU D 368 -18.30 6.58 0.27
C LEU D 368 -18.08 5.10 -0.10
N GLU D 369 -18.31 4.21 0.86
CA GLU D 369 -18.20 2.77 0.60
C GLU D 369 -19.28 2.35 -0.41
N VAL D 370 -20.47 2.92 -0.29
CA VAL D 370 -21.54 2.65 -1.26
C VAL D 370 -21.23 3.33 -2.60
N VAL D 371 -20.80 4.59 -2.56
CA VAL D 371 -20.50 5.33 -3.79
C VAL D 371 -19.46 4.61 -4.64
N ASN D 372 -18.40 4.12 -3.99
CA ASN D 372 -17.33 3.41 -4.64
C ASN D 372 -17.80 2.07 -5.25
N THR D 373 -18.86 1.50 -4.68
CA THR D 373 -19.38 0.18 -5.05
C THR D 373 -20.70 0.27 -5.85
N TYR D 374 -21.24 1.47 -5.98
CA TYR D 374 -22.60 1.70 -6.51
C TYR D 374 -22.81 1.05 -7.87
N GLU D 375 -21.87 1.29 -8.79
CA GLU D 375 -21.96 0.74 -10.14
C GLU D 375 -21.39 -0.69 -10.19
N GLY D 376 -20.13 -0.85 -9.76
CA GLY D 376 -19.44 -2.14 -9.92
C GLY D 376 -18.62 -2.60 -8.73
N THR D 377 -18.33 -3.90 -8.71
CA THR D 377 -17.50 -4.54 -7.70
C THR D 377 -16.07 -4.71 -8.20
N HIS D 378 -15.88 -4.37 -9.47
CA HIS D 378 -14.71 -4.71 -10.23
C HIS D 378 -14.17 -3.40 -10.78
N ASP D 379 -12.84 -3.23 -10.81
CA ASP D 379 -12.21 -1.96 -11.25
C ASP D 379 -12.38 -1.74 -12.75
N ILE D 380 -13.61 -1.47 -13.15
CA ILE D 380 -13.92 -1.32 -14.55
C ILE D 380 -13.23 -0.09 -15.17
N HIS D 381 -13.05 0.99 -14.42
CA HIS D 381 -12.41 2.18 -14.98
C HIS D 381 -10.94 1.93 -15.30
N ALA D 382 -10.30 1.07 -14.51
CA ALA D 382 -8.93 0.69 -14.79
C ALA D 382 -8.87 -0.03 -16.13
N LEU D 383 -9.88 -0.84 -16.42
CA LEU D 383 -9.89 -1.62 -17.65
C LEU D 383 -10.24 -0.79 -18.87
N ILE D 384 -11.09 0.21 -18.70
CA ILE D 384 -11.34 1.21 -19.74
C ILE D 384 -10.02 1.90 -20.12
N LEU D 385 -9.25 2.30 -19.12
CA LEU D 385 -7.99 3.01 -19.34
C LEU D 385 -6.91 2.08 -19.91
N GLY D 386 -6.90 0.82 -19.48
CA GLY D 386 -5.93 -0.14 -19.99
C GLY D 386 -6.18 -0.46 -21.46
N ARG D 387 -7.46 -0.65 -21.80
CA ARG D 387 -7.83 -0.80 -23.21
C ARG D 387 -7.47 0.42 -24.06
N ALA D 388 -7.63 1.63 -23.50
CA ALA D 388 -7.30 2.87 -24.21
C ALA D 388 -5.79 3.01 -24.49
N GLN D 389 -4.95 2.51 -23.58
CA GLN D 389 -3.50 2.53 -23.76
C GLN D 389 -2.96 1.44 -24.67
N THR D 390 -3.60 0.27 -24.68
CA THR D 390 -3.05 -0.94 -25.33
C THR D 390 -3.82 -1.43 -26.55
N GLY D 391 -5.07 -1.00 -26.71
CA GLY D 391 -5.94 -1.49 -27.77
C GLY D 391 -6.45 -2.91 -27.54
N ILE D 392 -6.23 -3.44 -26.34
CA ILE D 392 -6.60 -4.81 -25.99
C ILE D 392 -7.60 -4.82 -24.86
N GLN D 393 -8.72 -5.51 -25.10
CA GLN D 393 -9.83 -5.60 -24.18
C GLN D 393 -9.56 -6.67 -23.10
N ALA D 394 -9.72 -6.30 -21.82
CA ALA D 394 -9.54 -7.26 -20.71
C ALA D 394 -10.79 -7.44 -19.80
N PHE D 395 -11.96 -7.03 -20.29
CA PHE D 395 -13.23 -7.21 -19.53
C PHE D 395 -13.70 -8.66 -19.45
N PHE D 396 -13.58 -9.42 -20.54
CA PHE D 396 -14.05 -10.81 -20.58
C PHE D 396 -13.29 -11.66 -21.61
C1 PEG E . 20.91 -0.24 -13.57
O1 PEG E . 21.55 -0.66 -14.77
C2 PEG E . 21.07 -1.30 -12.48
O2 PEG E . 22.01 -0.89 -11.50
C3 PEG E . 22.25 -1.91 -10.53
C4 PEG E . 23.45 -2.75 -10.97
O4 PEG E . 23.77 -3.74 -9.98
MG MG F . 34.98 -27.21 -13.38
C1 PGE G . 40.31 -19.38 -0.08
O1 PGE G . 39.99 -20.59 0.60
C2 PGE G . 39.08 -18.89 -0.85
O2 PGE G . 38.63 -17.64 -0.34
C3 PGE G . 37.86 -17.79 0.85
C4 PGE G . 37.46 -16.42 1.41
O4 PGE G . 39.19 -17.71 5.24
C6 PGE G . 38.46 -16.51 4.98
C5 PGE G . 38.54 -16.13 3.51
O3 PGE G . 37.36 -16.53 2.82
O1 PG4 H . -13.31 -25.94 -4.52
C1 PG4 H . -14.32 -25.19 -3.85
C2 PG4 H . -15.20 -26.11 -3.00
O2 PG4 H . -14.93 -25.87 -1.61
C3 PG4 H . -15.59 -26.78 -0.74
C4 PG4 H . -14.87 -26.81 0.61
O3 PG4 H . -13.62 -27.47 0.49
C5 PG4 H . -12.88 -27.44 1.71
C6 PG4 H . -11.54 -28.12 1.51
O4 PG4 H . -11.75 -29.39 0.90
C7 PG4 H . -10.53 -30.11 0.69
C8 PG4 H . -10.84 -31.54 0.26
O5 PG4 H . -11.48 -31.55 -1.01
O1 PG4 I . -12.18 -5.36 21.30
C1 PG4 I . -13.37 -4.85 21.92
C2 PG4 I . -13.14 -4.73 23.41
O2 PG4 I . -13.01 -6.03 23.99
C3 PG4 I . -13.01 -6.02 25.42
C4 PG4 I . -11.59 -6.14 25.94
O3 PG4 I . -10.92 -4.89 25.78
C5 PG4 I . -9.50 -4.98 25.83
C6 PG4 I . -8.96 -3.64 26.31
O4 PG4 I . -9.90 -3.10 27.24
C7 PG4 I . -9.52 -1.81 27.73
C8 PG4 I . -10.27 -1.55 29.03
O5 PG4 I . -9.49 -0.71 29.88
C1 GOL J . 0.13 -31.29 18.67
O1 GOL J . -0.95 -32.09 18.24
C2 GOL J . 0.06 -31.08 20.18
O2 GOL J . -1.20 -30.56 20.54
C3 GOL J . 1.16 -30.12 20.63
O3 GOL J . 0.87 -29.61 21.90
C1 PGE K . 25.75 12.32 -32.70
O1 PGE K . 25.26 13.65 -32.59
C2 PGE K . 25.21 11.47 -31.57
O2 PGE K . 26.11 11.46 -30.46
C3 PGE K . 25.72 12.32 -29.40
C4 PGE K . 26.62 12.16 -28.18
O4 PGE K . 30.17 15.02 -29.61
C6 PGE K . 29.84 13.91 -28.77
C5 PGE K . 28.33 13.71 -28.79
O3 PGE K . 28.00 12.35 -28.51
C1 PEG L . 30.61 35.19 -21.79
O1 PEG L . 31.69 34.25 -21.85
C2 PEG L . 31.14 36.55 -21.35
O2 PEG L . 31.78 36.42 -20.08
C3 PEG L . 31.96 37.68 -19.41
C4 PEG L . 32.45 37.45 -17.99
O4 PEG L . 33.59 36.58 -18.00
MG MG M . 43.18 21.71 -5.20
C1 GOL N . 20.40 18.80 -6.30
O1 GOL N . 21.44 17.93 -6.69
C2 GOL N . 20.14 18.68 -4.80
O2 GOL N . 19.09 19.54 -4.43
C3 GOL N . 21.38 19.04 -3.99
O3 GOL N . 21.04 19.25 -2.62
MG MG O . 1.52 14.07 -28.16
O1 PG4 P . -3.08 11.17 -29.95
C1 PG4 P . -2.62 9.84 -29.76
C2 PG4 P . -1.44 9.80 -28.78
O2 PG4 P . -0.32 9.05 -29.29
C3 PG4 P . -0.66 7.70 -29.65
C4 PG4 P . 0.59 6.83 -29.81
O3 PG4 P . 0.30 5.48 -29.41
C5 PG4 P . -0.73 4.82 -30.17
C6 PG4 P . -1.35 3.72 -29.32
O4 PG4 P . -2.78 3.86 -29.25
C7 PG4 P . -3.55 2.69 -28.96
C8 PG4 P . -2.77 1.44 -28.55
O5 PG4 P . -2.70 0.50 -29.62
C1 GOL Q . 0.56 31.41 -20.50
O1 GOL Q . 0.56 32.19 -19.33
C2 GOL Q . -0.83 30.83 -20.76
O2 GOL Q . -1.27 30.11 -19.63
C3 GOL Q . -0.82 29.93 -21.99
O3 GOL Q . -1.97 29.12 -22.03
C1 GOL R . -36.40 23.68 6.47
O1 GOL R . -37.30 22.60 6.40
C2 GOL R . -35.10 23.28 7.18
O2 GOL R . -35.28 22.11 7.96
C3 GOL R . -34.61 24.40 8.09
O3 GOL R . -33.22 24.28 8.27
C1 PEG S . -2.35 27.81 11.05
O1 PEG S . -3.61 28.23 10.51
C2 PEG S . -2.42 26.34 11.41
O2 PEG S . -3.51 26.09 12.30
C3 PEG S . -3.16 26.17 13.67
C4 PEG S . -4.41 26.36 14.53
O4 PEG S . -5.34 25.31 14.25
C1 GOL T . -40.42 -11.13 -19.29
O1 GOL T . -40.82 -10.68 -20.56
C2 GOL T . -40.18 -9.92 -18.40
O2 GOL T . -39.13 -9.15 -18.95
C3 GOL T . -39.86 -10.35 -16.96
O3 GOL T . -38.47 -10.33 -16.71
C1 PEG U . -6.41 29.24 5.66
O1 PEG U . -5.52 30.32 5.39
C2 PEG U . -6.67 29.14 7.15
O2 PEG U . -8.06 28.90 7.40
C3 PEG U . -8.35 27.94 8.42
C4 PEG U . -7.79 28.34 9.78
O4 PEG U . -6.76 27.43 10.20
MG MG V . -9.76 30.79 3.13
#